data_4WJ8
#
_entry.id   4WJ8
#
_cell.length_a   94.359
_cell.length_b   115.260
_cell.length_c   109.401
_cell.angle_alpha   90.00
_cell.angle_beta   114.43
_cell.angle_gamma   90.00
#
_symmetry.space_group_name_H-M   'P 1 21 1'
#
loop_
_entity.id
_entity.type
_entity.pdbx_description
1 polymer 'Pyruvate kinase PKM'
2 non-polymer 'OXALIC ACID'
3 non-polymer 1,6-di-O-phosphono-beta-D-fructofuranose
4 non-polymer 'POTASSIUM ION'
5 non-polymer 'MAGNESIUM ION'
6 non-polymer GLYCEROL
7 non-polymer 'PHOSPHATE ION'
8 non-polymer 'SULFATE ION'
9 water water
#
_entity_poly.entity_id   1
_entity_poly.type   'polypeptide(L)'
_entity_poly.pdbx_seq_one_letter_code
;MGSSHHHHHHSSGLVPRGSHMSKPHSEAGTAFIQTQQLHAAMADTFLEHMCRLDIDSPPITARNTGIICTIGPASRSVET
LKEMIKSGMNVARLNFSHGTHEYHAETIKNVRTATESFASDPILYRPVAVALDTKGPEIRTGLIKGSGTAEVELKKGATL
KITLDNAYMEKCDENILWLDYKNICKVVEVGSKIYVDDGLISLQVKQKGADFLVTEVENGGSLGSKKGVNLPGAAVDLPA
VSEKDIQDLKFGVEQDVDMVFASFIRKASDVHEVRKVLGEKGKNIKIISKIENHEGVRRFDEILEASDGIMVARGDLGIE
IPAEKVFLAQKMMIGRCNRAGKPVICATQMLESMIKKPRPTRAEGSDVANAVLDGADCIMLSGETAKGDYPLEAVRMQHL
IAREAEAAIYHLQLFEELRRLAPITSDPTEATAVGAVEASFKCASGAIIVLTKSGRSAHQVARYRPRAPIIAVTRNPQTA
RQAHLYRGIFPVLCKDPVQEAWAEDVDLRVNFAMNVGKARGFFKKGDVVIVLTGWRPGSGFTNTMRVVPVP
;
_entity_poly.pdbx_strand_id   A,B,C,D
#
# COMPACT_ATOMS: atom_id res chain seq x y z
N GLN A 34 15.34 20.63 -3.84
CA GLN A 34 15.24 19.22 -3.47
C GLN A 34 16.27 18.85 -2.41
N THR A 35 16.36 19.67 -1.37
CA THR A 35 17.30 19.43 -0.28
C THR A 35 16.96 18.14 0.47
N GLN A 36 18.00 17.40 0.87
CA GLN A 36 17.81 16.15 1.59
C GLN A 36 16.97 15.17 0.80
N GLN A 37 17.18 15.15 -0.52
CA GLN A 37 16.44 14.25 -1.40
C GLN A 37 14.95 14.25 -1.06
N LEU A 38 14.40 15.44 -0.81
CA LEU A 38 12.99 15.57 -0.47
C LEU A 38 12.12 15.22 -1.68
N HIS A 39 12.69 15.33 -2.88
CA HIS A 39 12.04 14.85 -4.11
C HIS A 39 11.89 13.34 -4.08
N ALA A 40 12.96 12.65 -3.68
CA ALA A 40 12.99 11.18 -3.64
C ALA A 40 11.99 10.58 -2.64
N ALA A 41 11.88 11.19 -1.46
CA ALA A 41 11.03 10.67 -0.38
C ALA A 41 9.52 10.98 -0.53
N MET A 42 9.15 11.66 -1.61
CA MET A 42 7.75 11.97 -1.92
C MET A 42 7.03 10.90 -2.75
N ALA A 43 7.79 10.03 -3.42
CA ALA A 43 7.24 9.05 -4.37
C ALA A 43 6.28 8.05 -3.72
N ASP A 44 5.41 7.46 -4.53
CA ASP A 44 4.39 6.52 -4.05
C ASP A 44 4.84 5.06 -4.10
N THR A 45 5.96 4.80 -4.75
CA THR A 45 6.52 3.44 -4.82
C THR A 45 8.00 3.46 -4.44
N PHE A 46 8.51 2.32 -3.98
CA PHE A 46 9.96 2.15 -3.73
C PHE A 46 10.72 2.39 -5.04
N LEU A 47 10.23 1.77 -6.11
CA LEU A 47 10.87 1.86 -7.42
C LEU A 47 10.95 3.30 -7.94
N GLU A 48 9.88 4.06 -7.78
CA GLU A 48 9.88 5.48 -8.18
C GLU A 48 10.78 6.29 -7.26
N HIS A 49 10.80 5.94 -5.97
CA HIS A 49 11.74 6.54 -5.01
C HIS A 49 13.19 6.33 -5.46
N MET A 50 13.53 5.09 -5.79
CA MET A 50 14.85 4.75 -6.34
C MET A 50 15.18 5.62 -7.56
N CYS A 51 14.29 5.63 -8.54
CA CYS A 51 14.47 6.38 -9.79
C CYS A 51 14.69 7.87 -9.58
N ARG A 52 14.17 8.41 -8.47
CA ARG A 52 14.26 9.83 -8.16
C ARG A 52 15.51 10.21 -7.35
N LEU A 53 16.41 9.27 -7.11
CA LEU A 53 17.64 9.56 -6.38
C LEU A 53 18.57 10.46 -7.21
N ASP A 54 19.19 11.42 -6.52
CA ASP A 54 19.88 12.54 -7.17
C ASP A 54 21.22 12.82 -6.49
N ILE A 55 22.31 12.62 -7.23
CA ILE A 55 23.66 12.85 -6.69
C ILE A 55 23.99 14.33 -6.52
N ASP A 56 23.22 15.21 -7.16
CA ASP A 56 23.43 16.66 -7.06
C ASP A 56 22.53 17.31 -5.99
N SER A 57 21.78 16.50 -5.27
CA SER A 57 21.01 16.95 -4.12
C SER A 57 21.83 16.67 -2.84
N PRO A 58 22.46 17.71 -2.25
CA PRO A 58 23.31 17.49 -1.07
C PRO A 58 22.49 17.22 0.20
N PRO A 59 23.11 16.59 1.21
CA PRO A 59 22.37 16.23 2.43
C PRO A 59 22.40 17.35 3.48
N ILE A 60 21.74 17.10 4.63
CA ILE A 60 21.80 18.04 5.76
C ILE A 60 23.09 17.84 6.56
N THR A 61 23.46 18.86 7.32
CA THR A 61 24.74 18.83 8.07
C THR A 61 24.74 17.79 9.21
N ALA A 62 23.55 17.38 9.66
CA ALA A 62 23.42 16.38 10.73
C ALA A 62 23.61 14.98 10.17
N ARG A 63 24.38 14.17 10.89
CA ARG A 63 24.60 12.77 10.55
C ARG A 63 24.17 11.94 11.74
N ASN A 64 23.25 11.01 11.49
CA ASN A 64 22.52 10.31 12.55
C ASN A 64 23.07 8.94 12.96
N THR A 65 23.58 8.19 12.00
CA THR A 65 24.14 6.89 12.29
C THR A 65 25.42 7.07 13.11
N GLY A 66 25.49 6.41 14.27
CA GLY A 66 26.66 6.49 15.14
C GLY A 66 27.86 5.78 14.52
N ILE A 67 29.06 6.22 14.89
CA ILE A 67 30.30 5.62 14.37
C ILE A 67 31.16 5.07 15.50
N ILE A 68 31.43 3.76 15.46
CA ILE A 68 32.20 3.08 16.48
C ILE A 68 33.59 2.74 15.95
N CYS A 69 34.62 3.25 16.61
CA CYS A 69 36.00 3.04 16.14
C CYS A 69 36.79 2.19 17.11
N THR A 70 37.39 1.12 16.60
CA THR A 70 38.27 0.29 17.40
C THR A 70 39.60 1.02 17.55
N ILE A 71 40.11 1.03 18.79
CA ILE A 71 41.36 1.71 19.11
C ILE A 71 42.51 0.70 19.17
N GLY A 72 43.68 1.15 18.72
CA GLY A 72 44.89 0.34 18.71
C GLY A 72 46.08 1.22 18.40
N PRO A 73 47.22 0.61 18.05
CA PRO A 73 48.44 1.33 17.71
C PRO A 73 48.22 2.61 16.91
N ALA A 74 47.44 2.53 15.84
CA ALA A 74 47.29 3.66 14.92
C ALA A 74 46.45 4.81 15.47
N SER A 75 45.68 4.57 16.53
CA SER A 75 44.74 5.56 17.04
C SER A 75 44.78 5.78 18.57
N ARG A 76 45.79 5.23 19.24
CA ARG A 76 45.84 5.25 20.70
C ARG A 76 46.28 6.61 21.26
N SER A 77 47.11 7.33 20.50
CA SER A 77 47.66 8.62 20.96
C SER A 77 46.57 9.66 21.18
N VAL A 78 46.72 10.43 22.25
CA VAL A 78 45.79 11.51 22.58
C VAL A 78 45.62 12.47 21.41
N GLU A 79 46.70 12.71 20.67
CA GLU A 79 46.70 13.65 19.57
C GLU A 79 45.80 13.22 18.41
N THR A 80 45.85 11.93 18.05
CA THR A 80 45.00 11.42 16.97
C THR A 80 43.57 11.13 17.45
N LEU A 81 43.41 10.78 18.72
CA LEU A 81 42.08 10.64 19.32
C LEU A 81 41.29 11.94 19.22
N LYS A 82 41.95 13.06 19.46
CA LYS A 82 41.32 14.37 19.32
C LYS A 82 40.83 14.57 17.90
N GLU A 83 41.69 14.24 16.94
CA GLU A 83 41.37 14.36 15.52
C GLU A 83 40.27 13.40 15.08
N MET A 84 40.22 12.22 15.71
CA MET A 84 39.19 11.23 15.41
C MET A 84 37.83 11.64 15.94
N ILE A 85 37.81 12.23 17.13
CA ILE A 85 36.59 12.80 17.66
C ILE A 85 36.05 13.83 16.67
N LYS A 86 36.94 14.70 16.19
CA LYS A 86 36.57 15.74 15.23
C LYS A 86 36.12 15.18 13.89
N SER A 87 36.73 14.08 13.46
CA SER A 87 36.36 13.43 12.19
C SER A 87 35.00 12.71 12.25
N GLY A 88 34.56 12.38 13.46
CA GLY A 88 33.23 11.80 13.67
C GLY A 88 33.07 10.67 14.68
N MET A 89 34.15 10.22 15.30
CA MET A 89 34.06 9.09 16.24
C MET A 89 33.09 9.42 17.37
N ASN A 90 32.18 8.49 17.63
CA ASN A 90 31.21 8.62 18.72
C ASN A 90 31.44 7.62 19.84
N VAL A 91 31.90 6.42 19.49
CA VAL A 91 32.20 5.38 20.46
C VAL A 91 33.61 4.83 20.21
N ALA A 92 34.34 4.55 21.29
CA ALA A 92 35.65 3.95 21.22
C ALA A 92 35.56 2.49 21.68
N ARG A 93 35.95 1.56 20.82
CA ARG A 93 35.86 0.13 21.11
C ARG A 93 37.21 -0.38 21.57
N LEU A 94 37.20 -1.12 22.68
CA LEU A 94 38.42 -1.73 23.21
C LEU A 94 38.32 -3.22 23.04
N ASN A 95 39.25 -3.80 22.28
CA ASN A 95 39.21 -5.21 21.98
C ASN A 95 39.99 -6.03 23.01
N PHE A 96 39.27 -6.70 23.90
CA PHE A 96 39.90 -7.48 24.96
C PHE A 96 40.34 -8.89 24.52
N SER A 97 40.25 -9.19 23.22
CA SER A 97 40.91 -10.40 22.69
C SER A 97 42.42 -10.20 22.62
N HIS A 98 42.87 -8.96 22.79
CA HIS A 98 44.30 -8.60 22.82
C HIS A 98 44.53 -7.62 23.96
N GLY A 99 45.79 -7.46 24.36
CA GLY A 99 46.17 -6.43 25.33
C GLY A 99 45.89 -6.76 26.79
N THR A 100 46.63 -6.13 27.68
CA THR A 100 46.50 -6.33 29.12
C THR A 100 45.55 -5.31 29.72
N HIS A 101 45.21 -5.51 30.99
CA HIS A 101 44.37 -4.54 31.71
C HIS A 101 45.07 -3.20 31.82
N GLU A 102 46.40 -3.22 31.96
CA GLU A 102 47.21 -2.02 32.03
C GLU A 102 47.13 -1.24 30.72
N TYR A 103 47.25 -1.96 29.61
CA TYR A 103 47.17 -1.39 28.27
C TYR A 103 45.84 -0.66 28.09
N HIS A 104 44.75 -1.38 28.31
CA HIS A 104 43.42 -0.84 28.09
C HIS A 104 43.11 0.34 29.00
N ALA A 105 43.54 0.23 30.25
CA ALA A 105 43.40 1.32 31.22
C ALA A 105 43.97 2.62 30.66
N GLU A 106 45.12 2.54 29.99
CA GLU A 106 45.78 3.71 29.44
C GLU A 106 45.04 4.23 28.20
N THR A 107 44.54 3.31 27.38
CA THR A 107 43.73 3.71 26.22
C THR A 107 42.54 4.54 26.69
N ILE A 108 41.85 4.06 27.71
CA ILE A 108 40.67 4.74 28.28
C ILE A 108 41.05 6.14 28.77
N LYS A 109 42.13 6.18 29.55
CA LYS A 109 42.74 7.43 30.01
C LYS A 109 42.85 8.46 28.87
N ASN A 110 43.44 8.03 27.76
CA ASN A 110 43.64 8.90 26.60
C ASN A 110 42.35 9.33 25.92
N VAL A 111 41.44 8.38 25.73
CA VAL A 111 40.12 8.68 25.18
C VAL A 111 39.49 9.79 26.00
N ARG A 112 39.50 9.61 27.33
CA ARG A 112 38.88 10.59 28.22
C ARG A 112 39.64 11.92 28.25
N THR A 113 40.96 11.87 28.12
CA THR A 113 41.77 13.09 27.99
C THR A 113 41.34 13.87 26.75
N ALA A 114 41.41 13.21 25.60
CA ALA A 114 41.07 13.82 24.31
C ALA A 114 39.63 14.33 24.29
N THR A 115 38.72 13.55 24.85
CA THR A 115 37.30 13.90 24.89
C THR A 115 37.07 15.13 25.74
N GLU A 116 37.61 15.11 26.95
CA GLU A 116 37.46 16.24 27.87
C GLU A 116 38.26 17.47 27.46
N SER A 117 39.19 17.31 26.51
CA SER A 117 39.91 18.45 25.95
C SER A 117 38.96 19.47 25.30
N PHE A 118 37.77 19.03 24.90
CA PHE A 118 36.75 19.92 24.32
C PHE A 118 35.71 20.40 25.33
N ALA A 119 35.87 20.04 26.61
CA ALA A 119 34.81 20.22 27.61
C ALA A 119 34.60 21.67 28.04
N SER A 120 35.61 22.51 27.80
CA SER A 120 35.52 23.94 28.15
C SER A 120 34.31 24.64 27.53
N ASP A 121 33.92 24.22 26.32
CA ASP A 121 32.76 24.78 25.62
C ASP A 121 31.64 23.74 25.53
N PRO A 122 30.69 23.75 26.49
CA PRO A 122 29.71 22.67 26.56
C PRO A 122 28.66 22.69 25.43
N ILE A 123 28.59 23.80 24.69
CA ILE A 123 27.78 23.85 23.49
C ILE A 123 28.39 22.95 22.40
N LEU A 124 29.71 22.99 22.25
CA LEU A 124 30.41 22.23 21.20
C LEU A 124 30.98 20.88 21.65
N TYR A 125 30.85 20.56 22.94
CA TYR A 125 31.38 19.30 23.49
C TYR A 125 30.57 18.10 23.03
N ARG A 126 31.23 17.15 22.36
CA ARG A 126 30.58 15.91 21.93
C ARG A 126 30.96 14.79 22.88
N PRO A 127 29.97 14.20 23.58
CA PRO A 127 30.28 13.02 24.39
C PRO A 127 30.88 11.92 23.52
N VAL A 128 31.64 11.04 24.16
CA VAL A 128 32.30 9.94 23.48
C VAL A 128 32.23 8.71 24.39
N ALA A 129 31.56 7.66 23.94
CA ALA A 129 31.35 6.48 24.77
C ALA A 129 32.56 5.53 24.74
N VAL A 130 32.68 4.73 25.79
CA VAL A 130 33.71 3.70 25.88
C VAL A 130 33.04 2.34 25.92
N ALA A 131 33.53 1.43 25.08
CA ALA A 131 32.91 0.12 24.92
C ALA A 131 33.94 -0.98 25.01
N LEU A 132 33.60 -2.01 25.80
CA LEU A 132 34.49 -3.15 26.05
C LEU A 132 33.98 -4.36 25.29
N ASP A 133 34.74 -4.77 24.27
CA ASP A 133 34.45 -6.01 23.55
C ASP A 133 35.16 -7.16 24.23
N THR A 134 34.41 -8.20 24.61
CA THR A 134 35.00 -9.35 25.32
C THR A 134 35.83 -10.22 24.39
N LYS A 135 36.73 -11.01 24.96
CA LYS A 135 37.47 -11.99 24.17
C LYS A 135 36.49 -13.04 23.69
N GLY A 136 35.73 -13.57 24.63
CA GLY A 136 34.78 -14.64 24.35
C GLY A 136 35.47 -15.97 24.25
N PRO A 137 34.74 -17.02 23.83
CA PRO A 137 35.28 -18.35 23.63
C PRO A 137 35.99 -18.52 22.28
N GLU A 138 37.01 -17.70 22.03
CA GLU A 138 37.70 -17.76 20.74
C GLU A 138 38.89 -18.69 20.80
N ILE A 139 39.15 -19.33 19.66
CA ILE A 139 40.27 -20.25 19.49
C ILE A 139 41.32 -19.51 18.66
N ARG A 140 42.58 -19.59 19.11
CA ARG A 140 43.68 -18.96 18.39
C ARG A 140 44.86 -19.90 18.27
N THR A 141 45.70 -19.65 17.27
CA THR A 141 46.93 -20.41 17.07
C THR A 141 48.04 -19.86 17.96
N GLY A 142 49.20 -20.51 17.90
CA GLY A 142 50.37 -20.05 18.63
C GLY A 142 51.24 -19.16 17.75
N LEU A 143 52.48 -18.99 18.16
CA LEU A 143 53.44 -18.16 17.44
C LEU A 143 54.31 -19.04 16.56
N ILE A 144 54.80 -18.49 15.45
CA ILE A 144 55.59 -19.24 14.49
C ILE A 144 57.02 -19.31 15.06
N LYS A 145 57.84 -20.19 14.48
CA LYS A 145 59.03 -20.76 15.14
C LYS A 145 59.99 -19.82 15.93
N GLY A 146 60.51 -18.74 15.33
CA GLY A 146 60.02 -18.17 14.12
C GLY A 146 61.11 -17.99 13.10
N SER A 147 60.75 -17.96 11.82
CA SER A 147 61.73 -17.72 10.78
C SER A 147 62.12 -16.26 10.86
N GLY A 148 63.34 -15.96 10.44
CA GLY A 148 63.78 -14.58 10.26
C GLY A 148 62.82 -13.82 9.35
N THR A 149 62.29 -14.50 8.34
CA THR A 149 61.14 -13.95 7.60
C THR A 149 59.84 -14.13 8.47
N ALA A 150 58.74 -13.59 8.00
CA ALA A 150 57.56 -13.34 8.87
C ALA A 150 56.63 -14.50 9.25
N GLU A 151 56.41 -15.32 8.25
CA GLU A 151 55.21 -16.11 8.16
C GLU A 151 55.62 -17.35 7.41
N VAL A 152 54.72 -18.32 7.35
CA VAL A 152 55.00 -19.63 6.75
C VAL A 152 54.01 -19.90 5.64
N GLU A 153 54.52 -20.31 4.47
CA GLU A 153 53.66 -20.66 3.34
C GLU A 153 53.04 -22.05 3.53
N LEU A 154 51.71 -22.11 3.48
CA LEU A 154 50.98 -23.37 3.48
C LEU A 154 50.43 -23.61 2.07
N LYS A 155 50.69 -24.80 1.53
CA LYS A 155 50.37 -25.11 0.14
C LYS A 155 49.23 -26.10 0.01
N LYS A 156 48.43 -25.92 -1.05
CA LYS A 156 47.31 -26.80 -1.34
C LYS A 156 47.80 -28.24 -1.52
N GLY A 157 47.22 -29.16 -0.75
CA GLY A 157 47.59 -30.57 -0.82
C GLY A 157 48.51 -31.02 0.29
N ALA A 158 49.29 -30.09 0.84
CA ALA A 158 50.28 -30.39 1.88
C ALA A 158 49.62 -30.87 3.17
N THR A 159 50.40 -31.55 3.99
CA THR A 159 49.95 -32.04 5.29
C THR A 159 50.29 -31.03 6.37
N LEU A 160 49.46 -30.98 7.41
CA LEU A 160 49.72 -30.12 8.55
C LEU A 160 49.19 -30.76 9.82
N LYS A 161 50.10 -31.05 10.75
CA LYS A 161 49.75 -31.71 12.01
C LYS A 161 49.40 -30.64 13.04
N ILE A 162 48.22 -30.77 13.64
CA ILE A 162 47.80 -29.88 14.71
C ILE A 162 48.00 -30.54 16.07
N THR A 163 48.63 -29.80 16.98
CA THR A 163 48.98 -30.30 18.28
C THR A 163 48.31 -29.47 19.37
N LEU A 164 48.12 -30.07 20.55
CA LEU A 164 47.79 -29.31 21.76
C LEU A 164 48.95 -29.31 22.77
N ASP A 165 50.01 -30.03 22.43
CA ASP A 165 51.24 -30.11 23.21
C ASP A 165 51.87 -28.73 23.36
N ASN A 166 51.83 -28.19 24.58
CA ASN A 166 52.30 -26.84 24.89
C ASN A 166 53.77 -26.58 24.55
N ALA A 167 54.52 -27.66 24.26
CA ALA A 167 55.88 -27.55 23.77
C ALA A 167 55.99 -26.79 22.46
N TYR A 168 54.93 -26.85 21.64
CA TYR A 168 54.93 -26.24 20.32
C TYR A 168 54.19 -24.90 20.22
N MET A 169 53.75 -24.32 21.34
CA MET A 169 52.90 -23.13 21.28
C MET A 169 53.60 -21.88 20.76
N GLU A 170 54.94 -21.89 20.72
CA GLU A 170 55.70 -20.79 20.09
C GLU A 170 56.66 -21.34 19.05
N LYS A 171 56.29 -22.47 18.44
CA LYS A 171 57.13 -23.18 17.49
C LYS A 171 56.31 -23.68 16.30
N CYS A 172 55.30 -22.92 15.90
CA CYS A 172 54.44 -23.30 14.78
C CYS A 172 55.20 -23.17 13.47
N ASP A 173 54.85 -24.00 12.50
CA ASP A 173 55.44 -23.94 11.16
C ASP A 173 54.52 -24.67 10.15
N GLU A 174 55.03 -24.95 8.95
CA GLU A 174 54.23 -25.62 7.91
C GLU A 174 53.86 -27.07 8.26
N ASN A 175 54.54 -27.67 9.24
CA ASN A 175 54.32 -29.06 9.61
C ASN A 175 53.59 -29.23 10.94
N ILE A 176 53.87 -28.36 11.90
CA ILE A 176 53.21 -28.43 13.22
C ILE A 176 52.55 -27.10 13.57
N LEU A 177 51.35 -27.18 14.12
CA LEU A 177 50.57 -25.99 14.48
C LEU A 177 49.86 -26.20 15.83
N TRP A 178 50.04 -25.25 16.75
CA TRP A 178 49.46 -25.34 18.10
C TRP A 178 48.17 -24.53 18.23
N LEU A 179 47.30 -24.91 19.17
CA LEU A 179 46.01 -24.24 19.40
C LEU A 179 45.63 -24.04 20.88
N ASP A 180 44.82 -23.02 21.14
CA ASP A 180 44.22 -22.76 22.45
C ASP A 180 43.33 -23.89 22.93
N TYR A 181 42.52 -24.42 22.02
CA TYR A 181 41.35 -25.22 22.39
C TYR A 181 41.68 -26.64 22.81
N LYS A 182 41.44 -26.93 24.09
CA LYS A 182 41.84 -28.20 24.70
C LYS A 182 41.07 -29.39 24.13
N ASN A 183 39.75 -29.25 24.01
CA ASN A 183 38.90 -30.38 23.61
C ASN A 183 38.66 -30.46 22.11
N ILE A 184 39.50 -29.82 21.30
CA ILE A 184 39.27 -29.80 19.85
C ILE A 184 39.10 -31.21 19.27
N CYS A 185 39.91 -32.15 19.74
CA CYS A 185 39.86 -33.54 19.26
C CYS A 185 38.52 -34.23 19.58
N LYS A 186 37.90 -33.86 20.69
CA LYS A 186 36.61 -34.42 21.12
C LYS A 186 35.41 -33.97 20.29
N VAL A 187 35.50 -32.78 19.68
CA VAL A 187 34.34 -32.17 19.00
C VAL A 187 34.54 -31.99 17.49
N VAL A 188 35.47 -32.76 16.92
CA VAL A 188 35.80 -32.65 15.51
C VAL A 188 35.97 -34.05 14.92
N GLU A 189 35.35 -34.29 13.76
CA GLU A 189 35.40 -35.59 13.09
C GLU A 189 36.52 -35.65 12.07
N VAL A 190 36.76 -36.84 11.53
CA VAL A 190 37.54 -36.98 10.31
C VAL A 190 36.67 -36.46 9.17
N GLY A 191 37.26 -35.64 8.30
CA GLY A 191 36.52 -34.99 7.22
C GLY A 191 36.00 -33.60 7.58
N SER A 192 36.08 -33.25 8.86
CA SER A 192 35.70 -31.90 9.33
C SER A 192 36.62 -30.85 8.72
N LYS A 193 36.09 -29.63 8.56
CA LYS A 193 36.88 -28.51 8.06
C LYS A 193 37.28 -27.58 9.20
N ILE A 194 38.54 -27.11 9.15
CA ILE A 194 39.07 -26.16 10.12
C ILE A 194 39.58 -24.92 9.37
N TYR A 195 39.26 -23.72 9.88
CA TYR A 195 39.62 -22.47 9.22
C TYR A 195 40.50 -21.59 10.09
N VAL A 196 41.58 -21.08 9.49
CA VAL A 196 42.55 -20.25 10.18
C VAL A 196 42.65 -18.92 9.44
N ASP A 197 42.71 -17.84 10.22
CA ASP A 197 42.87 -16.47 9.70
C ASP A 197 41.70 -16.03 8.84
N ASP A 198 40.71 -15.47 9.52
CA ASP A 198 39.53 -14.95 8.83
C ASP A 198 38.95 -15.86 7.75
N GLY A 199 39.02 -17.17 7.98
CA GLY A 199 38.54 -18.15 7.01
C GLY A 199 39.33 -18.27 5.73
N LEU A 200 40.52 -17.66 5.66
CA LEU A 200 41.30 -17.65 4.43
C LEU A 200 42.07 -18.95 4.20
N ILE A 201 42.55 -19.55 5.30
CA ILE A 201 43.18 -20.88 5.25
C ILE A 201 42.12 -21.92 5.60
N SER A 202 42.07 -23.03 4.85
CA SER A 202 41.14 -24.12 5.17
C SER A 202 41.86 -25.46 5.21
N LEU A 203 41.50 -26.26 6.22
CA LEU A 203 42.12 -27.56 6.46
C LEU A 203 41.04 -28.62 6.57
N GLN A 204 41.31 -29.81 6.03
CA GLN A 204 40.42 -30.96 6.23
C GLN A 204 41.08 -31.98 7.14
N VAL A 205 40.35 -32.39 8.18
CA VAL A 205 40.87 -33.36 9.14
C VAL A 205 40.86 -34.76 8.53
N LYS A 206 42.05 -35.36 8.43
CA LYS A 206 42.20 -36.70 7.88
C LYS A 206 42.30 -37.77 8.96
N GLN A 207 42.99 -37.46 10.06
CA GLN A 207 43.20 -38.41 11.14
C GLN A 207 43.08 -37.79 12.52
N LYS A 208 42.05 -38.20 13.25
CA LYS A 208 41.87 -37.76 14.63
C LYS A 208 42.83 -38.53 15.54
N GLY A 209 43.37 -37.83 16.53
CA GLY A 209 44.23 -38.43 17.55
C GLY A 209 43.67 -38.18 18.93
N ALA A 210 44.51 -38.35 19.96
CA ALA A 210 44.11 -38.10 21.34
C ALA A 210 44.28 -36.62 21.68
N ASP A 211 45.47 -36.09 21.42
CA ASP A 211 45.75 -34.66 21.59
C ASP A 211 46.40 -34.05 20.34
N PHE A 212 46.20 -34.69 19.19
CA PHE A 212 46.68 -34.16 17.92
C PHE A 212 45.65 -34.40 16.82
N LEU A 213 45.93 -33.83 15.64
CA LEU A 213 45.15 -34.07 14.43
C LEU A 213 46.09 -34.02 13.24
N VAL A 214 45.75 -34.77 12.19
CA VAL A 214 46.46 -34.66 10.92
C VAL A 214 45.48 -34.13 9.89
N THR A 215 45.91 -33.09 9.17
CA THR A 215 45.03 -32.41 8.24
C THR A 215 45.70 -32.25 6.90
N GLU A 216 44.89 -32.13 5.85
CA GLU A 216 45.35 -31.73 4.54
C GLU A 216 44.96 -30.27 4.31
N VAL A 217 45.91 -29.46 3.84
CA VAL A 217 45.62 -28.08 3.49
C VAL A 217 44.76 -28.11 2.23
N GLU A 218 43.58 -27.49 2.30
CA GLU A 218 42.71 -27.40 1.14
C GLU A 218 43.08 -26.17 0.31
N ASN A 219 42.70 -24.96 0.75
CA ASN A 219 43.32 -23.77 0.17
C ASN A 219 44.22 -23.09 1.19
N GLY A 220 45.43 -22.76 0.74
CA GLY A 220 46.49 -22.32 1.62
C GLY A 220 46.70 -20.82 1.56
N GLY A 221 47.96 -20.42 1.69
CA GLY A 221 48.34 -19.02 1.87
C GLY A 221 49.40 -18.94 2.95
N SER A 222 49.77 -17.73 3.36
CA SER A 222 50.77 -17.57 4.41
C SER A 222 50.11 -17.46 5.78
N LEU A 223 50.74 -18.08 6.76
CA LEU A 223 50.18 -18.22 8.11
C LEU A 223 50.99 -17.38 9.08
N GLY A 224 50.33 -16.47 9.80
CA GLY A 224 51.00 -15.67 10.82
C GLY A 224 50.80 -16.23 12.21
N SER A 225 50.97 -15.38 13.23
CA SER A 225 50.88 -15.80 14.63
C SER A 225 49.58 -15.37 15.32
N LYS A 226 49.19 -16.11 16.35
CA LYS A 226 47.99 -15.82 17.15
C LYS A 226 46.77 -15.55 16.27
N LYS A 227 46.57 -16.43 15.29
CA LYS A 227 45.51 -16.27 14.30
C LYS A 227 44.24 -16.99 14.74
N GLY A 228 43.10 -16.33 14.61
CA GLY A 228 41.81 -16.90 15.02
C GLY A 228 41.43 -18.14 14.21
N VAL A 229 40.87 -19.13 14.89
CA VAL A 229 40.46 -20.39 14.27
C VAL A 229 38.95 -20.58 14.41
N ASN A 230 38.32 -21.03 13.32
CA ASN A 230 36.89 -21.32 13.33
C ASN A 230 36.63 -22.78 13.00
N LEU A 231 35.60 -23.34 13.66
CA LEU A 231 35.17 -24.71 13.43
C LEU A 231 33.65 -24.70 13.19
N PRO A 232 33.23 -24.40 11.95
CA PRO A 232 31.79 -24.41 11.67
C PRO A 232 31.26 -25.83 11.73
N GLY A 233 29.98 -25.99 12.05
CA GLY A 233 29.37 -27.31 12.20
C GLY A 233 30.12 -28.20 13.17
N ALA A 234 30.40 -27.66 14.35
CA ALA A 234 31.05 -28.40 15.44
C ALA A 234 30.55 -27.85 16.75
N ALA A 235 30.17 -28.73 17.66
CA ALA A 235 29.64 -28.32 18.95
C ALA A 235 30.80 -28.01 19.90
N VAL A 236 31.33 -26.79 19.80
CA VAL A 236 32.43 -26.36 20.68
C VAL A 236 31.87 -26.09 22.07
N ASP A 237 32.57 -26.57 23.10
CA ASP A 237 32.05 -26.57 24.47
C ASP A 237 32.62 -25.46 25.34
N LEU A 238 33.33 -24.51 24.72
CA LEU A 238 33.88 -23.38 25.45
C LEU A 238 32.74 -22.51 25.96
N PRO A 239 32.86 -21.99 27.19
CA PRO A 239 31.79 -21.21 27.79
C PRO A 239 31.73 -19.82 27.18
N ALA A 240 30.53 -19.26 27.05
CA ALA A 240 30.38 -17.92 26.52
C ALA A 240 31.07 -16.90 27.43
N VAL A 241 31.20 -17.23 28.71
CA VAL A 241 31.86 -16.37 29.68
C VAL A 241 32.95 -17.16 30.45
N SER A 242 34.20 -17.02 30.01
CA SER A 242 35.33 -17.66 30.65
C SER A 242 35.76 -16.93 31.93
N GLU A 243 36.76 -17.50 32.61
CA GLU A 243 37.34 -16.89 33.80
C GLU A 243 38.00 -15.55 33.45
N LYS A 244 38.72 -15.53 32.33
CA LYS A 244 39.30 -14.30 31.80
C LYS A 244 38.22 -13.26 31.49
N ASP A 245 37.15 -13.71 30.82
CA ASP A 245 36.06 -12.82 30.45
C ASP A 245 35.44 -12.16 31.69
N ILE A 246 35.32 -12.92 32.78
CA ILE A 246 34.79 -12.38 34.04
C ILE A 246 35.70 -11.28 34.58
N GLN A 247 36.99 -11.57 34.70
CA GLN A 247 37.97 -10.58 35.14
C GLN A 247 37.86 -9.28 34.33
N ASP A 248 37.74 -9.41 33.00
CA ASP A 248 37.66 -8.26 32.10
C ASP A 248 36.37 -7.45 32.32
N LEU A 249 35.26 -8.16 32.48
CA LEU A 249 33.98 -7.50 32.74
C LEU A 249 34.04 -6.74 34.07
N LYS A 250 34.55 -7.39 35.10
CA LYS A 250 34.74 -6.75 36.41
C LYS A 250 35.63 -5.53 36.26
N PHE A 251 36.68 -5.65 35.46
CA PHE A 251 37.57 -4.52 35.12
C PHE A 251 36.83 -3.40 34.40
N GLY A 252 35.95 -3.77 33.48
CA GLY A 252 35.09 -2.81 32.79
C GLY A 252 34.24 -2.00 33.75
N VAL A 253 33.70 -2.67 34.77
CA VAL A 253 32.87 -1.99 35.77
C VAL A 253 33.72 -0.99 36.53
N GLU A 254 34.88 -1.44 37.00
CA GLU A 254 35.86 -0.57 37.65
C GLU A 254 36.14 0.67 36.81
N GLN A 255 36.46 0.46 35.54
CA GLN A 255 36.86 1.54 34.65
C GLN A 255 35.71 2.42 34.17
N ASP A 256 34.47 2.07 34.55
CA ASP A 256 33.30 2.90 34.29
C ASP A 256 32.96 2.93 32.79
N VAL A 257 33.10 1.79 32.11
CA VAL A 257 32.76 1.70 30.69
C VAL A 257 31.26 1.89 30.51
N ASP A 258 30.86 2.30 29.31
CA ASP A 258 29.45 2.61 29.02
C ASP A 258 28.69 1.40 28.53
N MET A 259 29.35 0.53 27.78
CA MET A 259 28.69 -0.65 27.21
C MET A 259 29.63 -1.84 27.07
N VAL A 260 29.05 -3.01 26.87
CA VAL A 260 29.79 -4.24 26.68
C VAL A 260 29.36 -4.93 25.38
N PHE A 261 30.32 -5.18 24.50
CA PHE A 261 30.06 -5.99 23.30
C PHE A 261 30.44 -7.45 23.62
N ALA A 262 29.43 -8.28 23.87
CA ALA A 262 29.66 -9.65 24.32
C ALA A 262 29.84 -10.62 23.16
N SER A 263 31.00 -11.25 23.08
CA SER A 263 31.35 -12.11 21.94
C SER A 263 30.69 -13.48 21.99
N PHE A 264 30.32 -13.98 20.81
CA PHE A 264 29.83 -15.36 20.61
C PHE A 264 28.64 -15.75 21.49
N ILE A 265 27.69 -14.83 21.63
CA ILE A 265 26.46 -15.10 22.36
C ILE A 265 25.64 -16.11 21.59
N ARG A 266 25.45 -17.30 22.17
CA ARG A 266 24.65 -18.36 21.55
C ARG A 266 23.20 -18.36 22.01
N LYS A 267 22.93 -17.85 23.22
CA LYS A 267 21.59 -17.92 23.81
C LYS A 267 21.36 -16.96 24.97
N ALA A 268 20.07 -16.73 25.29
CA ALA A 268 19.69 -15.81 26.37
C ALA A 268 20.36 -16.13 27.70
N SER A 269 20.56 -17.41 27.99
CA SER A 269 21.25 -17.82 29.21
C SER A 269 22.64 -17.17 29.28
N ASP A 270 23.31 -17.10 28.14
CA ASP A 270 24.63 -16.46 28.06
C ASP A 270 24.57 -14.97 28.38
N VAL A 271 23.55 -14.29 27.88
CA VAL A 271 23.35 -12.87 28.17
C VAL A 271 23.14 -12.67 29.67
N HIS A 272 22.41 -13.61 30.28
CA HIS A 272 22.12 -13.55 31.71
C HIS A 272 23.38 -13.70 32.57
N GLU A 273 24.31 -14.56 32.15
CA GLU A 273 25.60 -14.69 32.84
C GLU A 273 26.33 -13.36 32.88
N VAL A 274 26.38 -12.68 31.75
CA VAL A 274 27.04 -11.37 31.63
C VAL A 274 26.38 -10.34 32.55
N ARG A 275 25.05 -10.32 32.57
CA ARG A 275 24.28 -9.45 33.47
C ARG A 275 24.72 -9.62 34.92
N LYS A 276 24.77 -10.87 35.35
CA LYS A 276 25.14 -11.20 36.71
C LYS A 276 26.55 -10.74 37.06
N VAL A 277 27.51 -10.99 36.16
CA VAL A 277 28.90 -10.63 36.40
C VAL A 277 29.05 -9.11 36.54
N LEU A 278 28.37 -8.35 35.68
CA LEU A 278 28.34 -6.90 35.83
C LEU A 278 27.72 -6.53 37.18
N GLY A 279 26.64 -7.23 37.53
CA GLY A 279 26.03 -7.10 38.84
C GLY A 279 25.37 -5.75 39.06
N GLU A 280 25.15 -5.42 40.33
CA GLU A 280 24.50 -4.18 40.72
C GLU A 280 25.36 -2.95 40.46
N LYS A 281 26.68 -3.08 40.61
CA LYS A 281 27.59 -1.97 40.36
C LYS A 281 27.57 -1.61 38.86
N GLY A 282 27.53 -2.63 38.01
CA GLY A 282 27.49 -2.44 36.55
C GLY A 282 26.13 -2.68 35.92
N LYS A 283 25.07 -2.33 36.63
CA LYS A 283 23.71 -2.59 36.16
C LYS A 283 23.29 -1.62 35.07
N ASN A 284 23.86 -0.42 35.05
CA ASN A 284 23.53 0.56 34.00
C ASN A 284 24.36 0.40 32.72
N ILE A 285 25.37 -0.47 32.76
CA ILE A 285 26.18 -0.75 31.59
C ILE A 285 25.33 -1.52 30.58
N LYS A 286 25.21 -1.01 29.35
CA LYS A 286 24.43 -1.65 28.30
C LYS A 286 25.14 -2.90 27.77
N ILE A 287 24.38 -3.98 27.60
CA ILE A 287 24.92 -5.20 27.00
C ILE A 287 24.47 -5.31 25.55
N ILE A 288 25.45 -5.29 24.65
CA ILE A 288 25.23 -5.54 23.24
C ILE A 288 25.73 -6.94 22.93
N SER A 289 24.81 -7.83 22.56
CA SER A 289 25.18 -9.19 22.20
C SER A 289 25.68 -9.24 20.77
N LYS A 290 26.87 -9.79 20.58
CA LYS A 290 27.42 -9.99 19.25
C LYS A 290 26.95 -11.32 18.69
N ILE A 291 26.33 -11.28 17.52
CA ILE A 291 25.93 -12.49 16.81
C ILE A 291 27.03 -12.89 15.82
N GLU A 292 27.74 -13.97 16.15
CA GLU A 292 28.94 -14.38 15.42
C GLU A 292 28.86 -15.82 14.90
N ASN A 293 27.73 -16.48 15.12
CA ASN A 293 27.65 -17.93 14.87
C ASN A 293 26.23 -18.42 14.57
N HIS A 294 26.12 -19.68 14.14
CA HIS A 294 24.85 -20.21 13.65
C HIS A 294 23.77 -20.26 14.74
N GLU A 295 24.13 -20.81 15.90
CA GLU A 295 23.20 -20.92 17.02
C GLU A 295 22.66 -19.55 17.40
N GLY A 296 23.56 -18.56 17.50
CA GLY A 296 23.17 -17.19 17.79
C GLY A 296 22.09 -16.63 16.88
N VAL A 297 22.18 -16.94 15.59
CA VAL A 297 21.19 -16.50 14.60
C VAL A 297 19.88 -17.25 14.79
N ARG A 298 19.98 -18.55 14.98
CA ARG A 298 18.79 -19.37 15.22
C ARG A 298 17.99 -18.92 16.42
N ARG A 299 18.70 -18.63 17.51
CA ARG A 299 18.08 -18.24 18.78
C ARG A 299 18.08 -16.73 18.97
N PHE A 300 18.00 -15.99 17.87
CA PHE A 300 18.19 -14.55 17.91
C PHE A 300 17.15 -13.82 18.76
N ASP A 301 15.88 -14.23 18.69
CA ASP A 301 14.79 -13.52 19.37
C ASP A 301 15.01 -13.57 20.87
N GLU A 302 15.12 -14.80 21.37
CA GLU A 302 15.58 -15.12 22.72
C GLU A 302 16.63 -14.12 23.22
N ILE A 303 17.67 -13.94 22.41
CA ILE A 303 18.84 -13.13 22.75
C ILE A 303 18.54 -11.63 22.72
N LEU A 304 17.85 -11.19 21.68
CA LEU A 304 17.48 -9.79 21.56
C LEU A 304 16.70 -9.34 22.79
N GLU A 305 15.80 -10.19 23.27
CA GLU A 305 15.01 -9.87 24.45
C GLU A 305 15.86 -9.68 25.68
N ALA A 306 16.81 -10.58 25.89
CA ALA A 306 17.70 -10.53 27.05
C ALA A 306 18.66 -9.35 26.97
N SER A 307 19.04 -8.96 25.74
CA SER A 307 20.08 -7.94 25.53
C SER A 307 19.48 -6.54 25.42
N ASP A 308 20.33 -5.54 25.67
CA ASP A 308 19.97 -4.13 25.43
C ASP A 308 20.14 -3.75 23.97
N GLY A 309 21.00 -4.49 23.25
CA GLY A 309 21.26 -4.22 21.84
C GLY A 309 21.98 -5.38 21.18
N ILE A 310 22.23 -5.25 19.88
CA ILE A 310 22.80 -6.32 19.08
C ILE A 310 23.92 -5.80 18.18
N MET A 311 24.95 -6.62 17.98
CA MET A 311 25.94 -6.38 16.95
C MET A 311 25.91 -7.50 15.93
N VAL A 312 25.84 -7.13 14.67
CA VAL A 312 25.98 -8.09 13.58
C VAL A 312 27.48 -8.21 13.31
N ALA A 313 28.11 -9.18 13.97
CA ALA A 313 29.56 -9.35 13.88
C ALA A 313 29.95 -10.26 12.70
N ARG A 314 30.05 -9.63 11.53
CA ARG A 314 30.23 -10.35 10.26
C ARG A 314 31.54 -11.13 10.10
N GLY A 315 32.59 -10.74 10.84
CA GLY A 315 33.89 -11.41 10.73
C GLY A 315 33.77 -12.91 10.97
N ASP A 316 33.45 -13.28 12.20
CA ASP A 316 33.25 -14.68 12.57
C ASP A 316 31.99 -15.25 11.94
N LEU A 317 30.94 -14.45 11.84
CA LEU A 317 29.68 -14.93 11.29
C LEU A 317 29.86 -15.46 9.88
N GLY A 318 30.54 -14.69 9.05
CA GLY A 318 30.78 -15.06 7.65
C GLY A 318 31.65 -16.29 7.44
N ILE A 319 32.29 -16.75 8.51
CA ILE A 319 33.02 -18.02 8.49
C ILE A 319 32.17 -19.14 9.08
N GLU A 320 31.46 -18.82 10.16
CA GLU A 320 30.69 -19.80 10.91
C GLU A 320 29.47 -20.26 10.11
N ILE A 321 28.94 -19.37 9.27
CA ILE A 321 27.92 -19.72 8.27
C ILE A 321 28.44 -19.41 6.87
N PRO A 322 27.76 -19.91 5.82
CA PRO A 322 28.23 -19.61 4.47
C PRO A 322 28.25 -18.11 4.20
N ALA A 323 29.31 -17.63 3.56
CA ALA A 323 29.49 -16.19 3.31
C ALA A 323 28.34 -15.55 2.55
N GLU A 324 27.69 -16.34 1.70
CA GLU A 324 26.59 -15.85 0.86
C GLU A 324 25.34 -15.55 1.66
N LYS A 325 25.23 -16.12 2.84
CA LYS A 325 24.05 -15.98 3.67
C LYS A 325 24.14 -14.85 4.69
N VAL A 326 25.32 -14.26 4.83
CA VAL A 326 25.52 -13.18 5.80
C VAL A 326 24.52 -12.04 5.60
N PHE A 327 24.43 -11.53 4.38
CA PHE A 327 23.55 -10.38 4.10
C PHE A 327 22.11 -10.63 4.60
N LEU A 328 21.63 -11.87 4.48
CA LEU A 328 20.31 -12.25 5.00
C LEU A 328 20.24 -12.09 6.50
N ALA A 329 21.22 -12.67 7.18
CA ALA A 329 21.32 -12.56 8.62
C ALA A 329 21.40 -11.11 9.06
N GLN A 330 22.22 -10.33 8.36
CA GLN A 330 22.37 -8.92 8.66
C GLN A 330 21.03 -8.18 8.60
N LYS A 331 20.33 -8.33 7.48
CA LYS A 331 19.08 -7.59 7.26
C LYS A 331 17.95 -8.05 8.17
N MET A 332 17.91 -9.36 8.44
CA MET A 332 16.93 -9.91 9.37
C MET A 332 17.09 -9.27 10.74
N MET A 333 18.32 -9.33 11.25
CA MET A 333 18.64 -8.82 12.59
C MET A 333 18.39 -7.32 12.72
N ILE A 334 18.84 -6.54 11.73
CA ILE A 334 18.62 -5.10 11.74
C ILE A 334 17.12 -4.81 11.78
N GLY A 335 16.37 -5.49 10.93
CA GLY A 335 14.92 -5.33 10.88
C GLY A 335 14.25 -5.61 12.22
N ARG A 336 14.55 -6.77 12.80
CA ARG A 336 13.93 -7.18 14.07
C ARG A 336 14.33 -6.26 15.22
N CYS A 337 15.56 -5.77 15.19
CA CYS A 337 16.02 -4.78 16.17
C CYS A 337 15.25 -3.47 16.03
N ASN A 338 14.99 -3.04 14.79
CA ASN A 338 14.23 -1.82 14.54
C ASN A 338 12.77 -1.95 14.98
N ARG A 339 12.19 -3.13 14.82
CA ARG A 339 10.85 -3.42 15.36
C ARG A 339 10.87 -3.32 16.85
N ALA A 340 11.84 -3.97 17.48
CA ALA A 340 11.92 -4.01 18.94
C ALA A 340 12.32 -2.67 19.55
N GLY A 341 12.93 -1.79 18.75
CA GLY A 341 13.38 -0.49 19.25
C GLY A 341 14.68 -0.54 20.03
N LYS A 342 15.47 -1.59 19.81
CA LYS A 342 16.77 -1.76 20.42
C LYS A 342 17.89 -1.49 19.41
N PRO A 343 19.04 -0.96 19.87
CA PRO A 343 20.11 -0.60 18.93
C PRO A 343 20.75 -1.79 18.23
N VAL A 344 21.12 -1.58 16.96
CA VAL A 344 21.83 -2.60 16.20
C VAL A 344 23.07 -1.98 15.54
N ILE A 345 24.16 -2.74 15.55
CA ILE A 345 25.45 -2.29 15.04
C ILE A 345 25.85 -3.21 13.89
N CYS A 346 26.22 -2.62 12.75
CA CYS A 346 26.83 -3.36 11.65
C CYS A 346 28.34 -3.20 11.77
N ALA A 347 29.06 -4.32 11.78
CA ALA A 347 30.40 -4.35 12.36
C ALA A 347 31.59 -4.45 11.39
N THR A 348 31.84 -5.62 10.83
CA THR A 348 33.22 -5.93 10.42
C THR A 348 33.53 -5.83 8.92
N GLN A 349 34.74 -5.37 8.61
CA GLN A 349 35.26 -5.23 7.24
C GLN A 349 34.50 -4.27 6.33
N MET A 350 33.88 -3.25 6.93
CA MET A 350 33.09 -2.30 6.15
C MET A 350 33.97 -1.49 5.20
N LEU A 351 35.23 -1.24 5.59
CA LEU A 351 36.19 -0.50 4.75
C LEU A 351 37.60 -1.11 4.76
N GLU A 352 37.71 -2.44 4.72
CA GLU A 352 39.02 -3.13 4.84
C GLU A 352 40.11 -2.54 3.99
N SER A 353 39.80 -2.36 2.70
CA SER A 353 40.68 -1.72 1.73
C SER A 353 41.50 -0.58 2.36
N MET A 354 40.82 0.26 3.14
CA MET A 354 41.43 1.48 3.69
C MET A 354 42.47 1.28 4.81
N ILE A 355 42.71 0.02 5.20
CA ILE A 355 43.81 -0.29 6.10
C ILE A 355 45.12 0.07 5.42
N LYS A 356 45.21 -0.20 4.12
CA LYS A 356 46.42 0.07 3.34
C LYS A 356 46.28 1.22 2.34
N LYS A 357 45.06 1.61 1.99
CA LYS A 357 44.82 2.61 0.95
C LYS A 357 44.01 3.79 1.49
N PRO A 358 44.18 4.98 0.89
CA PRO A 358 43.48 6.18 1.38
C PRO A 358 42.03 6.30 0.95
N ARG A 359 41.58 5.39 0.07
CA ARG A 359 40.24 5.41 -0.49
C ARG A 359 39.69 4.00 -0.57
N PRO A 360 38.38 3.84 -0.30
CA PRO A 360 37.83 2.51 -0.26
C PRO A 360 37.41 2.01 -1.61
N THR A 361 37.11 0.71 -1.68
CA THR A 361 36.61 0.10 -2.90
C THR A 361 35.16 0.53 -3.11
N ARG A 362 34.64 0.25 -4.30
CA ARG A 362 33.26 0.55 -4.63
C ARG A 362 32.31 -0.35 -3.83
N ALA A 363 32.71 -1.59 -3.61
CA ALA A 363 31.95 -2.53 -2.79
C ALA A 363 31.83 -2.05 -1.34
N GLU A 364 32.87 -1.37 -0.86
CA GLU A 364 32.92 -0.93 0.52
C GLU A 364 32.05 0.30 0.76
N GLY A 365 32.07 1.24 -0.18
CA GLY A 365 31.16 2.38 -0.11
C GLY A 365 29.72 1.91 -0.15
N SER A 366 29.47 0.92 -1.00
CA SER A 366 28.15 0.28 -1.14
C SER A 366 27.70 -0.35 0.18
N ASP A 367 28.63 -1.06 0.82
CA ASP A 367 28.35 -1.75 2.06
C ASP A 367 27.86 -0.82 3.16
N VAL A 368 28.60 0.28 3.36
CA VAL A 368 28.25 1.26 4.39
C VAL A 368 26.89 1.85 4.13
N ALA A 369 26.69 2.36 2.91
CA ALA A 369 25.42 2.98 2.53
C ALA A 369 24.26 2.03 2.77
N ASN A 370 24.42 0.78 2.35
CA ASN A 370 23.35 -0.19 2.50
C ASN A 370 23.09 -0.55 3.96
N ALA A 371 24.12 -0.63 4.78
CA ALA A 371 23.93 -0.84 6.22
C ALA A 371 23.04 0.24 6.85
N VAL A 372 23.29 1.49 6.49
CA VAL A 372 22.44 2.60 6.95
C VAL A 372 21.02 2.45 6.42
N LEU A 373 20.88 2.14 5.14
CA LEU A 373 19.56 1.91 4.54
C LEU A 373 18.85 0.70 5.15
N ASP A 374 19.59 -0.38 5.41
CA ASP A 374 19.04 -1.54 6.13
C ASP A 374 18.40 -1.06 7.44
N GLY A 375 19.04 -0.07 8.07
CA GLY A 375 18.51 0.62 9.24
C GLY A 375 19.40 0.49 10.48
N ALA A 376 20.71 0.41 10.29
CA ALA A 376 21.63 0.23 11.40
C ALA A 376 21.75 1.51 12.22
N ASP A 377 21.77 1.36 13.53
CA ASP A 377 21.93 2.51 14.41
C ASP A 377 23.37 3.00 14.37
N CYS A 378 24.31 2.06 14.35
CA CYS A 378 25.73 2.36 14.29
C CYS A 378 26.47 1.53 13.25
N ILE A 379 27.58 2.08 12.79
CA ILE A 379 28.51 1.39 11.89
C ILE A 379 29.88 1.36 12.57
N MET A 380 30.68 0.35 12.27
CA MET A 380 31.90 0.13 13.02
C MET A 380 33.14 0.00 12.16
N LEU A 381 34.27 0.38 12.74
CA LEU A 381 35.57 0.20 12.13
C LEU A 381 36.46 -0.58 13.09
N SER A 382 37.18 -1.55 12.56
CA SER A 382 38.07 -2.40 13.36
C SER A 382 39.52 -2.15 12.97
N GLY A 383 40.11 -3.03 12.14
CA GLY A 383 41.46 -2.82 11.65
C GLY A 383 41.67 -1.47 11.00
N GLU A 384 40.62 -0.94 10.38
CA GLU A 384 40.68 0.34 9.68
C GLU A 384 41.19 1.48 10.58
N THR A 385 40.84 1.43 11.88
CA THR A 385 41.28 2.45 12.83
C THR A 385 42.21 1.94 13.94
N ALA A 386 42.18 0.64 14.23
CA ALA A 386 43.05 0.07 15.26
C ALA A 386 44.52 -0.01 14.83
N LYS A 387 44.76 -0.35 13.56
CA LYS A 387 46.13 -0.59 13.09
C LYS A 387 46.46 -0.07 11.68
N GLY A 388 45.49 0.44 10.92
CA GLY A 388 45.72 0.79 9.53
C GLY A 388 46.50 2.07 9.36
N ASP A 389 46.82 2.38 8.11
CA ASP A 389 47.58 3.59 7.78
C ASP A 389 46.72 4.82 7.64
N TYR A 390 45.40 4.66 7.61
CA TYR A 390 44.49 5.78 7.32
C TYR A 390 43.26 5.81 8.22
N PRO A 391 43.48 5.84 9.54
CA PRO A 391 42.35 5.85 10.48
C PRO A 391 41.39 7.03 10.27
N LEU A 392 41.92 8.23 10.10
CA LEU A 392 41.09 9.43 9.98
C LEU A 392 40.27 9.45 8.68
N GLU A 393 40.88 9.03 7.58
CA GLU A 393 40.19 8.98 6.30
C GLU A 393 39.01 8.02 6.38
N ALA A 394 39.24 6.87 7.03
CA ALA A 394 38.22 5.85 7.20
C ALA A 394 37.02 6.35 8.02
N VAL A 395 37.30 7.04 9.12
CA VAL A 395 36.24 7.63 9.95
C VAL A 395 35.45 8.66 9.13
N ARG A 396 36.18 9.55 8.47
CA ARG A 396 35.57 10.60 7.66
C ARG A 396 34.72 10.03 6.54
N MET A 397 35.19 8.94 5.95
CA MET A 397 34.46 8.29 4.87
C MET A 397 33.14 7.72 5.36
N GLN A 398 33.17 7.03 6.50
CA GLN A 398 31.95 6.52 7.11
C GLN A 398 30.99 7.66 7.41
N HIS A 399 31.52 8.76 7.94
CA HIS A 399 30.73 9.95 8.20
C HIS A 399 29.99 10.37 6.93
N LEU A 400 30.77 10.54 5.86
CA LEU A 400 30.24 11.07 4.60
C LEU A 400 29.17 10.21 3.95
N ILE A 401 29.42 8.91 3.89
CA ILE A 401 28.48 7.97 3.27
C ILE A 401 27.20 7.86 4.09
N ALA A 402 27.36 7.73 5.40
CA ALA A 402 26.22 7.58 6.29
C ALA A 402 25.25 8.75 6.12
N ARG A 403 25.80 9.95 6.04
CA ARG A 403 25.01 11.16 5.86
C ARG A 403 24.25 11.15 4.53
N GLU A 404 24.92 10.72 3.46
CA GLU A 404 24.28 10.57 2.16
C GLU A 404 23.18 9.52 2.17
N ALA A 405 23.49 8.37 2.76
CA ALA A 405 22.55 7.26 2.85
C ALA A 405 21.32 7.66 3.63
N GLU A 406 21.50 8.44 4.69
CA GLU A 406 20.38 8.89 5.52
C GLU A 406 19.43 9.78 4.74
N ALA A 407 19.99 10.64 3.89
CA ALA A 407 19.19 11.49 2.99
C ALA A 407 18.39 10.64 2.00
N ALA A 408 18.97 9.51 1.61
CA ALA A 408 18.34 8.60 0.65
C ALA A 408 17.26 7.73 1.25
N ILE A 409 16.95 7.87 2.54
CA ILE A 409 15.96 7.02 3.16
C ILE A 409 14.55 7.48 2.81
N TYR A 410 13.71 6.49 2.55
CA TYR A 410 12.31 6.68 2.19
C TYR A 410 11.50 6.73 3.50
N HIS A 411 11.45 7.92 4.08
CA HIS A 411 10.95 8.09 5.45
C HIS A 411 9.47 7.84 5.60
N LEU A 412 8.69 8.19 4.58
CA LEU A 412 7.26 7.97 4.64
C LEU A 412 6.96 6.49 4.78
N GLN A 413 7.54 5.65 3.92
CA GLN A 413 7.28 4.20 4.00
C GLN A 413 7.80 3.59 5.31
N LEU A 414 8.95 4.06 5.79
CA LEU A 414 9.58 3.50 6.99
C LEU A 414 8.79 3.84 8.25
N PHE A 415 8.60 5.14 8.49
CA PHE A 415 7.81 5.60 9.63
C PHE A 415 6.42 4.99 9.60
N GLU A 416 5.77 5.05 8.45
CA GLU A 416 4.45 4.48 8.24
C GLU A 416 4.40 3.00 8.65
N GLU A 417 5.39 2.23 8.22
CA GLU A 417 5.48 0.81 8.59
C GLU A 417 5.78 0.59 10.07
N LEU A 418 6.53 1.52 10.69
CA LEU A 418 6.92 1.40 12.10
C LEU A 418 5.77 1.73 13.05
N ARG A 419 5.00 2.76 12.74
CA ARG A 419 3.79 3.08 13.48
C ARG A 419 2.79 1.93 13.38
N ARG A 420 2.56 1.49 12.15
CA ARG A 420 1.61 0.42 11.86
C ARG A 420 1.94 -0.85 12.64
N LEU A 421 3.23 -1.10 12.88
CA LEU A 421 3.69 -2.25 13.66
C LEU A 421 3.83 -1.97 15.16
N ALA A 422 3.63 -0.71 15.57
CA ALA A 422 3.80 -0.30 16.96
C ALA A 422 2.59 -0.68 17.81
N PRO A 423 2.81 -1.51 18.85
CA PRO A 423 1.70 -2.10 19.61
C PRO A 423 1.00 -1.10 20.53
N ILE A 424 -0.30 -0.91 20.32
CA ILE A 424 -1.10 -0.01 21.15
C ILE A 424 -0.79 -0.21 22.64
N THR A 425 -0.42 0.87 23.33
CA THR A 425 -0.07 0.81 24.74
C THR A 425 -0.35 2.17 25.41
N SER A 426 -0.70 2.12 26.69
CA SER A 426 -1.15 3.31 27.42
C SER A 426 -0.01 4.01 28.17
N ASP A 427 1.24 3.65 27.85
CA ASP A 427 2.41 4.40 28.32
C ASP A 427 2.38 5.78 27.66
N PRO A 428 2.38 6.85 28.47
CA PRO A 428 2.31 8.20 27.91
C PRO A 428 3.58 8.67 27.18
N THR A 429 4.75 8.25 27.65
CA THR A 429 6.02 8.56 26.98
C THR A 429 6.02 8.05 25.55
N GLU A 430 5.69 6.76 25.43
CA GLU A 430 5.55 6.08 24.15
C GLU A 430 4.67 6.89 23.18
N ALA A 431 3.45 7.21 23.62
CA ALA A 431 2.50 7.94 22.79
C ALA A 431 3.00 9.34 22.44
N THR A 432 3.60 10.02 23.41
CA THR A 432 4.17 11.35 23.21
C THR A 432 5.31 11.32 22.17
N ALA A 433 6.12 10.28 22.22
CA ALA A 433 7.21 10.11 21.26
C ALA A 433 6.71 10.04 19.82
N VAL A 434 5.74 9.16 19.58
CA VAL A 434 5.17 8.98 18.25
C VAL A 434 4.56 10.29 17.74
N GLY A 435 3.80 10.95 18.61
CA GLY A 435 3.20 12.23 18.27
C GLY A 435 4.21 13.26 17.83
N ALA A 436 5.33 13.32 18.55
CA ALA A 436 6.41 14.26 18.23
C ALA A 436 7.03 13.99 16.86
N VAL A 437 7.41 12.74 16.63
CA VAL A 437 7.98 12.31 15.34
C VAL A 437 7.04 12.70 14.21
N GLU A 438 5.77 12.34 14.38
CA GLU A 438 4.73 12.67 13.43
C GLU A 438 4.62 14.18 13.22
N ALA A 439 4.65 14.93 14.31
CA ALA A 439 4.61 16.39 14.25
C ALA A 439 5.87 16.94 13.59
N SER A 440 7.01 16.28 13.81
CA SER A 440 8.27 16.72 13.20
C SER A 440 8.23 16.67 11.67
N PHE A 441 7.72 15.56 11.11
CA PHE A 441 7.56 15.43 9.65
C PHE A 441 6.60 16.49 9.10
N LYS A 442 5.52 16.69 9.83
CA LYS A 442 4.44 17.57 9.41
C LYS A 442 4.87 19.02 9.22
N CYS A 443 5.75 19.53 10.09
CA CYS A 443 6.24 20.90 9.99
C CYS A 443 7.70 20.97 9.54
N ALA A 444 8.24 19.81 9.13
CA ALA A 444 9.63 19.70 8.73
C ALA A 444 10.51 20.41 9.75
N SER A 445 10.44 19.95 10.99
CA SER A 445 11.18 20.58 12.08
C SER A 445 12.70 20.48 11.87
N GLY A 446 13.41 21.48 12.40
CA GLY A 446 14.86 21.48 12.41
C GLY A 446 15.44 20.46 13.36
N ALA A 447 14.70 20.16 14.43
CA ALA A 447 15.10 19.12 15.39
C ALA A 447 13.96 18.73 16.32
N ILE A 448 14.14 17.61 17.02
CA ILE A 448 13.32 17.24 18.16
C ILE A 448 14.18 17.31 19.41
N ILE A 449 13.90 18.29 20.27
CA ILE A 449 14.63 18.45 21.52
C ILE A 449 13.95 17.62 22.61
N VAL A 450 14.72 16.81 23.33
CA VAL A 450 14.18 15.92 24.37
C VAL A 450 14.98 16.01 25.65
N LEU A 451 14.32 16.38 26.74
CA LEU A 451 14.94 16.34 28.08
C LEU A 451 14.77 14.95 28.64
N THR A 452 15.89 14.33 29.00
CA THR A 452 15.90 12.94 29.44
C THR A 452 17.02 12.70 30.48
N LYS A 453 16.67 11.96 31.53
CA LYS A 453 17.63 11.63 32.59
C LYS A 453 18.29 10.29 32.31
N SER A 454 17.48 9.26 32.11
CA SER A 454 17.97 7.89 31.86
C SER A 454 18.32 7.65 30.40
N GLY A 455 17.80 8.49 29.50
CA GLY A 455 17.98 8.32 28.07
C GLY A 455 16.74 7.78 27.37
N ARG A 456 15.86 7.11 28.12
CA ARG A 456 14.74 6.36 27.54
C ARG A 456 13.78 7.23 26.72
N SER A 457 13.49 8.43 27.18
CA SER A 457 12.60 9.33 26.44
C SER A 457 13.12 9.62 25.03
N ALA A 458 14.42 9.79 24.90
CA ALA A 458 15.05 10.01 23.60
C ALA A 458 15.10 8.74 22.77
N HIS A 459 15.37 7.60 23.43
CA HIS A 459 15.38 6.29 22.75
C HIS A 459 14.03 6.02 22.10
N GLN A 460 12.96 6.38 22.81
CA GLN A 460 11.60 6.20 22.33
C GLN A 460 11.26 7.06 21.12
N VAL A 461 11.87 8.22 20.98
CA VAL A 461 11.69 9.03 19.77
C VAL A 461 12.50 8.43 18.62
N ALA A 462 13.69 7.94 18.95
CA ALA A 462 14.61 7.40 17.95
C ALA A 462 14.05 6.19 17.21
N ARG A 463 13.34 5.31 17.93
CA ARG A 463 12.86 4.07 17.33
C ARG A 463 11.88 4.30 16.18
N TYR A 464 11.21 5.46 16.18
CA TYR A 464 10.27 5.81 15.11
C TYR A 464 10.94 6.60 13.98
N ARG A 465 12.26 6.80 14.08
CA ARG A 465 13.08 7.21 12.95
C ARG A 465 12.63 8.51 12.27
N PRO A 466 12.76 9.64 12.97
CA PRO A 466 12.47 10.92 12.33
C PRO A 466 13.57 11.33 11.36
N ARG A 467 13.22 12.21 10.42
CA ARG A 467 14.19 12.86 9.55
C ARG A 467 15.06 13.76 10.40
N ALA A 468 14.41 14.55 11.23
CA ALA A 468 15.09 15.54 12.04
C ALA A 468 15.98 14.92 13.10
N PRO A 469 17.05 15.62 13.49
CA PRO A 469 17.93 15.14 14.56
C PRO A 469 17.31 15.30 15.96
N ILE A 470 17.61 14.35 16.84
CA ILE A 470 17.10 14.36 18.20
C ILE A 470 18.18 14.88 19.15
N ILE A 471 18.03 16.11 19.61
CA ILE A 471 18.96 16.67 20.58
C ILE A 471 18.52 16.26 21.98
N ALA A 472 19.22 15.30 22.56
CA ALA A 472 18.89 14.79 23.89
C ALA A 472 19.66 15.55 24.96
N VAL A 473 18.96 16.37 25.74
CA VAL A 473 19.57 17.11 26.83
C VAL A 473 19.52 16.27 28.09
N THR A 474 20.65 16.21 28.80
CA THR A 474 20.75 15.43 30.04
C THR A 474 21.85 15.99 30.96
N ARG A 475 21.68 15.79 32.26
CA ARG A 475 22.73 16.09 33.23
C ARG A 475 23.53 14.84 33.59
N ASN A 476 23.03 13.67 33.19
CA ASN A 476 23.72 12.41 33.43
C ASN A 476 24.71 12.13 32.29
N PRO A 477 26.03 12.19 32.58
CA PRO A 477 27.01 12.04 31.52
C PRO A 477 27.13 10.62 30.97
N GLN A 478 26.61 9.62 31.68
CA GLN A 478 26.60 8.25 31.17
C GLN A 478 25.51 8.06 30.12
N THR A 479 24.33 8.63 30.35
CA THR A 479 23.24 8.49 29.39
C THR A 479 23.57 9.31 28.14
N ALA A 480 24.32 10.39 28.32
CA ALA A 480 24.84 11.16 27.20
C ALA A 480 25.74 10.29 26.32
N ARG A 481 26.65 9.56 26.95
CA ARG A 481 27.56 8.70 26.20
C ARG A 481 26.85 7.50 25.58
N GLN A 482 25.94 6.90 26.32
CA GLN A 482 25.18 5.74 25.84
C GLN A 482 24.16 6.09 24.74
N ALA A 483 23.81 7.37 24.65
CA ALA A 483 22.88 7.84 23.63
C ALA A 483 23.36 7.56 22.22
N HIS A 484 24.67 7.45 22.04
CA HIS A 484 25.25 7.23 20.71
C HIS A 484 24.84 5.89 20.06
N LEU A 485 24.40 4.93 20.87
CA LEU A 485 23.90 3.65 20.37
C LEU A 485 22.65 3.76 19.49
N TYR A 486 21.84 4.79 19.71
CA TYR A 486 20.56 4.96 19.03
C TYR A 486 20.70 5.96 17.87
N ARG A 487 20.11 5.64 16.72
CA ARG A 487 20.23 6.50 15.54
C ARG A 487 19.52 7.84 15.70
N GLY A 488 20.24 8.91 15.36
CA GLY A 488 19.65 10.23 15.31
C GLY A 488 19.67 11.02 16.60
N ILE A 489 20.19 10.43 17.68
CA ILE A 489 20.33 11.13 18.96
C ILE A 489 21.66 11.85 19.03
N PHE A 490 21.62 13.16 19.18
CA PHE A 490 22.80 13.96 19.44
C PHE A 490 22.81 14.29 20.93
N PRO A 491 23.61 13.56 21.71
CA PRO A 491 23.62 13.80 23.15
C PRO A 491 24.30 15.12 23.49
N VAL A 492 23.81 15.74 24.54
CA VAL A 492 24.19 17.09 24.91
C VAL A 492 24.18 17.16 26.44
N LEU A 493 25.36 17.33 27.03
CA LEU A 493 25.53 17.29 28.49
C LEU A 493 25.39 18.66 29.14
N CYS A 494 24.29 18.88 29.86
CA CYS A 494 24.09 20.12 30.61
C CYS A 494 24.92 20.07 31.88
N LYS A 495 25.86 21.01 31.98
CA LYS A 495 26.75 21.11 33.14
C LYS A 495 26.25 22.13 34.16
N ASP A 496 25.29 22.97 33.75
CA ASP A 496 24.67 23.95 34.65
C ASP A 496 24.00 23.26 35.84
N PRO A 497 23.96 23.95 37.01
CA PRO A 497 23.34 23.36 38.19
C PRO A 497 21.81 23.44 38.15
N VAL A 498 21.17 22.68 39.03
CA VAL A 498 19.71 22.56 39.03
C VAL A 498 19.04 23.80 39.63
N GLN A 499 18.20 24.47 38.83
CA GLN A 499 17.40 25.59 39.33
C GLN A 499 16.31 25.01 40.23
N GLU A 500 15.90 25.77 41.23
CA GLU A 500 14.90 25.28 42.18
C GLU A 500 13.53 25.24 41.51
N ALA A 501 13.19 26.32 40.81
CA ALA A 501 12.00 26.37 40.00
C ALA A 501 12.17 25.44 38.79
N TRP A 502 11.74 24.19 38.97
CA TRP A 502 11.78 23.17 37.90
C TRP A 502 11.23 23.65 36.54
N ALA A 503 10.35 24.65 36.55
CA ALA A 503 9.84 25.24 35.32
C ALA A 503 10.93 26.00 34.53
N GLU A 504 11.72 26.80 35.24
CA GLU A 504 12.83 27.54 34.62
C GLU A 504 14.04 26.65 34.39
N ASP A 505 14.14 25.58 35.18
CA ASP A 505 15.20 24.60 34.99
C ASP A 505 15.01 23.85 33.67
N VAL A 506 13.75 23.58 33.33
CA VAL A 506 13.40 23.06 32.02
C VAL A 506 13.79 24.10 30.96
N ASP A 507 13.25 25.31 31.09
CA ASP A 507 13.49 26.39 30.11
C ASP A 507 14.97 26.62 29.86
N LEU A 508 15.76 26.55 30.93
CA LEU A 508 17.20 26.69 30.83
C LEU A 508 17.75 25.59 29.93
N ARG A 509 17.39 24.35 30.26
CA ARG A 509 17.86 23.18 29.51
C ARG A 509 17.38 23.16 28.07
N VAL A 510 16.14 23.56 27.82
CA VAL A 510 15.64 23.69 26.47
C VAL A 510 16.43 24.74 25.68
N ASN A 511 16.68 25.88 26.31
CA ASN A 511 17.40 26.97 25.64
C ASN A 511 18.85 26.59 25.34
N PHE A 512 19.43 25.77 26.20
CA PHE A 512 20.77 25.25 26.00
C PHE A 512 20.84 24.45 24.70
N ALA A 513 19.89 23.53 24.54
CA ALA A 513 19.75 22.75 23.31
C ALA A 513 19.51 23.66 22.10
N MET A 514 18.67 24.66 22.31
CA MET A 514 18.37 25.64 21.28
C MET A 514 19.67 26.30 20.77
N ASN A 515 20.57 26.65 21.68
CA ASN A 515 21.87 27.22 21.32
C ASN A 515 22.80 26.21 20.66
N VAL A 516 22.77 24.97 21.12
CA VAL A 516 23.55 23.91 20.49
C VAL A 516 23.19 23.83 19.01
N GLY A 517 21.90 23.65 18.74
CA GLY A 517 21.42 23.50 17.38
C GLY A 517 21.80 24.65 16.47
N LYS A 518 21.68 25.87 16.97
CA LYS A 518 22.09 27.05 16.22
C LYS A 518 23.59 27.02 15.91
N ALA A 519 24.38 26.62 16.89
CA ALA A 519 25.84 26.56 16.76
C ALA A 519 26.28 25.48 15.78
N ARG A 520 25.76 24.27 15.96
CA ARG A 520 26.12 23.13 15.10
C ARG A 520 25.46 23.17 13.73
N GLY A 521 24.63 24.19 13.50
CA GLY A 521 24.04 24.43 12.18
C GLY A 521 22.84 23.57 11.83
N PHE A 522 22.09 23.12 12.84
CA PHE A 522 20.90 22.30 12.62
C PHE A 522 19.68 23.14 12.30
N PHE A 523 19.67 24.38 12.78
CA PHE A 523 18.58 25.30 12.50
C PHE A 523 18.96 26.74 12.84
N LYS A 524 18.13 27.66 12.38
CA LYS A 524 18.33 29.09 12.58
C LYS A 524 17.20 29.65 13.43
N LYS A 525 17.41 30.87 13.92
CA LYS A 525 16.34 31.63 14.53
C LYS A 525 15.19 31.72 13.53
N GLY A 526 13.97 31.51 14.01
CA GLY A 526 12.78 31.53 13.15
C GLY A 526 12.30 30.16 12.75
N ASP A 527 13.21 29.19 12.64
CA ASP A 527 12.84 27.81 12.35
C ASP A 527 11.92 27.23 13.42
N VAL A 528 11.32 26.09 13.10
CA VAL A 528 10.35 25.44 13.99
C VAL A 528 10.96 24.15 14.54
N VAL A 529 10.62 23.84 15.79
CA VAL A 529 11.30 22.80 16.56
C VAL A 529 10.34 22.13 17.54
N ILE A 530 10.48 20.81 17.66
CA ILE A 530 9.66 20.02 18.60
C ILE A 530 10.39 19.85 19.93
N VAL A 531 9.67 20.03 21.04
CA VAL A 531 10.26 19.94 22.39
C VAL A 531 9.50 18.94 23.26
N LEU A 532 10.22 17.97 23.84
CA LEU A 532 9.63 16.99 24.75
C LEU A 532 10.10 17.18 26.18
N THR A 533 9.15 17.42 27.08
CA THR A 533 9.43 17.62 28.50
C THR A 533 8.50 16.77 29.34
N GLY A 534 8.74 16.76 30.65
CA GLY A 534 7.84 16.08 31.59
C GLY A 534 6.95 17.08 32.30
N TRP A 535 6.14 16.56 33.22
CA TRP A 535 5.30 17.39 34.10
C TRP A 535 5.95 17.54 35.48
N ARG A 536 7.03 16.80 35.72
CA ARG A 536 7.76 16.84 36.99
C ARG A 536 9.09 16.09 36.88
N PRO A 537 10.01 16.26 37.87
CA PRO A 537 11.33 15.61 37.78
C PRO A 537 11.30 14.09 38.02
N GLY A 538 12.31 13.41 37.48
CA GLY A 538 12.44 11.95 37.57
C GLY A 538 12.20 11.27 36.24
N SER A 539 12.79 10.08 36.06
CA SER A 539 12.56 9.27 34.88
C SER A 539 11.12 8.75 34.85
N GLY A 540 10.56 8.63 33.64
CA GLY A 540 9.22 8.06 33.46
C GLY A 540 8.05 9.03 33.37
N PHE A 541 8.32 10.33 33.44
CA PHE A 541 7.24 11.32 33.46
C PHE A 541 7.22 12.23 32.23
N THR A 542 7.86 11.82 31.14
CA THR A 542 7.79 12.58 29.90
C THR A 542 6.42 12.39 29.27
N ASN A 543 5.70 13.49 29.07
CA ASN A 543 4.36 13.43 28.49
C ASN A 543 3.91 14.69 27.77
N THR A 544 4.84 15.58 27.43
CA THR A 544 4.47 16.93 26.97
C THR A 544 5.24 17.31 25.70
N MET A 545 4.51 17.52 24.61
CA MET A 545 5.12 17.92 23.35
C MET A 545 4.71 19.35 22.99
N ARG A 546 5.69 20.20 22.69
CA ARG A 546 5.42 21.57 22.29
C ARG A 546 6.12 21.86 20.96
N VAL A 547 5.39 22.51 20.04
CA VAL A 547 5.93 22.97 18.77
C VAL A 547 6.31 24.43 18.93
N VAL A 548 7.62 24.70 18.87
CA VAL A 548 8.16 25.96 19.34
C VAL A 548 9.09 26.57 18.29
N PRO A 549 9.00 27.90 18.08
CA PRO A 549 9.91 28.59 17.18
C PRO A 549 11.26 28.79 17.84
N VAL A 550 12.33 28.78 17.05
CA VAL A 550 13.66 29.00 17.58
C VAL A 550 13.80 30.51 17.81
N PRO A 551 14.03 30.93 19.05
CA PRO A 551 14.19 32.36 19.30
C PRO A 551 15.56 32.85 18.82
N THR B 35 -15.75 -4.69 20.89
CA THR B 35 -16.32 -3.31 20.96
C THR B 35 -15.74 -2.42 19.85
N GLN B 36 -16.63 -1.77 19.11
CA GLN B 36 -16.24 -0.77 18.11
C GLN B 36 -15.57 -1.39 16.88
N GLN B 37 -15.63 -2.72 16.76
CA GLN B 37 -15.01 -3.45 15.68
C GLN B 37 -13.51 -3.13 15.55
N LEU B 38 -12.80 -3.32 16.66
CA LEU B 38 -11.33 -3.20 16.68
C LEU B 38 -10.68 -4.38 15.96
N HIS B 39 -11.41 -5.49 15.87
CA HIS B 39 -10.98 -6.62 15.03
C HIS B 39 -11.00 -6.24 13.56
N ALA B 40 -12.06 -5.57 13.12
CA ALA B 40 -12.23 -5.16 11.72
C ALA B 40 -11.16 -4.17 11.26
N ALA B 41 -10.82 -3.20 12.10
CA ALA B 41 -9.88 -2.13 11.73
C ALA B 41 -8.38 -2.52 11.81
N MET B 42 -8.10 -3.78 12.15
CA MET B 42 -6.73 -4.30 12.20
C MET B 42 -6.25 -4.91 10.87
N ALA B 43 -7.19 -5.24 9.98
CA ALA B 43 -6.88 -5.98 8.74
C ALA B 43 -5.94 -5.22 7.81
N ASP B 44 -5.25 -5.96 6.93
CA ASP B 44 -4.28 -5.38 5.99
C ASP B 44 -4.88 -5.00 4.63
N THR B 45 -6.10 -5.45 4.37
CA THR B 45 -6.81 -5.10 3.13
C THR B 45 -8.22 -4.57 3.45
N PHE B 46 -8.76 -3.78 2.52
CA PHE B 46 -10.16 -3.34 2.61
C PHE B 46 -11.08 -4.57 2.63
N LEU B 47 -10.82 -5.50 1.71
CA LEU B 47 -11.63 -6.71 1.58
C LEU B 47 -11.63 -7.58 2.86
N GLU B 48 -10.48 -7.73 3.49
CA GLU B 48 -10.39 -8.46 4.75
C GLU B 48 -11.07 -7.67 5.88
N HIS B 49 -10.94 -6.34 5.85
CA HIS B 49 -11.66 -5.46 6.79
C HIS B 49 -13.17 -5.68 6.67
N MET B 50 -13.68 -5.65 5.44
CA MET B 50 -15.10 -5.93 5.17
C MET B 50 -15.51 -7.28 5.76
N CYS B 51 -14.77 -8.33 5.42
CA CYS B 51 -15.06 -9.70 5.86
C CYS B 51 -15.09 -9.85 7.38
N ARG B 52 -14.36 -8.98 8.08
CA ARG B 52 -14.27 -9.02 9.55
C ARG B 52 -15.33 -8.20 10.27
N LEU B 53 -16.28 -7.63 9.53
CA LEU B 53 -17.36 -6.86 10.15
C LEU B 53 -18.29 -7.78 10.94
N ASP B 54 -18.71 -7.30 12.10
CA ASP B 54 -19.38 -8.11 13.11
C ASP B 54 -20.57 -7.37 13.71
N ILE B 55 -21.77 -7.89 13.48
CA ILE B 55 -22.98 -7.27 14.00
C ILE B 55 -23.14 -7.42 15.53
N ASP B 56 -22.39 -8.35 16.12
CA ASP B 56 -22.45 -8.60 17.57
C ASP B 56 -21.35 -7.84 18.33
N SER B 57 -20.58 -7.03 17.61
CA SER B 57 -19.62 -6.11 18.22
C SER B 57 -20.26 -4.73 18.36
N PRO B 58 -20.70 -4.36 19.58
CA PRO B 58 -21.38 -3.07 19.77
C PRO B 58 -20.42 -1.88 19.69
N PRO B 59 -20.95 -0.67 19.39
CA PRO B 59 -20.09 0.51 19.24
C PRO B 59 -19.84 1.25 20.57
N ILE B 60 -19.05 2.31 20.51
CA ILE B 60 -18.84 3.19 21.67
C ILE B 60 -20.02 4.16 21.84
N THR B 61 -20.18 4.68 23.05
CA THR B 61 -21.34 5.55 23.36
C THR B 61 -21.27 6.90 22.63
N ALA B 62 -20.08 7.31 22.19
CA ALA B 62 -19.90 8.54 21.45
C ALA B 62 -20.32 8.39 19.99
N ARG B 63 -21.06 9.37 19.49
CA ARG B 63 -21.47 9.43 18.09
C ARG B 63 -20.94 10.73 17.51
N ASN B 64 -20.17 10.61 16.43
CA ASN B 64 -19.36 11.73 15.91
C ASN B 64 -19.98 12.53 14.78
N THR B 65 -20.71 11.86 13.90
CA THR B 65 -21.36 12.53 12.77
C THR B 65 -22.48 13.42 13.30
N GLY B 66 -22.44 14.70 12.95
CA GLY B 66 -23.46 15.65 13.37
C GLY B 66 -24.80 15.38 12.71
N ILE B 67 -25.88 15.76 13.37
CA ILE B 67 -27.23 15.55 12.85
C ILE B 67 -27.98 16.88 12.69
N ILE B 68 -28.36 17.19 11.46
CA ILE B 68 -29.04 18.45 11.14
C ILE B 68 -30.52 18.18 10.87
N CYS B 69 -31.40 18.82 11.65
CA CYS B 69 -32.84 18.59 11.53
C CYS B 69 -33.56 19.83 11.02
N THR B 70 -34.31 19.68 9.94
CA THR B 70 -35.15 20.76 9.43
C THR B 70 -36.37 20.89 10.33
N ILE B 71 -36.69 22.13 10.68
CA ILE B 71 -37.80 22.43 11.56
C ILE B 71 -39.02 22.85 10.75
N GLY B 72 -40.19 22.46 11.23
CA GLY B 72 -41.46 22.81 10.60
C GLY B 72 -42.59 22.44 11.52
N PRO B 73 -43.83 22.39 11.00
CA PRO B 73 -45.02 22.05 11.78
C PRO B 73 -44.82 20.93 12.81
N ALA B 74 -44.22 19.82 12.38
CA ALA B 74 -44.10 18.64 13.24
C ALA B 74 -43.09 18.80 14.37
N SER B 75 -42.18 19.79 14.28
CA SER B 75 -41.08 19.92 15.23
C SER B 75 -40.87 21.33 15.79
N ARG B 76 -41.81 22.24 15.55
CA ARG B 76 -41.65 23.65 15.92
C ARG B 76 -41.88 23.92 17.42
N SER B 77 -42.73 23.10 18.04
CA SER B 77 -43.08 23.28 19.45
C SER B 77 -41.87 23.09 20.37
N VAL B 78 -41.78 23.95 21.39
CA VAL B 78 -40.71 23.89 22.38
C VAL B 78 -40.63 22.50 23.02
N GLU B 79 -41.79 21.87 23.20
CA GLU B 79 -41.87 20.57 23.87
C GLU B 79 -41.19 19.46 23.06
N THR B 80 -41.39 19.44 21.75
CA THR B 80 -40.78 18.41 20.90
C THR B 80 -39.32 18.77 20.56
N LEU B 81 -39.02 20.06 20.48
CA LEU B 81 -37.63 20.52 20.30
C LEU B 81 -36.74 20.00 21.44
N LYS B 82 -37.26 20.03 22.67
CA LYS B 82 -36.54 19.49 23.83
C LYS B 82 -36.26 18.00 23.63
N GLU B 83 -37.28 17.28 23.20
CA GLU B 83 -37.16 15.84 22.94
C GLU B 83 -36.24 15.52 21.77
N MET B 84 -36.21 16.40 20.77
CA MET B 84 -35.32 16.25 19.62
C MET B 84 -33.86 16.51 19.97
N ILE B 85 -33.61 17.50 20.81
CA ILE B 85 -32.27 17.72 21.34
C ILE B 85 -31.79 16.46 22.04
N LYS B 86 -32.65 15.87 22.88
CA LYS B 86 -32.34 14.65 23.60
C LYS B 86 -32.14 13.45 22.69
N SER B 87 -32.89 13.38 21.61
CA SER B 87 -32.78 12.29 20.64
C SER B 87 -31.50 12.35 19.80
N GLY B 88 -30.90 13.55 19.71
CA GLY B 88 -29.62 13.72 19.02
C GLY B 88 -29.44 14.95 18.13
N MET B 89 -30.46 15.79 17.98
CA MET B 89 -30.35 16.95 17.11
C MET B 89 -29.20 17.86 17.56
N ASN B 90 -28.36 18.23 16.61
CA ASN B 90 -27.22 19.11 16.86
C ASN B 90 -27.39 20.47 16.18
N VAL B 91 -28.00 20.48 15.01
CA VAL B 91 -28.25 21.71 14.27
C VAL B 91 -29.71 21.77 13.87
N ALA B 92 -30.29 22.97 13.93
CA ALA B 92 -31.66 23.21 13.50
C ALA B 92 -31.66 24.01 12.20
N ARG B 93 -32.27 23.46 11.15
CA ARG B 93 -32.26 24.08 9.83
C ARG B 93 -33.55 24.82 9.61
N LEU B 94 -33.45 26.06 9.15
CA LEU B 94 -34.61 26.88 8.84
C LEU B 94 -34.69 27.07 7.34
N ASN B 95 -35.77 26.59 6.74
CA ASN B 95 -35.91 26.66 5.30
C ASN B 95 -36.60 27.97 4.86
N PHE B 96 -35.82 28.90 4.33
CA PHE B 96 -36.36 30.21 3.91
C PHE B 96 -37.00 30.20 2.51
N SER B 97 -37.16 29.03 1.90
CA SER B 97 -37.98 28.92 0.69
C SER B 97 -39.47 28.98 1.05
N HIS B 98 -39.76 28.86 2.35
CA HIS B 98 -41.12 28.97 2.89
C HIS B 98 -41.08 29.85 4.12
N GLY B 99 -42.24 30.36 4.51
CA GLY B 99 -42.37 31.09 5.78
C GLY B 99 -41.89 32.53 5.75
N THR B 100 -42.41 33.32 6.67
CA THR B 100 -42.05 34.74 6.77
C THR B 100 -40.93 34.94 7.78
N HIS B 101 -40.39 36.14 7.84
CA HIS B 101 -39.38 36.49 8.84
C HIS B 101 -39.93 36.36 10.26
N GLU B 102 -41.22 36.68 10.42
CA GLU B 102 -41.91 36.57 11.71
C GLU B 102 -42.00 35.10 12.15
N TYR B 103 -42.33 34.22 11.19
CA TYR B 103 -42.40 32.78 11.44
C TYR B 103 -41.06 32.24 11.93
N HIS B 104 -40.02 32.49 11.14
CA HIS B 104 -38.69 31.97 11.44
C HIS B 104 -38.14 32.51 12.75
N ALA B 105 -38.38 33.80 13.01
CA ALA B 105 -38.00 34.43 14.28
C ALA B 105 -38.53 33.65 15.47
N GLU B 106 -39.77 33.18 15.38
CA GLU B 106 -40.38 32.42 16.46
C GLU B 106 -39.80 31.02 16.58
N THR B 107 -39.52 30.39 15.44
CA THR B 107 -38.86 29.09 15.45
C THR B 107 -37.54 29.17 16.21
N ILE B 108 -36.75 30.19 15.88
CA ILE B 108 -35.44 30.41 16.53
C ILE B 108 -35.61 30.58 18.05
N LYS B 109 -36.54 31.45 18.41
CA LYS B 109 -36.96 31.65 19.80
C LYS B 109 -37.15 30.32 20.53
N ASN B 110 -37.93 29.43 19.93
CA ASN B 110 -38.23 28.14 20.54
C ASN B 110 -37.03 27.21 20.62
N VAL B 111 -36.25 27.16 19.55
CA VAL B 111 -35.00 26.38 19.54
C VAL B 111 -34.13 26.82 20.73
N ARG B 112 -33.95 28.13 20.87
CA ARG B 112 -33.14 28.67 21.94
C ARG B 112 -33.75 28.45 23.34
N THR B 113 -35.08 28.50 23.43
CA THR B 113 -35.78 28.18 24.67
C THR B 113 -35.49 26.74 25.09
N ALA B 114 -35.79 25.81 24.19
CA ALA B 114 -35.59 24.39 24.43
C ALA B 114 -34.14 24.06 24.73
N THR B 115 -33.23 24.69 23.99
CA THR B 115 -31.79 24.45 24.16
C THR B 115 -31.32 24.91 25.52
N GLU B 116 -31.66 26.15 25.86
CA GLU B 116 -31.27 26.72 27.14
C GLU B 116 -32.01 26.11 28.33
N SER B 117 -33.08 25.37 28.07
CA SER B 117 -33.77 24.63 29.13
C SER B 117 -32.85 23.62 29.83
N PHE B 118 -31.78 23.19 29.17
CA PHE B 118 -30.78 22.27 29.74
C PHE B 118 -29.54 22.98 30.31
N ALA B 119 -29.54 24.32 30.28
CA ALA B 119 -28.34 25.11 30.56
C ALA B 119 -27.94 25.10 32.03
N SER B 120 -28.88 24.76 32.92
CA SER B 120 -28.62 24.72 34.35
C SER B 120 -27.45 23.80 34.73
N ASP B 121 -27.28 22.71 33.98
CA ASP B 121 -26.19 21.76 34.19
C ASP B 121 -25.20 21.83 33.02
N PRO B 122 -24.13 22.63 33.14
CA PRO B 122 -23.24 22.85 32.00
C PRO B 122 -22.38 21.64 31.62
N ILE B 123 -22.31 20.64 32.49
CA ILE B 123 -21.66 19.38 32.15
C ILE B 123 -22.51 18.61 31.11
N LEU B 124 -23.83 18.61 31.28
CA LEU B 124 -24.74 17.88 30.38
C LEU B 124 -25.36 18.73 29.26
N TYR B 125 -25.10 20.03 29.26
CA TYR B 125 -25.67 20.94 28.26
C TYR B 125 -25.03 20.71 26.89
N ARG B 126 -25.87 20.39 25.90
CA ARG B 126 -25.43 20.23 24.52
C ARG B 126 -25.77 21.50 23.73
N PRO B 127 -24.75 22.20 23.21
CA PRO B 127 -25.04 23.30 22.30
C PRO B 127 -25.86 22.85 21.11
N VAL B 128 -26.59 23.77 20.51
CA VAL B 128 -27.44 23.49 19.37
C VAL B 128 -27.36 24.65 18.39
N ALA B 129 -26.88 24.40 17.18
CA ALA B 129 -26.67 25.47 16.22
C ALA B 129 -27.94 25.82 15.47
N VAL B 130 -27.98 27.03 14.94
CA VAL B 130 -29.07 27.52 14.10
C VAL B 130 -28.53 27.80 12.71
N ALA B 131 -29.23 27.28 11.70
CA ALA B 131 -28.76 27.37 10.31
C ALA B 131 -29.87 27.87 9.40
N LEU B 132 -29.52 28.84 8.56
CA LEU B 132 -30.44 29.48 7.63
C LEU B 132 -30.20 28.99 6.22
N ASP B 133 -31.13 28.21 5.68
CA ASP B 133 -31.09 27.81 4.28
C ASP B 133 -31.78 28.85 3.43
N THR B 134 -31.08 29.37 2.43
CA THR B 134 -31.66 30.41 1.56
C THR B 134 -32.72 29.83 0.63
N LYS B 135 -33.59 30.69 0.10
CA LYS B 135 -34.54 30.29 -0.94
C LYS B 135 -33.76 29.96 -2.21
N GLY B 136 -32.90 30.89 -2.60
CA GLY B 136 -32.10 30.76 -3.82
C GLY B 136 -32.94 31.08 -5.05
N PRO B 137 -32.38 30.82 -6.24
CA PRO B 137 -33.07 31.02 -7.52
C PRO B 137 -33.98 29.87 -7.89
N GLU B 138 -34.95 29.56 -7.01
CA GLU B 138 -35.85 28.45 -7.28
C GLU B 138 -37.10 28.90 -8.02
N ILE B 139 -37.61 28.00 -8.86
CA ILE B 139 -38.80 28.22 -9.66
C ILE B 139 -39.92 27.43 -8.99
N ARG B 140 -41.07 28.07 -8.80
CA ARG B 140 -42.23 27.41 -8.20
C ARG B 140 -43.50 27.69 -9.01
N THR B 141 -44.47 26.79 -8.88
CA THR B 141 -45.78 26.95 -9.50
C THR B 141 -46.66 27.87 -8.66
N GLY B 142 -47.86 28.13 -9.15
CA GLY B 142 -48.85 28.91 -8.42
C GLY B 142 -49.77 28.00 -7.62
N LEU B 143 -50.91 28.55 -7.22
CA LEU B 143 -51.91 27.82 -6.44
C LEU B 143 -53.00 27.31 -7.37
N ILE B 144 -53.63 26.20 -6.99
CA ILE B 144 -54.61 25.55 -7.85
C ILE B 144 -55.98 26.25 -7.89
N LYS B 145 -56.71 26.24 -6.79
CA LYS B 145 -58.02 26.86 -6.74
C LYS B 145 -58.22 27.78 -5.54
N GLY B 146 -57.26 28.66 -5.30
CA GLY B 146 -57.29 29.51 -4.12
C GLY B 146 -57.09 28.69 -2.86
N SER B 147 -57.01 27.38 -3.05
CA SER B 147 -56.75 26.38 -2.03
C SER B 147 -55.24 26.11 -1.88
N GLY B 148 -54.74 26.16 -0.65
CA GLY B 148 -53.37 25.77 -0.34
C GLY B 148 -53.14 24.30 -0.64
N THR B 149 -54.08 23.46 -0.22
CA THR B 149 -54.06 22.02 -0.50
C THR B 149 -55.39 21.50 -1.05
N ALA B 150 -55.66 21.80 -2.31
CA ALA B 150 -56.52 21.00 -3.16
C ALA B 150 -55.55 20.43 -4.19
N GLU B 151 -55.93 19.42 -4.99
CA GLU B 151 -55.01 18.85 -6.01
C GLU B 151 -55.70 18.40 -7.30
N VAL B 152 -54.92 18.34 -8.37
CA VAL B 152 -55.40 18.05 -9.72
C VAL B 152 -54.64 16.88 -10.33
N GLU B 153 -55.37 15.91 -10.88
CA GLU B 153 -54.76 14.77 -11.55
C GLU B 153 -54.24 15.14 -12.94
N LEU B 154 -52.95 14.90 -13.17
CA LEU B 154 -52.35 15.05 -14.49
C LEU B 154 -52.08 13.66 -15.05
N LYS B 155 -52.53 13.43 -16.28
CA LYS B 155 -52.49 12.11 -16.90
C LYS B 155 -51.48 12.02 -18.04
N LYS B 156 -50.87 10.84 -18.17
CA LYS B 156 -49.90 10.58 -19.23
C LYS B 156 -50.54 10.78 -20.60
N GLY B 157 -49.92 11.63 -21.42
CA GLY B 157 -50.43 11.93 -22.76
C GLY B 157 -51.19 13.23 -22.86
N ALA B 158 -51.79 13.67 -21.75
CA ALA B 158 -52.59 14.88 -21.73
C ALA B 158 -51.76 16.14 -22.02
N THR B 159 -52.45 17.21 -22.43
CA THR B 159 -51.81 18.48 -22.71
C THR B 159 -51.86 19.37 -21.48
N LEU B 160 -50.88 20.24 -21.33
CA LEU B 160 -50.85 21.20 -20.24
C LEU B 160 -50.17 22.49 -20.70
N LYS B 161 -50.93 23.58 -20.69
CA LYS B 161 -50.43 24.88 -21.12
C LYS B 161 -49.82 25.61 -19.93
N ILE B 162 -48.56 26.04 -20.08
CA ILE B 162 -47.89 26.82 -19.05
C ILE B 162 -47.94 28.30 -19.41
N THR B 163 -48.36 29.13 -18.45
CA THR B 163 -48.48 30.59 -18.65
C THR B 163 -47.55 31.33 -17.70
N LEU B 164 -47.21 32.56 -18.05
CA LEU B 164 -46.61 33.51 -17.12
C LEU B 164 -47.57 34.64 -16.78
N ASP B 165 -48.74 34.62 -17.42
CA ASP B 165 -49.80 35.59 -17.21
C ASP B 165 -50.28 35.54 -15.76
N ASN B 166 -49.97 36.60 -15.02
CA ASN B 166 -50.27 36.70 -13.57
C ASN B 166 -51.74 36.55 -13.21
N ALA B 167 -52.61 36.61 -14.22
CA ALA B 167 -54.04 36.32 -14.04
C ALA B 167 -54.29 34.90 -13.54
N TYR B 168 -53.40 33.96 -13.88
CA TYR B 168 -53.59 32.55 -13.55
C TYR B 168 -52.77 32.05 -12.36
N MET B 169 -52.09 32.95 -11.64
CA MET B 169 -51.16 32.51 -10.58
C MET B 169 -51.83 31.84 -9.39
N GLU B 170 -53.14 32.00 -9.24
CA GLU B 170 -53.89 31.29 -8.21
C GLU B 170 -55.08 30.55 -8.84
N LYS B 171 -54.91 30.16 -10.09
CA LYS B 171 -55.96 29.50 -10.87
C LYS B 171 -55.41 28.34 -11.71
N CYS B 172 -54.41 27.63 -11.15
CA CYS B 172 -53.80 26.50 -11.84
C CYS B 172 -54.76 25.31 -11.87
N ASP B 173 -54.65 24.50 -12.92
CA ASP B 173 -55.46 23.28 -13.06
C ASP B 173 -54.80 22.32 -14.06
N GLU B 174 -55.53 21.30 -14.51
CA GLU B 174 -54.98 20.32 -15.45
C GLU B 174 -54.69 20.89 -16.84
N ASN B 175 -55.25 22.06 -17.15
CA ASN B 175 -55.08 22.68 -18.46
C ASN B 175 -54.14 23.90 -18.45
N ILE B 176 -54.17 24.70 -17.38
CA ILE B 176 -53.32 25.88 -17.28
C ILE B 176 -52.49 25.84 -16.00
N LEU B 177 -51.21 26.20 -16.11
CA LEU B 177 -50.29 26.19 -14.98
C LEU B 177 -49.39 27.42 -15.01
N TRP B 178 -49.31 28.14 -13.89
CA TRP B 178 -48.52 29.38 -13.79
C TRP B 178 -47.16 29.13 -13.12
N LEU B 179 -46.18 29.99 -13.42
CA LEU B 179 -44.81 29.88 -12.88
C LEU B 179 -44.18 31.20 -12.43
N ASP B 180 -43.24 31.10 -11.48
CA ASP B 180 -42.40 32.23 -11.04
C ASP B 180 -41.55 32.80 -12.16
N TYR B 181 -40.97 31.92 -12.96
CA TYR B 181 -39.82 32.26 -13.79
C TYR B 181 -40.20 33.02 -15.06
N LYS B 182 -39.78 34.29 -15.13
CA LYS B 182 -40.17 35.21 -16.19
C LYS B 182 -39.63 34.80 -17.55
N ASN B 183 -38.35 34.46 -17.60
CA ASN B 183 -37.68 34.20 -18.88
C ASN B 183 -37.71 32.72 -19.29
N ILE B 184 -38.61 31.93 -18.71
CA ILE B 184 -38.63 30.49 -19.01
C ILE B 184 -38.68 30.20 -20.52
N CYS B 185 -39.48 30.98 -21.25
CA CYS B 185 -39.64 30.79 -22.70
C CYS B 185 -38.34 31.03 -23.47
N LYS B 186 -37.51 31.95 -22.97
CA LYS B 186 -36.23 32.30 -23.60
C LYS B 186 -35.15 31.23 -23.46
N VAL B 187 -35.24 30.40 -22.41
CA VAL B 187 -34.16 29.46 -22.08
C VAL B 187 -34.59 27.99 -22.19
N VAL B 188 -35.66 27.72 -22.95
CA VAL B 188 -36.23 26.38 -23.07
C VAL B 188 -36.63 26.14 -24.53
N GLU B 189 -36.25 24.97 -25.06
CA GLU B 189 -36.53 24.60 -26.46
C GLU B 189 -37.82 23.80 -26.58
N VAL B 190 -38.25 23.57 -27.82
CA VAL B 190 -39.24 22.53 -28.09
C VAL B 190 -38.53 21.20 -27.92
N GLY B 191 -39.18 20.27 -27.22
CA GLY B 191 -38.58 18.98 -26.90
C GLY B 191 -37.88 18.95 -25.55
N SER B 192 -37.70 20.13 -24.93
CA SER B 192 -37.13 20.22 -23.60
C SER B 192 -38.04 19.55 -22.58
N LYS B 193 -37.44 19.05 -21.50
CA LYS B 193 -38.19 18.46 -20.40
C LYS B 193 -38.31 19.43 -19.21
N ILE B 194 -39.50 19.46 -18.61
CA ILE B 194 -39.77 20.28 -17.43
C ILE B 194 -40.28 19.36 -16.31
N TYR B 195 -39.77 19.56 -15.10
CA TYR B 195 -40.12 18.72 -13.96
C TYR B 195 -40.76 19.50 -12.83
N VAL B 196 -41.86 18.98 -12.32
CA VAL B 196 -42.63 19.60 -11.26
C VAL B 196 -42.70 18.62 -10.08
N ASP B 197 -42.54 19.15 -8.87
CA ASP B 197 -42.66 18.38 -7.62
C ASP B 197 -41.58 17.29 -7.51
N ASP B 198 -40.43 17.68 -6.97
CA ASP B 198 -39.31 16.79 -6.74
C ASP B 198 -39.05 15.80 -7.90
N GLY B 199 -39.20 16.30 -9.13
CA GLY B 199 -39.00 15.49 -10.34
C GLY B 199 -40.02 14.40 -10.60
N LEU B 200 -41.13 14.40 -9.87
CA LEU B 200 -42.12 13.32 -10.00
C LEU B 200 -43.06 13.50 -11.20
N ILE B 201 -43.40 14.74 -11.51
CA ILE B 201 -44.15 15.07 -12.72
C ILE B 201 -43.14 15.48 -13.80
N SER B 202 -43.31 14.98 -15.02
CA SER B 202 -42.45 15.36 -16.14
C SER B 202 -43.28 15.82 -17.35
N LEU B 203 -42.83 16.90 -17.99
CA LEU B 203 -43.52 17.49 -19.11
C LEU B 203 -42.55 17.66 -20.27
N GLN B 204 -43.01 17.43 -21.49
CA GLN B 204 -42.22 17.73 -22.68
C GLN B 204 -42.79 18.94 -23.40
N VAL B 205 -41.95 19.93 -23.70
CA VAL B 205 -42.38 21.14 -24.39
C VAL B 205 -42.60 20.85 -25.87
N LYS B 206 -43.83 21.05 -26.33
CA LYS B 206 -44.19 20.82 -27.72
C LYS B 206 -44.21 22.12 -28.53
N GLN B 207 -44.67 23.21 -27.93
CA GLN B 207 -44.78 24.50 -28.63
C GLN B 207 -44.37 25.68 -27.75
N LYS B 208 -43.26 26.32 -28.13
CA LYS B 208 -42.81 27.52 -27.47
C LYS B 208 -43.67 28.70 -27.91
N GLY B 209 -43.96 29.58 -26.96
CA GLY B 209 -44.68 30.83 -27.25
C GLY B 209 -43.86 32.02 -26.79
N ALA B 210 -44.52 33.17 -26.66
CA ALA B 210 -43.87 34.39 -26.19
C ALA B 210 -43.84 34.42 -24.67
N ASP B 211 -45.00 34.25 -24.06
CA ASP B 211 -45.12 34.16 -22.61
C ASP B 211 -45.92 32.93 -22.17
N PHE B 212 -45.99 31.92 -23.05
CA PHE B 212 -46.63 30.66 -22.73
C PHE B 212 -45.83 29.48 -23.30
N LEU B 213 -46.25 28.27 -22.94
CA LEU B 213 -45.71 27.02 -23.49
C LEU B 213 -46.84 26.00 -23.58
N VAL B 214 -46.76 25.10 -24.55
CA VAL B 214 -47.67 23.96 -24.60
C VAL B 214 -46.84 22.70 -24.42
N THR B 215 -47.27 21.86 -23.48
CA THR B 215 -46.51 20.68 -23.11
C THR B 215 -47.40 19.45 -23.13
N GLU B 216 -46.76 18.30 -23.32
CA GLU B 216 -47.41 17.01 -23.14
C GLU B 216 -46.94 16.42 -21.81
N VAL B 217 -47.88 15.96 -20.99
CA VAL B 217 -47.54 15.26 -19.75
C VAL B 217 -46.90 13.93 -20.12
N GLU B 218 -45.68 13.70 -19.66
CA GLU B 218 -45.01 12.41 -19.91
C GLU B 218 -45.40 11.41 -18.82
N ASN B 219 -44.84 11.53 -17.62
CA ASN B 219 -45.44 10.80 -16.49
C ASN B 219 -46.08 11.79 -15.52
N GLY B 220 -47.31 11.46 -15.12
CA GLY B 220 -48.16 12.38 -14.38
C GLY B 220 -48.24 12.05 -12.92
N GLY B 221 -49.42 12.28 -12.33
CA GLY B 221 -49.62 12.22 -10.89
C GLY B 221 -50.48 13.39 -10.47
N SER B 222 -50.67 13.58 -9.17
CA SER B 222 -51.46 14.71 -8.69
C SER B 222 -50.56 15.92 -8.42
N LEU B 223 -51.07 17.09 -8.77
CA LEU B 223 -50.30 18.33 -8.73
C LEU B 223 -50.85 19.22 -7.62
N GLY B 224 -49.99 19.62 -6.69
CA GLY B 224 -50.38 20.53 -5.62
C GLY B 224 -50.00 21.97 -5.92
N SER B 225 -49.92 22.78 -4.87
CA SER B 225 -49.65 24.21 -5.01
C SER B 225 -48.23 24.58 -4.60
N LYS B 226 -47.73 25.68 -5.16
CA LYS B 226 -46.40 26.20 -4.88
C LYS B 226 -45.33 25.11 -4.95
N LYS B 227 -45.37 24.33 -6.02
CA LYS B 227 -44.48 23.18 -6.20
C LYS B 227 -43.24 23.56 -6.97
N GLY B 228 -42.08 23.10 -6.51
CA GLY B 228 -40.80 23.43 -7.13
C GLY B 228 -40.68 22.87 -8.53
N VAL B 229 -40.08 23.65 -9.43
CA VAL B 229 -39.89 23.26 -10.84
C VAL B 229 -38.41 23.20 -11.17
N ASN B 230 -38.00 22.17 -11.91
CA ASN B 230 -36.63 22.02 -12.38
C ASN B 230 -36.56 22.00 -13.91
N LEU B 231 -35.51 22.61 -14.45
CA LEU B 231 -35.25 22.62 -15.88
C LEU B 231 -33.80 22.18 -16.13
N PRO B 232 -33.58 20.86 -16.16
CA PRO B 232 -32.22 20.40 -16.43
C PRO B 232 -31.81 20.68 -17.87
N GLY B 233 -30.51 20.84 -18.10
CA GLY B 233 -30.00 21.18 -19.43
C GLY B 233 -30.64 22.44 -19.98
N ALA B 234 -30.66 23.49 -19.15
CA ALA B 234 -31.19 24.79 -19.55
C ALA B 234 -30.43 25.87 -18.79
N ALA B 235 -29.97 26.89 -19.52
CA ALA B 235 -29.21 27.97 -18.91
C ALA B 235 -30.15 28.97 -18.27
N VAL B 236 -30.60 28.69 -17.04
CA VAL B 236 -31.49 29.60 -16.32
C VAL B 236 -30.68 30.81 -15.83
N ASP B 237 -31.24 32.00 -16.01
CA ASP B 237 -30.51 33.26 -15.77
C ASP B 237 -30.85 33.94 -14.44
N LEU B 238 -31.55 33.25 -13.54
CA LEU B 238 -31.87 33.79 -12.21
C LEU B 238 -30.59 33.94 -11.37
N PRO B 239 -30.48 35.03 -10.57
CA PRO B 239 -29.28 35.27 -9.77
C PRO B 239 -29.19 34.35 -8.57
N ALA B 240 -27.98 33.94 -8.22
CA ALA B 240 -27.79 33.08 -7.04
C ALA B 240 -28.23 33.79 -5.76
N VAL B 241 -28.18 35.12 -5.78
CA VAL B 241 -28.60 35.93 -4.62
C VAL B 241 -29.61 36.98 -5.07
N SER B 242 -30.89 36.70 -4.87
CA SER B 242 -31.97 37.62 -5.19
C SER B 242 -32.12 38.72 -4.13
N GLU B 243 -33.04 39.65 -4.38
CA GLU B 243 -33.36 40.72 -3.45
C GLU B 243 -33.93 40.13 -2.16
N LYS B 244 -34.81 39.14 -2.29
CA LYS B 244 -35.35 38.41 -1.14
C LYS B 244 -34.24 37.70 -0.37
N ASP B 245 -33.35 37.05 -1.10
CA ASP B 245 -32.24 36.34 -0.47
C ASP B 245 -31.39 37.28 0.39
N ILE B 246 -31.17 38.49 -0.10
CA ILE B 246 -30.39 39.50 0.65
C ILE B 246 -31.10 39.86 1.94
N GLN B 247 -32.37 40.21 1.85
CA GLN B 247 -33.18 40.50 3.04
C GLN B 247 -33.08 39.39 4.10
N ASP B 248 -33.17 38.14 3.64
CA ASP B 248 -33.12 36.97 4.53
C ASP B 248 -31.76 36.83 5.19
N LEU B 249 -30.70 37.02 4.41
CA LEU B 249 -29.34 36.94 4.93
C LEU B 249 -29.12 38.03 5.98
N LYS B 250 -29.53 39.25 5.67
CA LYS B 250 -29.45 40.37 6.62
C LYS B 250 -30.24 40.03 7.89
N PHE B 251 -31.41 39.42 7.71
CA PHE B 251 -32.22 38.93 8.82
C PHE B 251 -31.50 37.86 9.64
N GLY B 252 -30.81 36.97 8.95
CA GLY B 252 -29.99 35.96 9.61
C GLY B 252 -28.92 36.57 10.50
N VAL B 253 -28.29 37.66 10.04
CA VAL B 253 -27.25 38.34 10.82
C VAL B 253 -27.88 38.92 12.08
N GLU B 254 -28.99 39.64 11.89
CA GLU B 254 -29.79 40.17 12.99
C GLU B 254 -30.09 39.10 14.03
N GLN B 255 -30.61 37.96 13.57
CA GLN B 255 -31.03 36.88 14.47
C GLN B 255 -29.89 36.06 15.05
N ASP B 256 -28.65 36.34 14.65
CA ASP B 256 -27.47 35.73 15.23
C ASP B 256 -27.36 34.23 14.88
N VAL B 257 -27.70 33.89 13.64
CA VAL B 257 -27.59 32.50 13.17
C VAL B 257 -26.12 32.11 13.13
N ASP B 258 -25.86 30.79 13.19
CA ASP B 258 -24.51 30.26 13.23
C ASP B 258 -23.93 29.98 11.85
N MET B 259 -24.79 29.57 10.92
CA MET B 259 -24.34 29.24 9.57
C MET B 259 -25.39 29.51 8.51
N VAL B 260 -24.96 29.54 7.27
CA VAL B 260 -25.85 29.76 6.13
C VAL B 260 -25.68 28.65 5.12
N PHE B 261 -26.79 27.98 4.77
CA PHE B 261 -26.79 27.01 3.68
C PHE B 261 -27.26 27.73 2.42
N ALA B 262 -26.31 28.05 1.53
CA ALA B 262 -26.61 28.86 0.33
C ALA B 262 -27.05 27.98 -0.84
N SER B 263 -28.29 28.21 -1.31
CA SER B 263 -28.88 27.37 -2.37
C SER B 263 -28.36 27.69 -3.77
N PHE B 264 -28.25 26.63 -4.57
CA PHE B 264 -27.93 26.71 -6.00
C PHE B 264 -26.64 27.49 -6.33
N ILE B 265 -25.60 27.29 -5.54
CA ILE B 265 -24.30 27.91 -5.79
C ILE B 265 -23.71 27.31 -7.06
N ARG B 266 -23.55 28.15 -8.09
CA ARG B 266 -22.98 27.71 -9.36
C ARG B 266 -21.48 27.98 -9.46
N LYS B 267 -20.99 28.98 -8.72
CA LYS B 267 -19.58 29.39 -8.83
C LYS B 267 -19.07 30.23 -7.66
N ALA B 268 -17.75 30.32 -7.53
CA ALA B 268 -17.11 31.08 -6.44
C ALA B 268 -17.60 32.52 -6.35
N SER B 269 -17.87 33.15 -7.50
CA SER B 269 -18.40 34.51 -7.51
C SER B 269 -19.69 34.60 -6.69
N ASP B 270 -20.52 33.56 -6.79
CA ASP B 270 -21.77 33.50 -6.02
C ASP B 270 -21.51 33.43 -4.53
N VAL B 271 -20.51 32.66 -4.12
CA VAL B 271 -20.14 32.55 -2.70
C VAL B 271 -19.66 33.91 -2.19
N HIS B 272 -18.95 34.64 -3.04
CA HIS B 272 -18.44 35.96 -2.69
C HIS B 272 -19.56 36.98 -2.47
N GLU B 273 -20.62 36.90 -3.27
CA GLU B 273 -21.80 37.76 -3.07
C GLU B 273 -22.39 37.56 -1.69
N VAL B 274 -22.55 36.30 -1.29
CA VAL B 274 -23.07 35.96 0.03
C VAL B 274 -22.17 36.50 1.15
N ARG B 275 -20.86 36.33 1.01
CA ARG B 275 -19.88 36.90 1.95
C ARG B 275 -20.11 38.39 2.18
N LYS B 276 -20.18 39.13 1.08
CA LYS B 276 -20.36 40.58 1.11
C LYS B 276 -21.68 40.99 1.80
N VAL B 277 -22.77 40.29 1.50
CA VAL B 277 -24.07 40.59 2.11
C VAL B 277 -24.06 40.37 3.63
N LEU B 278 -23.45 39.27 4.08
CA LEU B 278 -23.27 39.04 5.51
C LEU B 278 -22.41 40.17 6.09
N GLY B 279 -21.36 40.54 5.37
CA GLY B 279 -20.53 41.70 5.71
C GLY B 279 -19.70 41.49 6.96
N GLU B 280 -19.24 42.59 7.54
CA GLU B 280 -18.42 42.57 8.74
C GLU B 280 -19.19 42.14 9.99
N LYS B 281 -20.47 42.48 10.06
CA LYS B 281 -21.28 42.06 11.19
C LYS B 281 -21.48 40.54 11.20
N GLY B 282 -21.69 39.96 10.02
CA GLY B 282 -21.88 38.51 9.87
C GLY B 282 -20.66 37.78 9.33
N LYS B 283 -19.47 38.24 9.69
CA LYS B 283 -18.24 37.68 9.13
C LYS B 283 -17.90 36.34 9.76
N ASN B 284 -18.34 36.09 10.99
CA ASN B 284 -18.10 34.80 11.65
C ASN B 284 -19.13 33.73 11.30
N ILE B 285 -20.20 34.11 10.60
CA ILE B 285 -21.21 33.16 10.17
C ILE B 285 -20.60 32.29 9.08
N LYS B 286 -20.63 30.98 9.27
CA LYS B 286 -20.08 30.03 8.30
C LYS B 286 -20.97 29.94 7.07
N ILE B 287 -20.36 29.96 5.88
CA ILE B 287 -21.09 29.72 4.64
C ILE B 287 -20.89 28.29 4.15
N ILE B 288 -21.98 27.55 4.09
CA ILE B 288 -22.01 26.22 3.48
C ILE B 288 -22.68 26.36 2.12
N SER B 289 -21.93 26.12 1.05
CA SER B 289 -22.49 26.15 -0.30
C SER B 289 -23.19 24.83 -0.63
N LYS B 290 -24.45 24.93 -1.04
CA LYS B 290 -25.22 23.77 -1.46
C LYS B 290 -24.98 23.50 -2.94
N ILE B 291 -24.54 22.29 -3.25
CA ILE B 291 -24.37 21.87 -4.64
C ILE B 291 -25.65 21.16 -5.10
N GLU B 292 -26.41 21.82 -5.97
CA GLU B 292 -27.74 21.37 -6.36
C GLU B 292 -27.89 21.21 -7.88
N ASN B 293 -26.82 21.43 -8.63
CA ASN B 293 -26.94 21.54 -10.08
C ASN B 293 -25.63 21.22 -10.82
N HIS B 294 -25.72 21.12 -12.15
CA HIS B 294 -24.60 20.61 -12.93
C HIS B 294 -23.38 21.52 -12.89
N GLU B 295 -23.61 22.82 -13.11
CA GLU B 295 -22.53 23.81 -13.08
C GLU B 295 -21.80 23.77 -11.74
N GLY B 296 -22.56 23.72 -10.65
CA GLY B 296 -21.99 23.63 -9.31
C GLY B 296 -21.01 22.49 -9.15
N VAL B 297 -21.32 21.34 -9.74
CA VAL B 297 -20.46 20.16 -9.66
C VAL B 297 -19.22 20.36 -10.52
N ARG B 298 -19.42 20.88 -11.74
CA ARG B 298 -18.31 21.17 -12.66
C ARG B 298 -17.30 22.12 -12.04
N ARG B 299 -17.80 23.17 -11.38
CA ARG B 299 -16.94 24.21 -10.79
C ARG B 299 -16.77 24.01 -9.29
N PHE B 300 -16.78 22.77 -8.84
CA PHE B 300 -16.81 22.46 -7.41
C PHE B 300 -15.58 22.98 -6.64
N ASP B 301 -14.39 22.83 -7.22
CA ASP B 301 -13.14 23.20 -6.52
C ASP B 301 -13.12 24.69 -6.20
N GLU B 302 -13.27 25.48 -7.25
CA GLU B 302 -13.55 26.92 -7.18
C GLU B 302 -14.40 27.26 -5.95
N ILE B 303 -15.53 26.56 -5.83
CA ILE B 303 -16.55 26.84 -4.82
C ILE B 303 -16.13 26.41 -3.43
N LEU B 304 -15.55 25.22 -3.33
CA LEU B 304 -15.07 24.72 -2.04
C LEU B 304 -14.07 25.69 -1.44
N GLU B 305 -13.19 26.23 -2.27
CA GLU B 305 -12.17 27.19 -1.84
C GLU B 305 -12.80 28.45 -1.23
N ALA B 306 -13.81 28.99 -1.92
CA ALA B 306 -14.52 30.17 -1.47
C ALA B 306 -15.36 29.92 -0.21
N SER B 307 -15.88 28.70 -0.08
CA SER B 307 -16.83 28.38 0.99
C SER B 307 -16.14 27.84 2.24
N ASP B 308 -16.82 27.94 3.38
CA ASP B 308 -16.36 27.33 4.63
C ASP B 308 -16.73 25.85 4.69
N GLY B 309 -17.75 25.46 3.92
CA GLY B 309 -18.20 24.08 3.89
C GLY B 309 -19.11 23.81 2.70
N ILE B 310 -19.55 22.56 2.57
CA ILE B 310 -20.33 22.13 1.43
C ILE B 310 -21.51 21.28 1.88
N MET B 311 -22.64 21.42 1.17
CA MET B 311 -23.76 20.50 1.31
C MET B 311 -23.99 19.79 -0.03
N VAL B 312 -24.06 18.46 0.02
CA VAL B 312 -24.46 17.67 -1.12
C VAL B 312 -25.98 17.63 -1.10
N ALA B 313 -26.60 18.57 -1.79
CA ALA B 313 -28.07 18.72 -1.79
C ALA B 313 -28.72 17.85 -2.87
N ARG B 314 -28.93 16.59 -2.53
CA ARG B 314 -29.37 15.57 -3.48
C ARG B 314 -30.76 15.78 -4.09
N GLY B 315 -31.63 16.51 -3.41
CA GLY B 315 -32.99 16.74 -3.88
C GLY B 315 -33.01 17.33 -5.28
N ASP B 316 -32.55 18.57 -5.39
CA ASP B 316 -32.44 19.24 -6.67
C ASP B 316 -31.36 18.62 -7.55
N LEU B 317 -30.25 18.20 -6.96
CA LEU B 317 -29.15 17.62 -7.72
C LEU B 317 -29.59 16.41 -8.52
N GLY B 318 -30.31 15.50 -7.86
CA GLY B 318 -30.79 14.28 -8.51
C GLY B 318 -31.82 14.48 -9.60
N ILE B 319 -32.38 15.69 -9.69
CA ILE B 319 -33.26 16.08 -10.79
C ILE B 319 -32.45 16.80 -11.87
N GLU B 320 -31.53 17.68 -11.42
CA GLU B 320 -30.76 18.53 -12.31
C GLU B 320 -29.72 17.73 -13.11
N ILE B 321 -29.23 16.65 -12.52
CA ILE B 321 -28.40 15.67 -13.25
C ILE B 321 -29.10 14.30 -13.20
N PRO B 322 -28.63 13.34 -14.02
CA PRO B 322 -29.25 12.03 -13.98
C PRO B 322 -29.15 11.41 -12.58
N ALA B 323 -30.23 10.81 -12.11
CA ALA B 323 -30.29 10.23 -10.75
C ALA B 323 -29.18 9.20 -10.49
N GLU B 324 -28.76 8.50 -11.54
CA GLU B 324 -27.75 7.44 -11.41
C GLU B 324 -26.38 7.99 -11.12
N LYS B 325 -26.17 9.27 -11.42
CA LYS B 325 -24.86 9.88 -11.27
C LYS B 325 -24.67 10.58 -9.92
N VAL B 326 -25.75 10.73 -9.14
CA VAL B 326 -25.68 11.42 -7.87
C VAL B 326 -24.61 10.82 -6.97
N PHE B 327 -24.64 9.50 -6.78
CA PHE B 327 -23.69 8.85 -5.85
C PHE B 327 -22.25 9.23 -6.17
N LEU B 328 -21.92 9.36 -7.45
CA LEU B 328 -20.59 9.78 -7.88
C LEU B 328 -20.28 11.18 -7.38
N ALA B 329 -21.21 12.09 -7.66
CA ALA B 329 -21.09 13.48 -7.20
C ALA B 329 -20.96 13.56 -5.70
N GLN B 330 -21.77 12.78 -4.99
CA GLN B 330 -21.72 12.72 -3.53
C GLN B 330 -20.34 12.33 -3.02
N LYS B 331 -19.81 11.21 -3.54
CA LYS B 331 -18.56 10.65 -3.04
C LYS B 331 -17.36 11.50 -3.43
N MET B 332 -17.41 12.07 -4.62
CA MET B 332 -16.37 12.99 -5.07
C MET B 332 -16.27 14.16 -4.11
N MET B 333 -17.40 14.82 -3.89
CA MET B 333 -17.46 16.01 -3.05
C MET B 333 -17.03 15.74 -1.60
N ILE B 334 -17.55 14.65 -1.02
CA ILE B 334 -17.18 14.29 0.35
C ILE B 334 -15.67 14.08 0.44
N GLY B 335 -15.12 13.33 -0.51
CA GLY B 335 -13.70 13.06 -0.55
C GLY B 335 -12.86 14.33 -0.60
N ARG B 336 -13.18 15.21 -1.55
CA ARG B 336 -12.44 16.46 -1.74
C ARG B 336 -12.56 17.39 -0.53
N CYS B 337 -13.73 17.39 0.10
CA CYS B 337 -13.94 18.13 1.34
C CYS B 337 -13.07 17.59 2.47
N ASN B 338 -12.95 16.27 2.57
CA ASN B 338 -12.11 15.65 3.59
C ASN B 338 -10.62 15.92 3.38
N ARG B 339 -10.21 15.97 2.12
CA ARG B 339 -8.87 16.42 1.74
C ARG B 339 -8.62 17.84 2.21
N ALA B 340 -9.54 18.72 1.87
CA ALA B 340 -9.42 20.14 2.19
C ALA B 340 -9.59 20.45 3.68
N GLY B 341 -10.21 19.54 4.42
CA GLY B 341 -10.45 19.73 5.85
C GLY B 341 -11.64 20.61 6.16
N LYS B 342 -12.54 20.75 5.19
CA LYS B 342 -13.75 21.55 5.35
C LYS B 342 -14.96 20.64 5.52
N PRO B 343 -15.98 21.10 6.30
CA PRO B 343 -17.14 20.25 6.56
C PRO B 343 -18.00 19.95 5.33
N VAL B 344 -18.54 18.73 5.29
CA VAL B 344 -19.45 18.33 4.23
C VAL B 344 -20.69 17.69 4.84
N ILE B 345 -21.84 18.02 4.26
CA ILE B 345 -23.14 17.58 4.74
C ILE B 345 -23.80 16.75 3.64
N CYS B 346 -24.27 15.56 4.00
CA CYS B 346 -25.11 14.77 3.10
C CYS B 346 -26.56 15.01 3.49
N ALA B 347 -27.38 15.38 2.50
CA ALA B 347 -28.61 16.11 2.78
C ALA B 347 -29.94 15.34 2.64
N THR B 348 -30.39 15.12 1.41
CA THR B 348 -31.83 14.96 1.20
C THR B 348 -32.33 13.53 0.99
N GLN B 349 -33.52 13.26 1.53
CA GLN B 349 -34.22 11.96 1.40
C GLN B 349 -33.51 10.77 2.02
N MET B 350 -32.71 11.01 3.06
CA MET B 350 -31.97 9.93 3.69
C MET B 350 -32.88 8.93 4.38
N LEU B 351 -34.04 9.38 4.87
CA LEU B 351 -35.03 8.50 5.49
C LEU B 351 -36.49 8.83 5.10
N GLU B 352 -36.72 9.14 3.81
CA GLU B 352 -38.06 9.58 3.35
C GLU B 352 -39.21 8.74 3.87
N SER B 353 -39.07 7.43 3.70
CA SER B 353 -40.02 6.44 4.21
C SER B 353 -40.62 6.86 5.55
N MET B 354 -39.75 7.33 6.45
CA MET B 354 -40.16 7.64 7.83
C MET B 354 -41.02 8.90 8.02
N ILE B 355 -41.31 9.62 6.95
CA ILE B 355 -42.31 10.68 6.99
C ILE B 355 -43.67 10.10 7.34
N LYS B 356 -43.98 8.93 6.79
CA LYS B 356 -45.25 8.25 7.02
C LYS B 356 -45.16 6.99 7.89
N LYS B 357 -43.96 6.40 8.01
CA LYS B 357 -43.79 5.13 8.74
C LYS B 357 -42.81 5.27 9.90
N PRO B 358 -42.96 4.42 10.94
CA PRO B 358 -42.08 4.52 12.12
C PRO B 358 -40.70 3.89 11.94
N ARG B 359 -40.49 3.23 10.81
CA ARG B 359 -39.27 2.52 10.56
C ARG B 359 -38.83 2.68 9.08
N PRO B 360 -37.52 2.80 8.81
CA PRO B 360 -37.11 3.13 7.46
C PRO B 360 -36.94 1.90 6.60
N THR B 361 -36.79 2.12 5.32
CA THR B 361 -36.52 1.04 4.37
C THR B 361 -35.09 0.56 4.53
N ARG B 362 -34.79 -0.56 3.91
CA ARG B 362 -33.44 -1.12 3.94
C ARG B 362 -32.46 -0.25 3.14
N ALA B 363 -32.96 0.34 2.05
CA ALA B 363 -32.18 1.27 1.25
C ALA B 363 -31.80 2.53 2.02
N GLU B 364 -32.69 2.94 2.92
CA GLU B 364 -32.49 4.17 3.69
C GLU B 364 -31.48 3.99 4.81
N GLY B 365 -31.55 2.86 5.50
CA GLY B 365 -30.53 2.54 6.49
C GLY B 365 -29.16 2.45 5.83
N SER B 366 -29.13 1.84 4.65
CA SER B 366 -27.92 1.72 3.83
C SER B 366 -27.36 3.08 3.48
N ASP B 367 -28.23 3.98 3.06
CA ASP B 367 -27.84 5.32 2.63
C ASP B 367 -27.12 6.09 3.73
N VAL B 368 -27.71 6.09 4.92
CA VAL B 368 -27.12 6.80 6.07
C VAL B 368 -25.75 6.23 6.39
N ALA B 369 -25.68 4.92 6.57
CA ALA B 369 -24.42 4.25 6.92
C ALA B 369 -23.34 4.57 5.91
N ASN B 370 -23.68 4.49 4.63
CA ASN B 370 -22.71 4.75 3.57
C ASN B 370 -22.26 6.21 3.52
N ALA B 371 -23.17 7.14 3.78
CA ALA B 371 -22.79 8.56 3.89
C ALA B 371 -21.72 8.79 4.96
N VAL B 372 -21.88 8.16 6.12
CA VAL B 372 -20.88 8.23 7.17
C VAL B 372 -19.57 7.60 6.70
N LEU B 373 -19.65 6.43 6.09
CA LEU B 373 -18.46 5.75 5.58
C LEU B 373 -17.80 6.54 4.45
N ASP B 374 -18.59 7.14 3.56
CA ASP B 374 -18.05 8.05 2.55
C ASP B 374 -17.18 9.12 3.23
N GLY B 375 -17.62 9.55 4.42
CA GLY B 375 -16.87 10.47 5.28
C GLY B 375 -17.57 11.79 5.56
N ALA B 376 -18.89 11.77 5.61
CA ALA B 376 -19.66 13.00 5.82
C ALA B 376 -19.53 13.49 7.26
N ASP B 377 -19.37 14.79 7.43
CA ASP B 377 -19.30 15.37 8.75
C ASP B 377 -20.67 15.39 9.41
N CYS B 378 -21.69 15.70 8.61
CA CYS B 378 -23.07 15.74 9.08
C CYS B 378 -24.03 15.04 8.14
N ILE B 379 -25.14 14.60 8.71
CA ILE B 379 -26.25 14.01 7.96
C ILE B 379 -27.49 14.84 8.27
N MET B 380 -28.43 14.89 7.33
CA MET B 380 -29.54 15.82 7.44
C MET B 380 -30.91 15.15 7.30
N LEU B 381 -31.90 15.75 7.96
CA LEU B 381 -33.29 15.36 7.80
C LEU B 381 -34.09 16.59 7.39
N SER B 382 -34.97 16.42 6.41
CA SER B 382 -35.79 17.50 5.89
C SER B 382 -37.26 17.23 6.22
N GLY B 383 -38.02 16.70 5.26
CA GLY B 383 -39.42 16.35 5.52
C GLY B 383 -39.60 15.42 6.71
N GLU B 384 -38.61 14.57 6.94
CA GLU B 384 -38.65 13.59 8.02
C GLU B 384 -38.92 14.25 9.38
N THR B 385 -38.40 15.45 9.59
CA THR B 385 -38.58 16.19 10.85
C THR B 385 -39.39 17.49 10.73
N ALA B 386 -39.42 18.08 9.54
CA ALA B 386 -40.18 19.33 9.33
C ALA B 386 -41.70 19.10 9.34
N LYS B 387 -42.15 17.99 8.75
CA LYS B 387 -43.59 17.75 8.58
C LYS B 387 -44.08 16.32 8.80
N GLY B 388 -43.19 15.36 9.00
CA GLY B 388 -43.59 13.95 9.06
C GLY B 388 -44.26 13.56 10.36
N ASP B 389 -44.73 12.32 10.42
CA ASP B 389 -45.42 11.79 11.59
C ASP B 389 -44.47 11.26 12.64
N TYR B 390 -43.20 11.10 12.31
CA TYR B 390 -42.23 10.44 13.20
C TYR B 390 -40.89 11.15 13.28
N PRO B 391 -40.90 12.44 13.67
CA PRO B 391 -39.65 13.22 13.72
C PRO B 391 -38.62 12.62 14.69
N LEU B 392 -39.06 12.21 15.87
CA LEU B 392 -38.14 11.70 16.89
C LEU B 392 -37.52 10.34 16.49
N GLU B 393 -38.33 9.45 15.93
CA GLU B 393 -37.84 8.15 15.51
C GLU B 393 -36.77 8.32 14.44
N ALA B 394 -37.01 9.24 13.52
CA ALA B 394 -36.07 9.54 12.45
C ALA B 394 -34.73 10.06 12.98
N VAL B 395 -34.77 11.00 13.92
CA VAL B 395 -33.54 11.52 14.53
C VAL B 395 -32.78 10.40 15.24
N ARG B 396 -33.51 9.63 16.04
CA ARG B 396 -32.92 8.52 16.78
C ARG B 396 -32.29 7.48 15.86
N MET B 397 -32.94 7.23 14.73
CA MET B 397 -32.45 6.25 13.78
C MET B 397 -31.14 6.72 13.17
N GLN B 398 -31.07 7.99 12.78
CA GLN B 398 -29.83 8.55 12.26
C GLN B 398 -28.74 8.43 13.29
N HIS B 399 -29.07 8.74 14.55
CA HIS B 399 -28.13 8.60 15.65
C HIS B 399 -27.56 7.20 15.66
N LEU B 400 -28.45 6.21 15.68
CA LEU B 400 -28.07 4.81 15.85
C LEU B 400 -27.19 4.28 14.73
N ILE B 401 -27.57 4.59 13.48
CA ILE B 401 -26.84 4.10 12.31
C ILE B 401 -25.47 4.77 12.23
N ALA B 402 -25.44 6.08 12.42
CA ALA B 402 -24.19 6.85 12.33
C ALA B 402 -23.15 6.27 13.27
N ARG B 403 -23.59 5.96 14.49
CA ARG B 403 -22.72 5.38 15.51
C ARG B 403 -22.17 4.02 15.10
N GLU B 404 -23.02 3.16 14.53
CA GLU B 404 -22.59 1.87 14.00
C GLU B 404 -21.62 2.02 12.84
N ALA B 405 -21.95 2.91 11.91
CA ALA B 405 -21.13 3.15 10.74
C ALA B 405 -19.75 3.66 11.13
N GLU B 406 -19.70 4.50 12.15
CA GLU B 406 -18.44 5.06 12.64
C GLU B 406 -17.52 3.99 13.18
N ALA B 407 -18.11 3.02 13.89
CA ALA B 407 -17.36 1.87 14.39
C ALA B 407 -16.80 1.03 13.24
N ALA B 408 -17.54 0.99 12.15
CA ALA B 408 -17.16 0.22 10.97
C ALA B 408 -16.08 0.89 10.11
N ILE B 409 -15.58 2.05 10.52
CA ILE B 409 -14.60 2.75 9.70
C ILE B 409 -13.20 2.14 9.88
N TYR B 410 -12.52 2.05 8.74
CA TYR B 410 -11.17 1.49 8.66
C TYR B 410 -10.18 2.63 8.90
N HIS B 411 -9.91 2.89 10.18
CA HIS B 411 -9.20 4.10 10.61
C HIS B 411 -7.75 4.15 10.21
N LEU B 412 -7.09 2.99 10.20
CA LEU B 412 -5.70 2.93 9.82
C LEU B 412 -5.52 3.39 8.38
N GLN B 413 -6.30 2.84 7.44
CA GLN B 413 -6.19 3.25 6.04
C GLN B 413 -6.57 4.73 5.82
N LEU B 414 -7.58 5.21 6.54
CA LEU B 414 -8.09 6.57 6.36
C LEU B 414 -7.08 7.60 6.88
N PHE B 415 -6.74 7.48 8.14
CA PHE B 415 -5.75 8.37 8.76
C PHE B 415 -4.45 8.34 7.97
N GLU B 416 -3.97 7.13 7.68
CA GLU B 416 -2.75 6.94 6.92
C GLU B 416 -2.79 7.68 5.58
N GLU B 417 -3.91 7.59 4.88
CA GLU B 417 -4.08 8.29 3.60
C GLU B 417 -4.19 9.81 3.77
N LEU B 418 -4.75 10.26 4.90
CA LEU B 418 -4.91 11.68 5.17
C LEU B 418 -3.60 12.38 5.56
N ARG B 419 -2.77 11.73 6.38
CA ARG B 419 -1.43 12.25 6.68
C ARG B 419 -0.63 12.32 5.40
N ARG B 420 -0.63 11.22 4.67
CA ARG B 420 0.14 11.09 3.44
C ARG B 420 -0.20 12.19 2.43
N LEU B 421 -1.46 12.63 2.43
CA LEU B 421 -1.92 13.73 1.58
C LEU B 421 -1.82 15.11 2.24
N ALA B 422 -1.41 15.16 3.52
CA ALA B 422 -1.33 16.42 4.27
C ALA B 422 -0.05 17.20 3.93
N PRO B 423 -0.20 18.43 3.40
CA PRO B 423 0.95 19.16 2.88
C PRO B 423 1.85 19.72 3.97
N ILE B 424 3.13 19.34 3.95
CA ILE B 424 4.11 19.85 4.92
C ILE B 424 3.99 21.37 5.08
N THR B 425 3.81 21.82 6.31
CA THR B 425 3.67 23.24 6.61
C THR B 425 4.19 23.55 8.01
N SER B 426 4.69 24.77 8.19
CA SER B 426 5.34 25.16 9.45
C SER B 426 4.39 25.80 10.47
N ASP B 427 3.09 25.71 10.22
CA ASP B 427 2.09 26.08 11.22
C ASP B 427 2.18 25.10 12.40
N PRO B 428 2.42 25.61 13.62
CA PRO B 428 2.53 24.72 14.78
C PRO B 428 1.22 24.03 15.20
N THR B 429 0.09 24.73 15.07
CA THR B 429 -1.22 24.16 15.41
C THR B 429 -1.47 22.91 14.59
N GLU B 430 -1.30 23.07 13.28
CA GLU B 430 -1.41 21.99 12.31
C GLU B 430 -0.60 20.77 12.73
N ALA B 431 0.70 20.97 12.98
CA ALA B 431 1.59 19.89 13.37
C ALA B 431 1.22 19.26 14.71
N THR B 432 0.81 20.09 15.67
CA THR B 432 0.35 19.63 16.98
C THR B 432 -0.89 18.75 16.85
N ALA B 433 -1.80 19.15 15.96
CA ALA B 433 -3.04 18.40 15.74
C ALA B 433 -2.75 16.97 15.27
N VAL B 434 -1.91 16.85 14.26
CA VAL B 434 -1.57 15.56 13.68
C VAL B 434 -0.90 14.68 14.72
N GLY B 435 0.03 15.27 15.47
CA GLY B 435 0.70 14.56 16.55
C GLY B 435 -0.25 14.01 17.58
N ALA B 436 -1.25 14.79 17.94
CA ALA B 436 -2.27 14.38 18.91
C ALA B 436 -3.08 13.20 18.42
N VAL B 437 -3.62 13.32 17.21
CA VAL B 437 -4.40 12.25 16.58
C VAL B 437 -3.59 10.97 16.57
N GLU B 438 -2.35 11.08 16.10
CA GLU B 438 -1.42 9.97 16.06
C GLU B 438 -1.19 9.37 17.44
N ALA B 439 -0.98 10.25 18.42
CA ALA B 439 -0.83 9.83 19.80
C ALA B 439 -2.11 9.17 20.34
N SER B 440 -3.26 9.67 19.90
CA SER B 440 -4.55 9.13 20.35
C SER B 440 -4.73 7.65 19.95
N PHE B 441 -4.41 7.33 18.70
CA PHE B 441 -4.45 5.93 18.22
C PHE B 441 -3.47 5.05 18.99
N LYS B 442 -2.28 5.60 19.22
CA LYS B 442 -1.18 4.87 19.82
C LYS B 442 -1.47 4.37 21.24
N CYS B 443 -2.17 5.18 22.04
CA CYS B 443 -2.55 4.78 23.40
C CYS B 443 -4.05 4.49 23.53
N ALA B 444 -4.75 4.44 22.40
CA ALA B 444 -6.19 4.23 22.37
C ALA B 444 -6.87 5.13 23.38
N SER B 445 -6.67 6.43 23.23
CA SER B 445 -7.18 7.39 24.19
C SER B 445 -8.70 7.38 24.25
N GLY B 446 -9.24 7.73 25.41
CA GLY B 446 -10.67 7.88 25.61
C GLY B 446 -11.21 9.12 24.91
N ALA B 447 -10.37 10.15 24.79
CA ALA B 447 -10.73 11.37 24.06
C ALA B 447 -9.51 12.24 23.77
N ILE B 448 -9.72 13.21 22.87
CA ILE B 448 -8.79 14.32 22.68
C ILE B 448 -9.47 15.59 23.16
N ILE B 449 -8.97 16.14 24.26
CA ILE B 449 -9.49 17.39 24.80
C ILE B 449 -8.74 18.55 24.17
N VAL B 450 -9.49 19.54 23.67
CA VAL B 450 -8.90 20.69 22.99
C VAL B 450 -9.50 21.99 23.50
N LEU B 451 -8.66 22.88 24.03
CA LEU B 451 -9.08 24.22 24.38
C LEU B 451 -8.98 25.10 23.13
N THR B 452 -10.09 25.73 22.77
CA THR B 452 -10.18 26.51 21.54
C THR B 452 -11.14 27.69 21.70
N LYS B 453 -10.73 28.85 21.20
CA LYS B 453 -11.56 30.05 21.26
C LYS B 453 -12.39 30.21 19.99
N SER B 454 -11.72 30.19 18.84
CA SER B 454 -12.37 30.35 17.53
C SER B 454 -12.95 29.05 17.00
N GLY B 455 -12.47 27.92 17.53
CA GLY B 455 -12.87 26.59 17.05
C GLY B 455 -11.81 25.92 16.19
N ARG B 456 -10.91 26.71 15.62
CA ARG B 456 -9.98 26.22 14.61
C ARG B 456 -9.05 25.10 15.10
N SER B 457 -8.58 25.20 16.34
CA SER B 457 -7.70 24.17 16.90
C SER B 457 -8.37 22.81 16.92
N ALA B 458 -9.66 22.79 17.22
CA ALA B 458 -10.44 21.55 17.22
C ALA B 458 -10.73 21.08 15.80
N HIS B 459 -11.02 22.03 14.90
CA HIS B 459 -11.25 21.70 13.48
C HIS B 459 -10.05 20.99 12.89
N GLN B 460 -8.86 21.46 13.25
CA GLN B 460 -7.61 20.88 12.79
C GLN B 460 -7.35 19.46 13.28
N VAL B 461 -7.85 19.10 14.46
CA VAL B 461 -7.77 17.73 14.94
C VAL B 461 -8.78 16.87 14.19
N ALA B 462 -9.96 17.43 13.96
CA ALA B 462 -11.06 16.72 13.31
C ALA B 462 -10.75 16.25 11.90
N ARG B 463 -10.02 17.06 11.13
CA ARG B 463 -9.77 16.74 9.73
C ARG B 463 -8.94 15.47 9.56
N TYR B 464 -8.17 15.11 10.59
CA TYR B 464 -7.36 13.89 10.56
C TYR B 464 -8.10 12.68 11.13
N ARG B 465 -9.36 12.88 11.50
CA ARG B 465 -10.29 11.78 11.77
C ARG B 465 -9.81 10.76 12.80
N PRO B 466 -9.70 11.16 14.06
CA PRO B 466 -9.39 10.19 15.11
C PRO B 466 -10.57 9.27 15.42
N ARG B 467 -10.28 8.11 15.99
CA ARG B 467 -11.30 7.22 16.55
C ARG B 467 -11.96 7.92 17.74
N ALA B 468 -11.10 8.44 18.61
CA ALA B 468 -11.55 9.06 19.85
C ALA B 468 -12.33 10.35 19.61
N PRO B 469 -13.28 10.67 20.51
CA PRO B 469 -14.04 11.90 20.40
C PRO B 469 -13.22 13.12 20.80
N ILE B 470 -13.49 14.24 20.14
CA ILE B 470 -12.80 15.50 20.38
C ILE B 470 -13.68 16.39 21.26
N ILE B 471 -13.33 16.50 22.54
CA ILE B 471 -14.06 17.41 23.43
C ILE B 471 -13.46 18.80 23.29
N ALA B 472 -14.18 19.69 22.60
CA ALA B 472 -13.71 21.05 22.39
C ALA B 472 -14.25 21.97 23.49
N VAL B 473 -13.37 22.42 24.38
CA VAL B 473 -13.74 23.36 25.43
C VAL B 473 -13.58 24.80 24.93
N THR B 474 -14.60 25.62 25.18
CA THR B 474 -14.60 27.01 24.74
C THR B 474 -15.50 27.86 25.61
N ARG B 475 -15.18 29.15 25.70
CA ARG B 475 -16.05 30.11 26.36
C ARG B 475 -16.92 30.84 25.35
N ASN B 476 -16.59 30.70 24.07
CA ASN B 476 -17.35 31.35 23.00
C ASN B 476 -18.51 30.46 22.58
N PRO B 477 -19.75 30.88 22.90
CA PRO B 477 -20.89 30.01 22.61
C PRO B 477 -21.22 29.85 21.13
N GLN B 478 -20.70 30.73 20.27
CA GLN B 478 -20.88 30.57 18.83
C GLN B 478 -19.98 29.49 18.26
N THR B 479 -18.73 29.42 18.72
CA THR B 479 -17.83 28.41 18.21
C THR B 479 -18.24 27.06 18.74
N ALA B 480 -18.85 27.05 19.92
CA ALA B 480 -19.45 25.84 20.46
C ALA B 480 -20.55 25.31 19.54
N ARG B 481 -21.43 26.20 19.09
CA ARG B 481 -22.52 25.81 18.20
C ARG B 481 -22.01 25.43 16.81
N GLN B 482 -21.06 26.19 16.28
CA GLN B 482 -20.49 25.92 14.95
C GLN B 482 -19.61 24.67 14.91
N ALA B 483 -19.16 24.21 16.07
CA ALA B 483 -18.34 23.00 16.18
C ALA B 483 -19.05 21.77 15.64
N HIS B 484 -20.38 21.78 15.68
CA HIS B 484 -21.18 20.64 15.20
C HIS B 484 -21.01 20.30 13.71
N LEU B 485 -20.55 21.27 12.91
CA LEU B 485 -20.24 21.03 11.49
C LEU B 485 -19.12 20.01 11.23
N TYR B 486 -18.19 19.88 12.18
CA TYR B 486 -17.01 19.02 12.00
C TYR B 486 -17.21 17.69 12.72
N ARG B 487 -16.84 16.60 12.06
CA ARG B 487 -17.04 15.28 12.63
C ARG B 487 -16.19 15.03 13.87
N GLY B 488 -16.83 14.53 14.91
CA GLY B 488 -16.12 14.05 16.10
C GLY B 488 -15.88 15.09 17.17
N ILE B 489 -16.30 16.33 16.91
CA ILE B 489 -16.18 17.40 17.90
C ILE B 489 -17.42 17.43 18.78
N PHE B 490 -17.22 17.24 20.07
CA PHE B 490 -18.28 17.44 21.06
C PHE B 490 -18.06 18.77 21.73
N PRO B 491 -18.82 19.80 21.32
CA PRO B 491 -18.57 21.11 21.90
C PRO B 491 -19.07 21.18 23.33
N VAL B 492 -18.36 21.98 24.12
CA VAL B 492 -18.57 22.03 25.56
C VAL B 492 -18.33 23.49 25.99
N LEU B 493 -19.40 24.15 26.46
CA LEU B 493 -19.36 25.58 26.76
C LEU B 493 -19.00 25.84 28.22
N CYS B 494 -17.79 26.35 28.45
CA CYS B 494 -17.37 26.74 29.79
C CYS B 494 -18.01 28.07 30.16
N LYS B 495 -18.83 28.03 31.20
CA LYS B 495 -19.52 29.22 31.69
C LYS B 495 -18.76 29.89 32.85
N ASP B 496 -17.80 29.17 33.43
CA ASP B 496 -16.97 29.71 34.52
C ASP B 496 -16.18 30.94 34.05
N PRO B 497 -15.90 31.88 34.99
CA PRO B 497 -15.20 33.11 34.62
C PRO B 497 -13.70 32.89 34.48
N VAL B 498 -13.02 33.84 33.86
CA VAL B 498 -11.60 33.71 33.56
C VAL B 498 -10.73 33.90 34.81
N GLN B 499 -9.94 32.88 35.16
CA GLN B 499 -8.98 32.99 36.25
C GLN B 499 -7.82 33.87 35.76
N GLU B 500 -7.20 34.61 36.67
CA GLU B 500 -6.12 35.52 36.25
C GLU B 500 -4.89 34.72 35.90
N ALA B 501 -4.55 33.74 36.75
CA ALA B 501 -3.48 32.81 36.46
C ALA B 501 -3.92 31.90 35.31
N TRP B 502 -3.59 32.33 34.09
CA TRP B 502 -3.89 31.57 32.87
C TRP B 502 -3.48 30.08 32.93
N ALA B 503 -2.52 29.74 33.78
CA ALA B 503 -2.13 28.33 34.00
C ALA B 503 -3.24 27.52 34.69
N GLU B 504 -3.84 28.09 35.73
CA GLU B 504 -4.95 27.44 36.44
C GLU B 504 -6.27 27.57 35.68
N ASP B 505 -6.37 28.61 34.85
CA ASP B 505 -7.53 28.80 33.99
C ASP B 505 -7.61 27.71 32.94
N VAL B 506 -6.45 27.31 32.44
CA VAL B 506 -6.34 26.13 31.59
C VAL B 506 -6.77 24.91 32.38
N ASP B 507 -6.11 24.66 33.51
CA ASP B 507 -6.38 23.48 34.35
C ASP B 507 -7.85 23.35 34.71
N LEU B 508 -8.48 24.49 35.00
CA LEU B 508 -9.90 24.52 35.29
C LEU B 508 -10.68 23.99 34.09
N ARG B 509 -10.40 24.58 32.93
CA ARG B 509 -11.09 24.21 31.70
C ARG B 509 -10.83 22.77 31.27
N VAL B 510 -9.60 22.30 31.44
CA VAL B 510 -9.27 20.91 31.16
C VAL B 510 -10.06 19.98 32.08
N ASN B 511 -10.11 20.31 33.37
CA ASN B 511 -10.81 19.50 34.34
C ASN B 511 -12.32 19.45 34.10
N PHE B 512 -12.86 20.55 33.59
CA PHE B 512 -14.27 20.65 33.22
C PHE B 512 -14.57 19.60 32.15
N ALA B 513 -13.75 19.57 31.11
CA ALA B 513 -13.87 18.57 30.04
C ALA B 513 -13.72 17.17 30.59
N MET B 514 -12.78 17.02 31.51
CA MET B 514 -12.52 15.74 32.16
C MET B 514 -13.81 15.23 32.84
N ASN B 515 -14.54 16.12 33.51
CA ASN B 515 -15.82 15.78 34.13
C ASN B 515 -16.93 15.50 33.13
N VAL B 516 -16.95 16.26 32.04
CA VAL B 516 -17.90 16.01 30.97
C VAL B 516 -17.76 14.57 30.48
N GLY B 517 -16.54 14.21 30.08
CA GLY B 517 -16.26 12.88 29.56
C GLY B 517 -16.65 11.76 30.50
N LYS B 518 -16.35 11.92 31.78
CA LYS B 518 -16.74 10.93 32.79
C LYS B 518 -18.26 10.81 32.89
N ALA B 519 -18.95 11.95 32.84
CA ALA B 519 -20.41 12.00 32.94
C ALA B 519 -21.08 11.38 31.72
N ARG B 520 -20.67 11.80 30.53
CA ARG B 520 -21.26 11.31 29.28
C ARG B 520 -20.78 9.90 28.92
N GLY B 521 -19.88 9.33 29.72
CA GLY B 521 -19.47 7.94 29.58
C GLY B 521 -18.42 7.69 28.51
N PHE B 522 -17.59 8.69 28.22
CA PHE B 522 -16.53 8.55 27.21
C PHE B 522 -15.28 7.89 27.79
N PHE B 523 -15.08 8.05 29.09
CA PHE B 523 -13.96 7.41 29.77
C PHE B 523 -14.15 7.41 31.28
N LYS B 524 -13.30 6.64 31.96
CA LYS B 524 -13.33 6.51 33.40
C LYS B 524 -12.05 7.07 34.01
N LYS B 525 -12.07 7.25 35.33
CA LYS B 525 -10.86 7.55 36.08
C LYS B 525 -9.84 6.46 35.80
N GLY B 526 -8.60 6.86 35.55
CA GLY B 526 -7.54 5.92 35.22
C GLY B 526 -7.24 5.81 33.72
N ASP B 527 -8.26 6.04 32.89
CA ASP B 527 -8.07 6.06 31.44
C ASP B 527 -7.07 7.13 31.02
N VAL B 528 -6.64 7.04 29.77
CA VAL B 528 -5.62 7.95 29.22
C VAL B 528 -6.28 8.86 28.19
N VAL B 529 -5.79 10.09 28.15
CA VAL B 529 -6.45 11.16 27.41
C VAL B 529 -5.42 12.16 26.85
N ILE B 530 -5.67 12.63 25.63
CA ILE B 530 -4.81 13.64 24.99
C ILE B 530 -5.38 15.04 25.23
N VAL B 531 -4.50 15.99 25.56
CA VAL B 531 -4.91 17.36 25.88
C VAL B 531 -4.13 18.37 25.03
N LEU B 532 -4.86 19.24 24.32
CA LEU B 532 -4.26 20.30 23.51
C LEU B 532 -4.50 21.68 24.09
N THR B 533 -3.41 22.37 24.41
CA THR B 533 -3.48 23.72 24.97
C THR B 533 -2.54 24.64 24.21
N GLY B 534 -2.60 25.93 24.54
CA GLY B 534 -1.65 26.90 24.00
C GLY B 534 -0.57 27.24 25.01
N TRP B 535 0.29 28.19 24.64
CA TRP B 535 1.32 28.73 25.53
C TRP B 535 0.88 30.08 26.10
N ARG B 536 -0.23 30.61 25.59
CA ARG B 536 -0.77 31.91 26.03
C ARG B 536 -2.19 32.12 25.45
N PRO B 537 -2.95 33.11 25.98
CA PRO B 537 -4.32 33.34 25.51
C PRO B 537 -4.43 33.96 24.12
N GLY B 538 -5.56 33.71 23.45
CA GLY B 538 -5.81 34.18 22.09
C GLY B 538 -5.83 33.06 21.06
N SER B 539 -6.52 33.28 19.95
CA SER B 539 -6.54 32.32 18.84
C SER B 539 -5.18 32.25 18.14
N GLY B 540 -4.81 31.06 17.68
CA GLY B 540 -3.59 30.87 16.90
C GLY B 540 -2.35 30.43 17.68
N PHE B 541 -2.48 30.20 18.99
CA PHE B 541 -1.31 29.86 19.80
C PHE B 541 -1.35 28.44 20.38
N THR B 542 -2.17 27.55 19.80
CA THR B 542 -2.18 26.16 20.23
C THR B 542 -0.94 25.46 19.71
N ASN B 543 -0.15 24.90 20.63
CA ASN B 543 1.09 24.22 20.25
C ASN B 543 1.57 23.17 21.26
N THR B 544 0.70 22.72 22.17
CA THR B 544 1.13 21.91 23.31
C THR B 544 0.23 20.67 23.49
N MET B 545 0.83 19.49 23.33
CA MET B 545 0.10 18.24 23.49
C MET B 545 0.60 17.50 24.72
N ARG B 546 -0.32 17.10 25.58
CA ARG B 546 0.01 16.33 26.78
C ARG B 546 -0.82 15.06 26.85
N VAL B 547 -0.16 13.94 27.16
CA VAL B 547 -0.84 12.66 27.39
C VAL B 547 -1.04 12.50 28.89
N VAL B 548 -2.31 12.51 29.30
CA VAL B 548 -2.66 12.70 30.70
C VAL B 548 -3.66 11.65 31.17
N PRO B 549 -3.47 11.12 32.39
CA PRO B 549 -4.45 10.18 32.95
C PRO B 549 -5.67 10.91 33.49
N VAL B 550 -6.83 10.27 33.42
CA VAL B 550 -8.07 10.85 33.93
C VAL B 550 -8.12 10.72 35.45
N PRO B 551 -8.35 11.83 36.17
CA PRO B 551 -8.42 11.83 37.62
C PRO B 551 -9.79 11.39 38.14
N GLN C 36 13.56 -21.18 -0.78
CA GLN C 36 13.44 -19.91 -1.57
C GLN C 36 12.81 -18.74 -0.78
N GLN C 37 12.66 -18.92 0.53
CA GLN C 37 12.05 -17.91 1.41
C GLN C 37 10.68 -17.47 0.93
N LEU C 38 9.80 -18.46 0.76
CA LEU C 38 8.39 -18.21 0.43
C LEU C 38 7.66 -17.63 1.65
N HIS C 39 8.19 -17.90 2.85
CA HIS C 39 7.71 -17.26 4.07
C HIS C 39 7.97 -15.75 4.05
N ALA C 40 9.18 -15.37 3.63
CA ALA C 40 9.60 -13.97 3.58
C ALA C 40 8.79 -13.13 2.59
N ALA C 41 8.51 -13.70 1.41
CA ALA C 41 7.81 -12.97 0.34
C ALA C 41 6.28 -12.87 0.51
N MET C 42 5.75 -13.42 1.60
CA MET C 42 4.32 -13.33 1.92
C MET C 42 3.93 -12.09 2.75
N ALA C 43 4.90 -11.47 3.39
CA ALA C 43 4.64 -10.37 4.34
C ALA C 43 3.97 -9.13 3.70
N ASP C 44 3.30 -8.34 4.52
CA ASP C 44 2.57 -7.15 4.04
C ASP C 44 3.39 -5.87 4.06
N THR C 45 4.56 -5.90 4.71
CA THR C 45 5.47 -4.76 4.76
C THR C 45 6.89 -5.18 4.38
N PHE C 46 7.68 -4.23 3.91
CA PHE C 46 9.11 -4.46 3.65
C PHE C 46 9.78 -4.89 4.95
N LEU C 47 9.50 -4.15 6.02
CA LEU C 47 10.11 -4.41 7.32
C LEU C 47 9.81 -5.81 7.86
N GLU C 48 8.56 -6.26 7.70
CA GLU C 48 8.18 -7.62 8.11
C GLU C 48 8.82 -8.66 7.19
N HIS C 49 8.93 -8.32 5.90
CA HIS C 49 9.65 -9.16 4.93
C HIS C 49 11.11 -9.35 5.37
N MET C 50 11.78 -8.24 5.69
CA MET C 50 13.14 -8.27 6.22
C MET C 50 13.24 -9.19 7.44
N CYS C 51 12.38 -8.94 8.44
CA CYS C 51 12.38 -9.72 9.69
C CYS C 51 12.19 -11.22 9.48
N ARG C 52 11.53 -11.59 8.38
CA ARG C 52 11.24 -13.00 8.08
C ARG C 52 12.32 -13.71 7.26
N LEU C 53 13.43 -13.04 7.00
CA LEU C 53 14.54 -13.66 6.26
C LEU C 53 15.19 -14.77 7.09
N ASP C 54 15.52 -15.87 6.40
CA ASP C 54 15.90 -17.13 7.04
C ASP C 54 17.12 -17.75 6.35
N ILE C 55 18.23 -17.86 7.07
CA ILE C 55 19.46 -18.43 6.51
C ILE C 55 19.38 -19.95 6.33
N ASP C 56 18.41 -20.59 6.98
CA ASP C 56 18.23 -22.05 6.88
C ASP C 56 17.18 -22.44 5.83
N SER C 57 16.65 -21.45 5.12
CA SER C 57 15.78 -21.67 3.99
C SER C 57 16.63 -21.62 2.70
N PRO C 58 16.95 -22.79 2.12
CA PRO C 58 17.82 -22.81 0.95
C PRO C 58 17.10 -22.33 -0.32
N PRO C 59 17.86 -21.87 -1.34
CA PRO C 59 17.24 -21.35 -2.55
C PRO C 59 16.95 -22.44 -3.60
N ILE C 60 16.37 -22.04 -4.72
CA ILE C 60 16.16 -22.95 -5.86
C ILE C 60 17.45 -23.12 -6.67
N THR C 61 17.53 -24.21 -7.43
CA THR C 61 18.75 -24.53 -8.18
C THR C 61 19.02 -23.52 -9.33
N ALA C 62 17.98 -22.83 -9.78
CA ALA C 62 18.11 -21.84 -10.84
C ALA C 62 18.66 -20.52 -10.30
N ARG C 63 19.62 -19.96 -11.03
CA ARG C 63 20.20 -18.66 -10.71
C ARG C 63 19.97 -17.74 -11.90
N ASN C 64 19.35 -16.60 -11.65
CA ASN C 64 18.82 -15.75 -12.70
C ASN C 64 19.71 -14.58 -13.14
N THR C 65 20.43 -13.98 -12.19
CA THR C 65 21.31 -12.87 -12.50
C THR C 65 22.48 -13.38 -13.33
N GLY C 66 22.71 -12.77 -14.49
CA GLY C 66 23.81 -13.16 -15.36
C GLY C 66 25.16 -12.80 -14.78
N ILE C 67 26.19 -13.53 -15.16
CA ILE C 67 27.55 -13.29 -14.66
C ILE C 67 28.51 -13.00 -15.81
N ILE C 68 29.11 -11.82 -15.78
CA ILE C 68 30.03 -11.36 -16.82
C ILE C 68 31.46 -11.41 -16.30
N CYS C 69 32.33 -12.18 -16.98
CA CYS C 69 33.72 -12.34 -16.54
C CYS C 69 34.69 -11.73 -17.53
N THR C 70 35.55 -10.85 -17.04
CA THR C 70 36.61 -10.28 -17.86
C THR C 70 37.70 -11.33 -18.02
N ILE C 71 38.17 -11.48 -19.27
CA ILE C 71 39.18 -12.46 -19.60
C ILE C 71 40.55 -11.81 -19.68
N GLY C 72 41.57 -12.55 -19.26
CA GLY C 72 42.95 -12.08 -19.28
C GLY C 72 43.87 -13.24 -18.98
N PRO C 73 45.14 -12.96 -18.66
CA PRO C 73 46.14 -13.99 -18.33
C PRO C 73 45.61 -15.16 -17.51
N ALA C 74 44.90 -14.87 -16.43
CA ALA C 74 44.46 -15.91 -15.50
C ALA C 74 43.35 -16.82 -16.04
N SER C 75 42.66 -16.38 -17.09
CA SER C 75 41.46 -17.09 -17.57
C SER C 75 41.41 -17.32 -19.09
N ARG C 76 42.51 -17.06 -19.79
CA ARG C 76 42.53 -17.10 -21.26
C ARG C 76 42.59 -18.52 -21.81
N SER C 77 43.21 -19.43 -21.07
CA SER C 77 43.40 -20.82 -21.51
C SER C 77 42.06 -21.53 -21.71
N VAL C 78 41.98 -22.32 -22.77
CA VAL C 78 40.79 -23.10 -23.09
C VAL C 78 40.39 -24.00 -21.90
N GLU C 79 41.39 -24.50 -21.18
CA GLU C 79 41.15 -25.41 -20.07
C GLU C 79 40.42 -24.74 -18.89
N THR C 80 40.82 -23.52 -18.54
CA THR C 80 40.15 -22.79 -17.44
C THR C 80 38.83 -22.15 -17.90
N LEU C 81 38.75 -21.75 -19.18
CA LEU C 81 37.50 -21.26 -19.76
C LEU C 81 36.40 -22.31 -19.65
N LYS C 82 36.74 -23.57 -19.90
CA LYS C 82 35.79 -24.67 -19.72
C LYS C 82 35.28 -24.74 -18.28
N GLU C 83 36.22 -24.63 -17.34
CA GLU C 83 35.90 -24.67 -15.92
C GLU C 83 35.10 -23.44 -15.47
N MET C 84 35.36 -22.29 -16.10
CA MET C 84 34.63 -21.06 -15.80
C MET C 84 33.20 -21.08 -16.31
N ILE C 85 33.01 -21.66 -17.50
CA ILE C 85 31.67 -21.90 -18.00
C ILE C 85 30.88 -22.75 -16.99
N LYS C 86 31.52 -23.83 -16.52
CA LYS C 86 30.91 -24.73 -15.55
C LYS C 86 30.64 -24.05 -14.20
N SER C 87 31.52 -23.15 -13.79
CA SER C 87 31.37 -22.41 -12.52
C SER C 87 30.26 -21.35 -12.57
N GLY C 88 29.89 -20.91 -13.78
CA GLY C 88 28.75 -20.01 -13.96
C GLY C 88 28.89 -18.89 -14.97
N MET C 89 30.05 -18.74 -15.61
CA MET C 89 30.24 -17.65 -16.55
C MET C 89 29.21 -17.71 -17.68
N ASN C 90 28.58 -16.57 -17.94
CA ASN C 90 27.57 -16.44 -19.00
C ASN C 90 28.05 -15.54 -20.13
N VAL C 91 28.82 -14.52 -19.80
CA VAL C 91 29.36 -13.59 -20.78
C VAL C 91 30.87 -13.45 -20.55
N ALA C 92 31.62 -13.36 -21.64
CA ALA C 92 33.05 -13.12 -21.60
C ALA C 92 33.35 -11.71 -22.08
N ARG C 93 34.00 -10.91 -21.23
CA ARG C 93 34.28 -9.50 -21.53
C ARG C 93 35.70 -9.36 -22.01
N LEU C 94 35.87 -8.65 -23.12
CA LEU C 94 37.19 -8.39 -23.69
C LEU C 94 37.49 -6.91 -23.52
N ASN C 95 38.55 -6.62 -22.77
CA ASN C 95 38.92 -5.23 -22.51
C ASN C 95 39.86 -4.66 -23.55
N PHE C 96 39.33 -3.83 -24.45
CA PHE C 96 40.14 -3.25 -25.53
C PHE C 96 40.95 -2.01 -25.12
N SER C 97 40.99 -1.69 -23.83
CA SER C 97 41.95 -0.69 -23.34
C SER C 97 43.36 -1.27 -23.29
N HIS C 98 43.45 -2.60 -23.43
CA HIS C 98 44.71 -3.32 -23.48
C HIS C 98 44.65 -4.34 -24.61
N GLY C 99 45.81 -4.83 -25.04
CA GLY C 99 45.89 -5.93 -26.01
C GLY C 99 45.65 -5.53 -27.46
N THR C 100 46.18 -6.35 -28.37
CA THR C 100 46.05 -6.11 -29.81
C THR C 100 44.84 -6.84 -30.38
N HIS C 101 44.52 -6.55 -31.64
CA HIS C 101 43.44 -7.26 -32.32
C HIS C 101 43.77 -8.75 -32.46
N GLU C 102 45.05 -9.07 -32.63
CA GLU C 102 45.53 -10.45 -32.70
C GLU C 102 45.27 -11.18 -31.38
N TYR C 103 45.60 -10.51 -30.28
CA TYR C 103 45.42 -11.06 -28.93
C TYR C 103 43.95 -11.41 -28.70
N HIS C 104 43.09 -10.42 -28.89
CA HIS C 104 41.66 -10.57 -28.64
C HIS C 104 41.02 -11.64 -29.55
N ALA C 105 41.45 -11.66 -30.82
CA ALA C 105 41.00 -12.68 -31.76
C ALA C 105 41.22 -14.08 -31.21
N GLU C 106 42.37 -14.30 -30.57
CA GLU C 106 42.69 -15.61 -30.02
C GLU C 106 41.87 -15.91 -28.76
N THR C 107 41.65 -14.89 -27.94
CA THR C 107 40.79 -15.05 -26.76
C THR C 107 39.42 -15.55 -27.20
N ILE C 108 38.86 -14.90 -28.21
CA ILE C 108 37.54 -15.24 -28.74
C ILE C 108 37.52 -16.69 -29.22
N LYS C 109 38.52 -17.02 -30.02
CA LYS C 109 38.76 -18.39 -30.49
C LYS C 109 38.61 -19.40 -29.35
N ASN C 110 39.32 -19.14 -28.24
CA ASN C 110 39.32 -20.04 -27.08
C ASN C 110 37.98 -20.11 -26.38
N VAL C 111 37.35 -18.94 -26.19
CA VAL C 111 36.02 -18.88 -25.59
C VAL C 111 35.08 -19.78 -26.40
N ARG C 112 35.10 -19.63 -27.72
CA ARG C 112 34.24 -20.41 -28.60
C ARG C 112 34.63 -21.89 -28.62
N THR C 113 35.92 -22.19 -28.53
CA THR C 113 36.37 -23.58 -28.40
C THR C 113 35.78 -24.22 -27.15
N ALA C 114 36.04 -23.59 -26.01
CA ALA C 114 35.59 -24.10 -24.71
C ALA C 114 34.08 -24.21 -24.66
N THR C 115 33.39 -23.21 -25.20
CA THR C 115 31.92 -23.17 -25.21
C THR C 115 31.36 -24.31 -26.03
N GLU C 116 31.86 -24.44 -27.26
CA GLU C 116 31.40 -25.49 -28.16
C GLU C 116 31.87 -26.88 -27.76
N SER C 117 32.82 -26.97 -26.83
CA SER C 117 33.22 -28.27 -26.27
C SER C 117 32.06 -29.01 -25.60
N PHE C 118 31.03 -28.26 -25.17
CA PHE C 118 29.83 -28.85 -24.57
C PHE C 118 28.67 -29.02 -25.56
N ALA C 119 28.91 -28.71 -26.83
CA ALA C 119 27.82 -28.63 -27.83
C ALA C 119 27.25 -29.99 -28.22
N SER C 120 28.00 -31.06 -27.99
CA SER C 120 27.57 -32.42 -28.30
C SER C 120 26.22 -32.78 -27.66
N ASP C 121 25.98 -32.26 -26.46
CA ASP C 121 24.72 -32.46 -25.74
C ASP C 121 23.92 -31.16 -25.66
N PRO C 122 22.99 -30.92 -26.62
CA PRO C 122 22.32 -29.63 -26.67
C PRO C 122 21.31 -29.37 -25.54
N ILE C 123 20.97 -30.41 -24.79
CA ILE C 123 20.18 -30.25 -23.57
C ILE C 123 21.01 -29.54 -22.48
N LEU C 124 22.29 -29.92 -22.34
CA LEU C 124 23.17 -29.36 -21.31
C LEU C 124 24.07 -28.20 -21.79
N TYR C 125 24.01 -27.88 -23.08
CA TYR C 125 24.84 -26.82 -23.65
C TYR C 125 24.37 -25.44 -23.19
N ARG C 126 25.26 -24.69 -22.53
CA ARG C 126 24.98 -23.32 -22.11
C ARG C 126 25.63 -22.36 -23.10
N PRO C 127 24.81 -21.54 -23.79
CA PRO C 127 25.41 -20.48 -24.59
C PRO C 127 26.27 -19.56 -23.76
N VAL C 128 27.24 -18.92 -24.41
CA VAL C 128 28.18 -18.02 -23.76
C VAL C 128 28.43 -16.82 -24.68
N ALA C 129 28.08 -15.63 -24.21
CA ALA C 129 28.16 -14.45 -25.06
C ALA C 129 29.56 -13.86 -25.05
N VAL C 130 29.88 -13.11 -26.11
CA VAL C 130 31.15 -12.39 -26.23
C VAL C 130 30.86 -10.90 -26.26
N ALA C 131 31.59 -10.15 -25.44
CA ALA C 131 31.34 -8.72 -25.27
C ALA C 131 32.63 -7.93 -25.40
N LEU C 132 32.56 -6.86 -26.19
CA LEU C 132 33.71 -5.99 -26.47
C LEU C 132 33.58 -4.69 -25.72
N ASP C 133 34.43 -4.49 -24.71
CA ASP C 133 34.50 -3.23 -24.00
C ASP C 133 35.50 -2.30 -24.70
N THR C 134 35.05 -1.10 -25.08
CA THR C 134 35.89 -0.15 -25.83
C THR C 134 36.96 0.46 -24.92
N LYS C 135 38.02 0.99 -25.52
CA LYS C 135 39.02 1.76 -24.76
C LYS C 135 38.38 3.03 -24.27
N GLY C 136 37.74 3.74 -25.20
CA GLY C 136 37.12 5.02 -24.91
C GLY C 136 38.15 6.13 -24.85
N PRO C 137 37.72 7.32 -24.42
CA PRO C 137 38.60 8.48 -24.24
C PRO C 137 39.38 8.45 -22.92
N GLU C 138 40.14 7.40 -22.69
CA GLU C 138 40.88 7.29 -21.42
C GLU C 138 42.28 7.88 -21.53
N ILE C 139 42.74 8.44 -20.41
CA ILE C 139 44.05 9.05 -20.27
C ILE C 139 44.92 8.07 -19.49
N ARG C 140 46.14 7.82 -19.98
CA ARG C 140 47.07 6.92 -19.31
C ARG C 140 48.46 7.55 -19.22
N THR C 141 49.24 7.09 -18.25
CA THR C 141 50.63 7.53 -18.08
C THR C 141 51.54 6.75 -19.02
N GLY C 142 52.83 7.09 -18.98
CA GLY C 142 53.84 6.36 -19.74
C GLY C 142 54.48 5.28 -18.90
N LEU C 143 55.64 4.80 -19.34
CA LEU C 143 56.38 3.75 -18.65
C LEU C 143 57.46 4.38 -17.80
N ILE C 144 57.74 3.80 -16.62
CA ILE C 144 58.77 4.27 -15.67
C ILE C 144 60.30 4.18 -15.95
N LYS C 145 60.78 3.02 -16.41
CA LYS C 145 62.13 2.83 -16.86
C LYS C 145 62.14 1.88 -18.05
N GLY C 146 63.33 1.53 -18.57
CA GLY C 146 63.43 0.57 -19.71
C GLY C 146 62.86 -0.81 -19.40
N SER C 147 62.57 -0.98 -18.11
CA SER C 147 61.67 -2.02 -17.59
C SER C 147 60.25 -1.48 -17.42
N GLY C 148 59.29 -2.09 -18.08
CA GLY C 148 57.88 -1.67 -17.97
C GLY C 148 57.29 -1.75 -16.57
N THR C 149 57.56 -2.86 -15.89
CA THR C 149 56.95 -3.20 -14.61
C THR C 149 58.01 -3.12 -13.50
N ALA C 150 58.45 -1.90 -13.23
CA ALA C 150 59.25 -1.50 -12.06
C ALA C 150 58.36 -0.46 -11.40
N GLU C 151 58.65 0.07 -10.19
CA GLU C 151 57.78 1.11 -9.58
C GLU C 151 58.54 2.19 -8.80
N VAL C 152 57.91 3.35 -8.64
CA VAL C 152 58.50 4.53 -8.02
C VAL C 152 57.63 5.03 -6.86
N GLU C 153 58.25 5.27 -5.72
CA GLU C 153 57.54 5.81 -4.55
C GLU C 153 57.28 7.30 -4.69
N LEU C 154 56.02 7.69 -4.60
CA LEU C 154 55.63 9.10 -4.56
C LEU C 154 55.21 9.44 -3.13
N LYS C 155 55.77 10.51 -2.59
CA LYS C 155 55.56 10.87 -1.18
C LYS C 155 54.69 12.12 -1.00
N LYS C 156 53.91 12.13 0.07
CA LYS C 156 53.05 13.26 0.41
C LYS C 156 53.89 14.52 0.60
N GLY C 157 53.54 15.58 -0.14
CA GLY C 157 54.25 16.85 -0.07
C GLY C 157 55.24 17.06 -1.20
N ALA C 158 55.75 15.97 -1.78
CA ALA C 158 56.75 16.04 -2.84
C ALA C 158 56.20 16.69 -4.11
N THR C 159 57.12 17.18 -4.95
CA THR C 159 56.75 17.80 -6.23
C THR C 159 56.81 16.77 -7.33
N LEU C 160 55.97 16.94 -8.35
CA LEU C 160 55.97 16.06 -9.51
C LEU C 160 55.60 16.86 -10.75
N LYS C 161 56.53 16.93 -11.70
CA LYS C 161 56.33 17.67 -12.94
C LYS C 161 55.70 16.75 -13.99
N ILE C 162 54.57 17.18 -14.56
CA ILE C 162 53.91 16.43 -15.63
C ILE C 162 54.27 17.05 -16.98
N THR C 163 54.70 16.20 -17.92
CA THR C 163 55.08 16.65 -19.25
C THR C 163 54.19 16.00 -20.31
N LEU C 164 54.11 16.64 -21.47
CA LEU C 164 53.57 16.01 -22.68
C LEU C 164 54.68 15.74 -23.70
N ASP C 165 55.89 16.18 -23.37
CA ASP C 165 57.07 15.98 -24.21
C ASP C 165 57.34 14.49 -24.39
N ASN C 166 57.14 14.01 -25.62
CA ASN C 166 57.26 12.59 -25.96
C ASN C 166 58.64 11.98 -25.68
N ALA C 167 59.63 12.82 -25.40
CA ALA C 167 60.94 12.37 -24.95
C ALA C 167 60.88 11.58 -23.64
N TYR C 168 59.89 11.89 -22.80
CA TYR C 168 59.77 11.27 -21.47
C TYR C 168 58.72 10.15 -21.37
N MET C 169 58.13 9.72 -22.49
CA MET C 169 57.02 8.77 -22.43
C MET C 169 57.39 7.37 -21.94
N GLU C 170 58.68 7.05 -21.93
CA GLU C 170 59.16 5.80 -21.35
C GLU C 170 60.26 6.07 -20.33
N LYS C 171 60.19 7.24 -19.70
CA LYS C 171 61.21 7.71 -18.75
C LYS C 171 60.57 8.39 -17.54
N CYS C 172 59.41 7.89 -17.13
CA CYS C 172 58.69 8.44 -15.98
C CYS C 172 59.43 8.09 -14.68
N ASP C 173 59.32 8.97 -13.69
CA ASP C 173 59.91 8.73 -12.36
C ASP C 173 59.23 9.63 -11.31
N GLU C 174 59.81 9.75 -10.12
CA GLU C 174 59.24 10.58 -9.05
C GLU C 174 59.23 12.09 -9.35
N ASN C 175 60.02 12.51 -10.34
CA ASN C 175 60.13 13.92 -10.70
C ASN C 175 59.44 14.30 -12.01
N ILE C 176 59.47 13.41 -13.01
CA ILE C 176 58.83 13.66 -14.30
C ILE C 176 57.85 12.55 -14.65
N LEU C 177 56.68 12.93 -15.17
CA LEU C 177 55.62 11.98 -15.53
C LEU C 177 54.95 12.38 -16.85
N TRP C 178 54.86 11.43 -17.78
CA TRP C 178 54.29 11.69 -19.11
C TRP C 178 52.83 11.22 -19.21
N LEU C 179 52.06 11.83 -20.13
CA LEU C 179 50.63 11.50 -20.32
C LEU C 179 50.18 11.42 -21.78
N ASP C 180 49.12 10.63 -22.02
CA ASP C 180 48.45 10.55 -23.32
C ASP C 180 47.86 11.88 -23.77
N TYR C 181 47.24 12.59 -22.83
CA TYR C 181 46.30 13.64 -23.16
C TYR C 181 46.96 14.94 -23.57
N LYS C 182 46.78 15.31 -24.85
CA LYS C 182 47.46 16.45 -25.45
C LYS C 182 47.04 17.78 -24.84
N ASN C 183 45.73 17.98 -24.69
CA ASN C 183 45.20 19.28 -24.26
C ASN C 183 45.03 19.39 -22.75
N ILE C 184 45.70 18.54 -21.97
CA ILE C 184 45.51 18.56 -20.51
C ILE C 184 45.71 19.96 -19.92
N CYS C 185 46.72 20.68 -20.39
CA CYS C 185 47.03 22.03 -19.89
C CYS C 185 45.90 23.03 -20.16
N LYS C 186 45.18 22.84 -21.27
CA LYS C 186 44.08 23.73 -21.66
C LYS C 186 42.82 23.57 -20.80
N VAL C 187 42.62 22.39 -20.22
CA VAL C 187 41.36 22.07 -19.52
C VAL C 187 41.55 21.84 -18.01
N VAL C 188 42.64 22.34 -17.45
CA VAL C 188 42.97 22.12 -16.04
C VAL C 188 43.50 23.42 -15.43
N GLU C 189 43.00 23.78 -14.26
CA GLU C 189 43.38 25.02 -13.57
C GLU C 189 44.51 24.78 -12.57
N VAL C 190 45.05 25.87 -12.02
CA VAL C 190 45.88 25.77 -10.83
C VAL C 190 44.93 25.47 -9.67
N GLY C 191 45.31 24.52 -8.83
CA GLY C 191 44.46 24.05 -7.74
C GLY C 191 43.60 22.85 -8.11
N SER C 192 43.56 22.51 -9.40
CA SER C 192 42.84 21.32 -9.86
C SER C 192 43.48 20.05 -9.29
N LYS C 193 42.68 19.01 -9.12
CA LYS C 193 43.16 17.71 -8.67
C LYS C 193 43.30 16.74 -9.83
N ILE C 194 44.39 15.97 -9.82
CA ILE C 194 44.64 14.93 -10.81
C ILE C 194 44.84 13.59 -10.10
N TYR C 195 44.21 12.53 -10.62
CA TYR C 195 44.26 11.21 -9.99
C TYR C 195 44.86 10.16 -10.89
N VAL C 196 45.65 9.25 -10.30
CA VAL C 196 46.20 8.10 -11.03
C VAL C 196 45.95 6.74 -10.33
N ASP C 197 46.05 5.66 -11.12
CA ASP C 197 45.95 4.28 -10.60
C ASP C 197 44.66 3.87 -9.85
N ASP C 198 43.50 4.18 -10.42
CA ASP C 198 42.22 3.97 -9.76
C ASP C 198 41.94 4.96 -8.61
N GLY C 199 42.32 6.22 -8.81
CA GLY C 199 42.15 7.26 -7.80
C GLY C 199 42.99 7.15 -6.54
N LEU C 200 43.98 6.25 -6.52
CA LEU C 200 44.77 6.03 -5.30
C LEU C 200 45.87 7.08 -5.10
N ILE C 201 46.46 7.56 -6.19
CA ILE C 201 47.40 8.68 -6.14
C ILE C 201 46.63 9.97 -6.45
N SER C 202 46.87 11.04 -5.69
CA SER C 202 46.24 12.33 -5.95
C SER C 202 47.27 13.45 -6.01
N LEU C 203 47.11 14.34 -7.00
CA LEU C 203 48.03 15.45 -7.22
C LEU C 203 47.26 16.75 -7.30
N GLN C 204 47.83 17.82 -6.75
CA GLN C 204 47.26 19.16 -6.90
C GLN C 204 48.12 19.99 -7.83
N VAL C 205 47.50 20.60 -8.84
CA VAL C 205 48.22 21.42 -9.81
C VAL C 205 48.57 22.76 -9.18
N LYS C 206 49.88 23.04 -9.10
CA LYS C 206 50.37 24.30 -8.53
C LYS C 206 50.71 25.32 -9.62
N GLN C 207 51.27 24.86 -10.74
CA GLN C 207 51.69 25.77 -11.81
C GLN C 207 51.37 25.22 -13.18
N LYS C 208 50.47 25.89 -13.89
CA LYS C 208 50.15 25.54 -15.26
C LYS C 208 51.24 26.06 -16.19
N GLY C 209 51.57 25.26 -17.21
CA GLY C 209 52.53 25.65 -18.25
C GLY C 209 51.89 25.57 -19.61
N ALA C 210 52.72 25.55 -20.65
CA ALA C 210 52.24 25.43 -22.03
C ALA C 210 52.02 23.97 -22.39
N ASP C 211 53.05 23.15 -22.18
CA ASP C 211 52.95 21.70 -22.38
C ASP C 211 53.45 20.92 -21.15
N PHE C 212 53.46 21.57 -19.99
CA PHE C 212 53.83 20.92 -18.74
C PHE C 212 52.92 21.37 -17.60
N LEU C 213 53.08 20.73 -16.44
CA LEU C 213 52.41 21.13 -15.20
C LEU C 213 53.33 20.84 -14.05
N VAL C 214 53.22 21.63 -12.98
CA VAL C 214 53.92 21.32 -11.73
C VAL C 214 52.86 21.03 -10.67
N THR C 215 53.02 19.90 -9.99
CA THR C 215 52.02 19.43 -9.03
C THR C 215 52.67 19.09 -7.71
N GLU C 216 51.87 19.15 -6.65
CA GLU C 216 52.25 18.62 -5.34
C GLU C 216 51.52 17.32 -5.12
N VAL C 217 52.24 16.28 -4.71
CA VAL C 217 51.62 15.00 -4.35
C VAL C 217 50.82 15.22 -3.07
N GLU C 218 49.53 14.93 -3.12
CA GLU C 218 48.69 15.03 -1.93
C GLU C 218 48.76 13.73 -1.13
N ASN C 219 48.08 12.68 -1.57
CA ASN C 219 48.40 11.34 -1.02
C ASN C 219 49.07 10.48 -2.08
N GLY C 220 50.16 9.84 -1.68
CA GLY C 220 51.06 9.17 -2.60
C GLY C 220 50.88 7.66 -2.58
N GLY C 221 51.99 6.95 -2.75
CA GLY C 221 52.01 5.51 -2.95
C GLY C 221 53.00 5.19 -4.06
N SER C 222 53.05 3.93 -4.48
CA SER C 222 53.95 3.54 -5.57
C SER C 222 53.24 3.64 -6.92
N LEU C 223 53.98 4.12 -7.92
CA LEU C 223 53.44 4.43 -9.24
C LEU C 223 54.00 3.44 -10.25
N GLY C 224 53.11 2.74 -10.96
CA GLY C 224 53.52 1.81 -12.01
C GLY C 224 53.44 2.44 -13.39
N SER C 225 53.37 1.59 -14.41
CA SER C 225 53.37 2.04 -15.80
C SER C 225 51.99 1.95 -16.46
N LYS C 226 51.77 2.79 -17.47
CA LYS C 226 50.52 2.82 -18.24
C LYS C 226 49.29 2.85 -17.33
N LYS C 227 49.34 3.73 -16.35
CA LYS C 227 48.29 3.82 -15.32
C LYS C 227 47.23 4.85 -15.71
N GLY C 228 45.96 4.49 -15.53
CA GLY C 228 44.85 5.36 -15.89
C GLY C 228 44.80 6.64 -15.07
N VAL C 229 44.48 7.75 -15.72
CA VAL C 229 44.40 9.07 -15.07
C VAL C 229 42.99 9.62 -15.15
N ASN C 230 42.51 10.21 -14.05
CA ASN C 230 41.20 10.86 -14.00
C ASN C 230 41.32 12.34 -13.65
N LEU C 231 40.47 13.14 -14.27
CA LEU C 231 40.41 14.59 -14.03
C LEU C 231 38.96 14.98 -13.76
N PRO C 232 38.51 14.78 -12.51
CA PRO C 232 37.14 15.18 -12.18
C PRO C 232 36.99 16.70 -12.21
N GLY C 233 35.78 17.17 -12.50
CA GLY C 233 35.52 18.60 -12.61
C GLY C 233 36.45 19.27 -13.62
N ALA C 234 36.54 18.67 -14.80
CA ALA C 234 37.32 19.22 -15.91
C ALA C 234 36.66 18.83 -17.23
N ALA C 235 36.49 19.80 -18.12
CA ALA C 235 35.85 19.54 -19.40
C ALA C 235 36.85 18.97 -20.39
N VAL C 236 37.08 17.65 -20.31
CA VAL C 236 38.02 16.96 -21.21
C VAL C 236 37.37 16.85 -22.59
N ASP C 237 38.14 17.16 -23.63
CA ASP C 237 37.60 17.29 -25.00
C ASP C 237 37.87 16.08 -25.89
N LEU C 238 38.32 14.97 -25.30
CA LEU C 238 38.54 13.73 -26.05
C LEU C 238 37.20 13.18 -26.54
N PRO C 239 37.16 12.63 -27.78
CA PRO C 239 35.92 12.13 -28.34
C PRO C 239 35.51 10.80 -27.72
N ALA C 240 34.20 10.58 -27.58
CA ALA C 240 33.71 9.33 -27.03
C ALA C 240 34.08 8.16 -27.93
N VAL C 241 34.27 8.44 -29.22
CA VAL C 241 34.66 7.42 -30.20
C VAL C 241 35.88 7.88 -31.01
N SER C 242 37.05 7.42 -30.60
CA SER C 242 38.31 7.75 -31.28
C SER C 242 38.49 6.92 -32.55
N GLU C 243 39.58 7.20 -33.26
CA GLU C 243 39.95 6.45 -34.45
C GLU C 243 40.22 4.98 -34.10
N LYS C 244 40.94 4.77 -32.99
CA LYS C 244 41.18 3.43 -32.47
C LYS C 244 39.88 2.73 -32.12
N ASP C 245 38.99 3.45 -31.43
CA ASP C 245 37.71 2.88 -31.03
C ASP C 245 36.92 2.39 -32.25
N ILE C 246 36.97 3.15 -33.34
CA ILE C 246 36.29 2.77 -34.58
C ILE C 246 36.85 1.46 -35.12
N GLN C 247 38.17 1.40 -35.26
CA GLN C 247 38.84 0.18 -35.72
C GLN C 247 38.42 -1.04 -34.89
N ASP C 248 38.36 -0.87 -33.58
CA ASP C 248 37.99 -1.95 -32.66
C ASP C 248 36.54 -2.39 -32.85
N LEU C 249 35.65 -1.41 -32.99
CA LEU C 249 34.23 -1.70 -33.22
C LEU C 249 34.03 -2.45 -34.53
N LYS C 250 34.68 -1.97 -35.58
CA LYS C 250 34.67 -2.65 -36.89
C LYS C 250 35.21 -4.07 -36.73
N PHE C 251 36.28 -4.23 -35.96
CA PHE C 251 36.85 -5.54 -35.62
C PHE C 251 35.85 -6.41 -34.87
N GLY C 252 35.12 -5.82 -33.95
CA GLY C 252 34.04 -6.52 -33.23
C GLY C 252 32.98 -7.06 -34.17
N VAL C 253 32.61 -6.29 -35.18
CA VAL C 253 31.61 -6.72 -36.16
C VAL C 253 32.14 -7.93 -36.93
N GLU C 254 33.37 -7.79 -37.43
CA GLU C 254 34.09 -8.88 -38.09
C GLU C 254 34.07 -10.16 -37.24
N GLN C 255 34.45 -10.04 -35.97
CA GLN C 255 34.57 -11.19 -35.08
C GLN C 255 33.23 -11.73 -34.57
N ASP C 256 32.13 -11.06 -34.91
CA ASP C 256 30.79 -11.56 -34.61
C ASP C 256 30.48 -11.50 -33.12
N VAL C 257 30.93 -10.43 -32.45
CA VAL C 257 30.66 -10.24 -31.03
C VAL C 257 29.16 -10.04 -30.83
N ASP C 258 28.69 -10.32 -29.61
CA ASP C 258 27.27 -10.23 -29.28
C ASP C 258 26.85 -8.86 -28.78
N MET C 259 27.74 -8.19 -28.05
CA MET C 259 27.44 -6.87 -27.49
C MET C 259 28.67 -5.98 -27.37
N VAL C 260 28.41 -4.69 -27.16
CA VAL C 260 29.47 -3.70 -27.01
C VAL C 260 29.26 -2.93 -25.72
N PHE C 261 30.27 -2.91 -24.86
CA PHE C 261 30.26 -2.06 -23.69
C PHE C 261 31.01 -0.76 -24.02
N ALA C 262 30.25 0.31 -24.26
CA ALA C 262 30.84 1.57 -24.73
C ALA C 262 31.29 2.46 -23.58
N SER C 263 32.59 2.75 -23.53
CA SER C 263 33.18 3.50 -22.42
C SER C 263 32.91 5.01 -22.47
N PHE C 264 32.72 5.58 -21.29
CA PHE C 264 32.63 7.03 -21.09
C PHE C 264 31.55 7.72 -21.94
N ILE C 265 30.39 7.08 -22.05
CA ILE C 265 29.26 7.68 -22.77
C ILE C 265 28.75 8.89 -21.99
N ARG C 266 28.87 10.07 -22.58
CA ARG C 266 28.42 11.31 -21.96
C ARG C 266 26.99 11.70 -22.39
N LYS C 267 26.58 11.27 -23.59
CA LYS C 267 25.29 11.70 -24.15
C LYS C 267 24.77 10.83 -25.28
N ALA C 268 23.49 10.95 -25.59
CA ALA C 268 22.84 10.17 -26.65
C ALA C 268 23.55 10.28 -28.00
N SER C 269 24.07 11.47 -28.30
CA SER C 269 24.82 11.67 -29.55
C SER C 269 25.98 10.67 -29.63
N ASP C 270 26.65 10.42 -28.51
CA ASP C 270 27.75 9.45 -28.44
C ASP C 270 27.29 8.03 -28.74
N VAL C 271 26.12 7.66 -28.22
CA VAL C 271 25.55 6.33 -28.48
C VAL C 271 25.25 6.20 -29.98
N HIS C 272 24.78 7.29 -30.59
CA HIS C 272 24.45 7.30 -32.01
C HIS C 272 25.69 7.11 -32.89
N GLU C 273 26.82 7.68 -32.50
CA GLU C 273 28.08 7.46 -33.22
C GLU C 273 28.44 5.98 -33.26
N VAL C 274 28.32 5.33 -32.11
CA VAL C 274 28.61 3.90 -32.00
C VAL C 274 27.67 3.06 -32.89
N ARG C 275 26.38 3.40 -32.87
CA ARG C 275 25.40 2.77 -33.77
C ARG C 275 25.84 2.80 -35.21
N LYS C 276 26.20 3.99 -35.66
CA LYS C 276 26.62 4.20 -37.04
C LYS C 276 27.84 3.38 -37.41
N VAL C 277 28.84 3.36 -36.53
CA VAL C 277 30.09 2.63 -36.80
C VAL C 277 29.82 1.14 -36.93
N LEU C 278 28.98 0.59 -36.05
CA LEU C 278 28.56 -0.80 -36.18
C LEU C 278 27.82 -1.00 -37.51
N GLY C 279 26.96 -0.04 -37.84
CA GLY C 279 26.28 0.00 -39.12
C GLY C 279 25.25 -1.10 -39.27
N GLU C 280 24.86 -1.36 -40.52
CA GLU C 280 23.86 -2.37 -40.84
C GLU C 280 24.37 -3.79 -40.63
N LYS C 281 25.67 -4.01 -40.83
CA LYS C 281 26.25 -5.34 -40.58
C LYS C 281 26.21 -5.68 -39.10
N GLY C 282 26.51 -4.69 -38.25
CA GLY C 282 26.50 -4.87 -36.80
C GLY C 282 25.27 -4.27 -36.13
N LYS C 283 24.13 -4.32 -36.79
CA LYS C 283 22.91 -3.69 -36.26
C LYS C 283 22.27 -4.52 -35.14
N ASN C 284 22.49 -5.83 -35.14
CA ASN C 284 21.96 -6.69 -34.10
C ASN C 284 22.85 -6.76 -32.87
N ILE C 285 24.05 -6.19 -32.95
CA ILE C 285 24.94 -6.13 -31.80
C ILE C 285 24.37 -5.14 -30.80
N LYS C 286 24.15 -5.61 -29.57
CA LYS C 286 23.58 -4.77 -28.51
C LYS C 286 24.61 -3.75 -28.02
N ILE C 287 24.17 -2.50 -27.86
CA ILE C 287 25.02 -1.48 -27.27
C ILE C 287 24.65 -1.24 -25.82
N ILE C 288 25.61 -1.51 -24.93
CA ILE C 288 25.49 -1.22 -23.52
C ILE C 288 26.35 0.02 -23.25
N SER C 289 25.71 1.12 -22.89
CA SER C 289 26.45 2.33 -22.54
C SER C 289 26.96 2.25 -21.10
N LYS C 290 28.26 2.46 -20.94
CA LYS C 290 28.88 2.51 -19.62
C LYS C 290 28.79 3.92 -19.06
N ILE C 291 28.20 4.06 -17.88
CA ILE C 291 28.15 5.33 -17.18
C ILE C 291 29.34 5.42 -16.23
N GLU C 292 30.31 6.26 -16.58
CA GLU C 292 31.60 6.34 -15.88
C GLU C 292 31.92 7.75 -15.36
N ASN C 293 31.00 8.69 -15.55
CA ASN C 293 31.33 10.10 -15.31
C ASN C 293 30.11 10.97 -15.00
N HIS C 294 30.35 12.22 -14.59
CA HIS C 294 29.28 13.08 -14.09
C HIS C 294 28.24 13.40 -15.15
N GLU C 295 28.70 13.84 -16.32
CA GLU C 295 27.80 14.19 -17.41
C GLU C 295 26.90 13.01 -17.78
N GLY C 296 27.49 11.82 -17.88
CA GLY C 296 26.74 10.59 -18.15
C GLY C 296 25.57 10.36 -17.22
N VAL C 297 25.77 10.64 -15.94
CA VAL C 297 24.71 10.48 -14.93
C VAL C 297 23.65 11.57 -15.11
N ARG C 298 24.11 12.79 -15.30
CA ARG C 298 23.25 13.95 -15.58
C ARG C 298 22.28 13.71 -16.73
N ARG C 299 22.84 13.21 -17.82
CA ARG C 299 22.10 12.99 -19.07
C ARG C 299 21.68 11.53 -19.23
N PHE C 300 21.42 10.84 -18.12
CA PHE C 300 21.22 9.40 -18.15
C PHE C 300 20.01 8.96 -18.96
N ASP C 301 18.89 9.69 -18.87
CA ASP C 301 17.64 9.30 -19.55
C ASP C 301 17.82 9.29 -21.06
N GLU C 302 18.26 10.43 -21.57
CA GLU C 302 18.77 10.62 -22.94
C GLU C 302 19.51 9.38 -23.44
N ILE C 303 20.48 8.93 -22.64
CA ILE C 303 21.37 7.83 -23.00
C ILE C 303 20.70 6.47 -22.94
N LEU C 304 19.92 6.23 -21.89
CA LEU C 304 19.18 4.97 -21.77
C LEU C 304 18.28 4.75 -22.98
N GLU C 305 17.63 5.82 -23.45
CA GLU C 305 16.74 5.74 -24.62
C GLU C 305 17.50 5.30 -25.87
N ALA C 306 18.66 5.92 -26.08
CA ALA C 306 19.49 5.61 -27.24
C ALA C 306 20.10 4.21 -27.15
N SER C 307 20.39 3.74 -25.95
CA SER C 307 21.11 2.48 -25.73
C SER C 307 20.19 1.29 -25.58
N ASP C 308 20.72 0.09 -25.84
CA ASP C 308 20.00 -1.16 -25.59
C ASP C 308 20.09 -1.57 -24.14
N GLY C 309 21.13 -1.09 -23.45
CA GLY C 309 21.34 -1.41 -22.06
C GLY C 309 22.35 -0.48 -21.41
N ILE C 310 22.57 -0.68 -20.11
CA ILE C 310 23.43 0.21 -19.33
C ILE C 310 24.38 -0.59 -18.45
N MET C 311 25.60 -0.08 -18.28
CA MET C 311 26.51 -0.58 -17.26
C MET C 311 26.81 0.52 -16.26
N VAL C 312 26.65 0.20 -14.99
CA VAL C 312 27.06 1.09 -13.91
C VAL C 312 28.54 0.80 -13.66
N ALA C 313 29.41 1.57 -14.33
CA ALA C 313 30.85 1.35 -14.29
C ALA C 313 31.50 2.11 -13.13
N ARG C 314 31.46 1.49 -11.95
CA ARG C 314 31.83 2.14 -10.69
C ARG C 314 33.32 2.54 -10.59
N GLY C 315 34.19 1.87 -11.33
CA GLY C 315 35.62 2.15 -11.26
C GLY C 315 35.94 3.63 -11.51
N ASP C 316 35.70 4.06 -12.74
CA ASP C 316 35.88 5.46 -13.11
C ASP C 316 34.85 6.35 -12.45
N LEU C 317 33.61 5.87 -12.33
CA LEU C 317 32.54 6.68 -11.76
C LEU C 317 32.88 7.15 -10.35
N GLY C 318 33.35 6.21 -9.52
CA GLY C 318 33.70 6.50 -8.13
C GLY C 318 34.88 7.44 -7.95
N ILE C 319 35.62 7.68 -9.03
CA ILE C 319 36.69 8.70 -9.05
C ILE C 319 36.15 10.02 -9.61
N GLU C 320 35.34 9.90 -10.68
CA GLU C 320 34.85 11.06 -11.42
C GLU C 320 33.83 11.84 -10.59
N ILE C 321 33.10 11.13 -9.73
CA ILE C 321 32.22 11.77 -8.74
C ILE C 321 32.66 11.33 -7.35
N PRO C 322 32.13 12.00 -6.31
CA PRO C 322 32.52 11.59 -4.96
C PRO C 322 32.14 10.14 -4.68
N ALA C 323 33.03 9.38 -4.05
CA ALA C 323 32.83 7.95 -3.79
C ALA C 323 31.55 7.67 -3.00
N GLU C 324 31.15 8.60 -2.14
CA GLU C 324 29.97 8.43 -1.29
C GLU C 324 28.67 8.49 -2.06
N LYS C 325 28.71 9.07 -3.26
CA LYS C 325 27.51 9.25 -4.06
C LYS C 325 27.27 8.12 -5.07
N VAL C 326 28.26 7.25 -5.24
CA VAL C 326 28.13 6.15 -6.20
C VAL C 326 26.87 5.33 -5.96
N PHE C 327 26.66 4.87 -4.72
CA PHE C 327 25.50 4.00 -4.42
C PHE C 327 24.18 4.61 -4.89
N LEU C 328 24.05 5.94 -4.78
CA LEU C 328 22.87 6.66 -5.28
C LEU C 328 22.74 6.52 -6.78
N ALA C 329 23.83 6.81 -7.49
CA ALA C 329 23.87 6.69 -8.93
C ALA C 329 23.56 5.25 -9.35
N GLN C 330 24.15 4.28 -8.66
CA GLN C 330 23.90 2.86 -8.95
C GLN C 330 22.42 2.52 -8.87
N LYS C 331 21.79 2.86 -7.74
CA LYS C 331 20.39 2.48 -7.48
C LYS C 331 19.41 3.24 -8.36
N MET C 332 19.71 4.50 -8.64
CA MET C 332 18.91 5.29 -9.57
C MET C 332 18.87 4.62 -10.94
N MET C 333 20.05 4.35 -11.47
CA MET C 333 20.19 3.77 -12.81
C MET C 333 19.56 2.38 -12.92
N ILE C 334 19.81 1.51 -11.93
CA ILE C 334 19.20 0.18 -11.94
C ILE C 334 17.68 0.30 -11.95
N GLY C 335 17.14 1.17 -11.09
CA GLY C 335 15.70 1.38 -11.02
C GLY C 335 15.09 1.83 -12.34
N ARG C 336 15.68 2.87 -12.93
CA ARG C 336 15.18 3.43 -14.19
C ARG C 336 15.28 2.42 -15.34
N CYS C 337 16.35 1.61 -15.32
CA CYS C 337 16.52 0.53 -16.31
C CYS C 337 15.44 -0.53 -16.16
N ASN C 338 15.10 -0.87 -14.92
CA ASN C 338 14.03 -1.84 -14.66
C ASN C 338 12.65 -1.34 -15.06
N ARG C 339 12.43 -0.05 -14.89
CA ARG C 339 11.24 0.62 -15.41
C ARG C 339 11.17 0.51 -16.92
N ALA C 340 12.26 0.88 -17.58
CA ALA C 340 12.34 0.87 -19.04
C ALA C 340 12.36 -0.53 -19.65
N GLY C 341 12.71 -1.54 -18.85
CA GLY C 341 12.76 -2.92 -19.33
C GLY C 341 14.03 -3.21 -20.12
N LYS C 342 15.06 -2.39 -19.91
CA LYS C 342 16.35 -2.58 -20.56
C LYS C 342 17.38 -3.13 -19.55
N PRO C 343 18.33 -3.97 -20.03
CA PRO C 343 19.30 -4.59 -19.11
C PRO C 343 20.25 -3.60 -18.42
N VAL C 344 20.57 -3.90 -17.17
CA VAL C 344 21.55 -3.10 -16.42
C VAL C 344 22.58 -4.03 -15.78
N ILE C 345 23.84 -3.60 -15.82
CA ILE C 345 24.98 -4.37 -15.32
C ILE C 345 25.63 -3.60 -14.19
N CYS C 346 25.85 -4.26 -13.05
CA CYS C 346 26.66 -3.69 -11.97
C CYS C 346 28.06 -4.25 -12.10
N ALA C 347 29.06 -3.37 -12.13
CA ALA C 347 30.35 -3.70 -12.73
C ALA C 347 31.53 -3.93 -11.79
N THR C 348 32.11 -2.87 -11.24
CA THR C 348 33.51 -2.93 -10.86
C THR C 348 33.79 -3.08 -9.36
N GLN C 349 34.84 -3.87 -9.06
CA GLN C 349 35.33 -4.12 -7.69
C GLN C 349 34.34 -4.85 -6.76
N MET C 350 33.47 -5.66 -7.34
CA MET C 350 32.48 -6.37 -6.55
C MET C 350 33.12 -7.39 -5.61
N LEU C 351 34.26 -7.97 -6.01
CA LEU C 351 34.99 -8.93 -5.17
C LEU C 351 36.52 -8.72 -5.22
N GLU C 352 36.98 -7.47 -5.20
CA GLU C 352 38.42 -7.16 -5.33
C GLU C 352 39.33 -8.03 -4.49
N SER C 353 39.00 -8.11 -3.20
CA SER C 353 39.70 -8.96 -2.24
C SER C 353 40.17 -10.26 -2.86
N MET C 354 39.28 -10.90 -3.63
CA MET C 354 39.54 -12.23 -4.19
C MET C 354 40.57 -12.30 -5.33
N ILE C 355 41.12 -11.17 -5.74
CA ILE C 355 42.26 -11.16 -6.65
C ILE C 355 43.45 -11.85 -5.99
N LYS C 356 43.63 -11.61 -4.70
CA LYS C 356 44.74 -12.18 -3.93
C LYS C 356 44.30 -13.28 -2.92
N LYS C 357 43.03 -13.31 -2.54
CA LYS C 357 42.55 -14.22 -1.49
C LYS C 357 41.45 -15.15 -2.02
N PRO C 358 41.31 -16.34 -1.42
CA PRO C 358 40.31 -17.31 -1.89
C PRO C 358 38.88 -17.03 -1.42
N ARG C 359 38.71 -16.04 -0.55
CA ARG C 359 37.43 -15.70 0.03
C ARG C 359 37.26 -14.19 0.09
N PRO C 360 36.04 -13.69 -0.16
CA PRO C 360 35.87 -12.25 -0.19
C PRO C 360 35.62 -11.65 1.18
N THR C 361 35.67 -10.33 1.25
CA THR C 361 35.35 -9.62 2.47
C THR C 361 33.85 -9.64 2.70
N ARG C 362 33.45 -9.24 3.90
CA ARG C 362 32.03 -9.14 4.24
C ARG C 362 31.34 -8.02 3.47
N ALA C 363 32.08 -6.93 3.23
CA ALA C 363 31.57 -5.82 2.40
C ALA C 363 31.31 -6.24 0.96
N GLU C 364 32.12 -7.17 0.46
CA GLU C 364 32.04 -7.62 -0.92
C GLU C 364 30.86 -8.56 -1.13
N GLY C 365 30.64 -9.48 -0.20
CA GLY C 365 29.46 -10.34 -0.24
C GLY C 365 28.20 -9.49 -0.19
N SER C 366 28.23 -8.47 0.66
CA SER C 366 27.14 -7.51 0.82
C SER C 366 26.86 -6.79 -0.48
N ASP C 367 27.93 -6.35 -1.14
CA ASP C 367 27.83 -5.61 -2.40
C ASP C 367 27.11 -6.38 -3.50
N VAL C 368 27.52 -7.63 -3.71
CA VAL C 368 26.90 -8.49 -4.70
C VAL C 368 25.42 -8.69 -4.41
N ALA C 369 25.12 -9.12 -3.20
CA ALA C 369 23.73 -9.39 -2.80
C ALA C 369 22.86 -8.17 -3.02
N ASN C 370 23.35 -7.01 -2.62
CA ASN C 370 22.58 -5.78 -2.75
C ASN C 370 22.39 -5.39 -4.20
N ALA C 371 23.40 -5.59 -5.04
CA ALA C 371 23.26 -5.32 -6.48
C ALA C 371 22.12 -6.13 -7.09
N VAL C 372 22.02 -7.41 -6.73
CA VAL C 372 20.90 -8.25 -7.16
C VAL C 372 19.57 -7.71 -6.62
N LEU C 373 19.54 -7.37 -5.33
CA LEU C 373 18.35 -6.82 -4.71
C LEU C 373 17.97 -5.46 -5.31
N ASP C 374 18.97 -4.62 -5.59
CA ASP C 374 18.74 -3.35 -6.32
C ASP C 374 17.96 -3.66 -7.62
N GLY C 375 18.31 -4.78 -8.24
CA GLY C 375 17.60 -5.31 -9.41
C GLY C 375 18.46 -5.42 -10.67
N ALA C 376 19.75 -5.70 -10.49
CA ALA C 376 20.68 -5.77 -11.61
C ALA C 376 20.43 -7.03 -12.42
N ASP C 377 20.47 -6.90 -13.74
CA ASP C 377 20.31 -8.06 -14.61
C ASP C 377 21.57 -8.92 -14.59
N CYS C 378 22.72 -8.25 -14.58
CA CYS C 378 24.01 -8.93 -14.54
C CYS C 378 24.96 -8.32 -13.52
N ILE C 379 25.89 -9.15 -13.06
CA ILE C 379 26.99 -8.73 -12.19
C ILE C 379 28.31 -9.08 -12.89
N MET C 380 29.36 -8.32 -12.61
CA MET C 380 30.59 -8.42 -13.38
C MET C 380 31.82 -8.64 -12.53
N LEU C 381 32.80 -9.34 -13.10
CA LEU C 381 34.13 -9.46 -12.51
C LEU C 381 35.18 -9.06 -13.55
N SER C 382 36.12 -8.20 -13.16
CA SER C 382 37.15 -7.76 -14.09
C SER C 382 38.52 -8.31 -13.73
N GLY C 383 39.18 -7.69 -12.76
CA GLY C 383 40.48 -8.15 -12.29
C GLY C 383 40.37 -9.51 -11.65
N GLU C 384 39.30 -9.70 -10.89
CA GLU C 384 39.04 -10.94 -10.17
C GLU C 384 39.22 -12.18 -11.08
N THR C 385 38.89 -12.05 -12.36
CA THR C 385 39.01 -13.16 -13.32
C THR C 385 40.04 -12.92 -14.43
N ALA C 386 40.34 -11.67 -14.74
CA ALA C 386 41.30 -11.34 -15.79
C ALA C 386 42.75 -11.65 -15.38
N LYS C 387 43.08 -11.39 -14.12
CA LYS C 387 44.47 -11.52 -13.66
C LYS C 387 44.69 -12.10 -12.26
N GLY C 388 43.62 -12.31 -11.49
CA GLY C 388 43.77 -12.72 -10.10
C GLY C 388 44.17 -14.17 -9.92
N ASP C 389 44.43 -14.55 -8.68
CA ASP C 389 44.86 -15.91 -8.34
C ASP C 389 43.69 -16.88 -8.17
N TYR C 390 42.47 -16.37 -8.11
CA TYR C 390 41.31 -17.21 -7.82
C TYR C 390 40.11 -16.91 -8.70
N PRO C 391 40.28 -17.00 -10.03
CA PRO C 391 39.18 -16.70 -10.96
C PRO C 391 37.93 -17.58 -10.74
N LEU C 392 38.13 -18.88 -10.54
CA LEU C 392 37.02 -19.81 -10.40
C LEU C 392 36.24 -19.59 -9.10
N GLU C 393 36.96 -19.36 -8.02
CA GLU C 393 36.32 -19.13 -6.71
C GLU C 393 35.44 -17.89 -6.78
N ALA C 394 35.95 -16.85 -7.45
CA ALA C 394 35.23 -15.59 -7.62
C ALA C 394 33.94 -15.75 -8.43
N VAL C 395 34.01 -16.49 -9.52
CA VAL C 395 32.82 -16.79 -10.32
C VAL C 395 31.80 -17.57 -9.49
N ARG C 396 32.27 -18.63 -8.84
CA ARG C 396 31.41 -19.47 -8.00
C ARG C 396 30.76 -18.68 -6.88
N MET C 397 31.51 -17.75 -6.30
CA MET C 397 30.99 -16.94 -5.21
C MET C 397 29.87 -16.03 -5.70
N GLN C 398 30.07 -15.39 -6.84
CA GLN C 398 29.02 -14.56 -7.43
C GLN C 398 27.78 -15.41 -7.72
N HIS C 399 27.99 -16.61 -8.25
CA HIS C 399 26.90 -17.56 -8.47
C HIS C 399 26.11 -17.77 -7.20
N LEU C 400 26.82 -18.14 -6.13
CA LEU C 400 26.19 -18.50 -4.87
C LEU C 400 25.39 -17.37 -4.22
N ILE C 401 25.97 -16.17 -4.18
CA ILE C 401 25.33 -15.03 -3.54
C ILE C 401 24.12 -14.58 -4.34
N ALA C 402 24.29 -14.49 -5.66
CA ALA C 402 23.20 -14.06 -6.53
C ALA C 402 21.97 -14.91 -6.33
N ARG C 403 22.18 -16.22 -6.25
CA ARG C 403 21.11 -17.18 -6.05
C ARG C 403 20.39 -16.97 -4.72
N GLU C 404 21.16 -16.73 -3.67
CA GLU C 404 20.61 -16.40 -2.34
C GLU C 404 19.82 -15.10 -2.36
N ALA C 405 20.41 -14.08 -2.97
CA ALA C 405 19.81 -12.76 -3.03
C ALA C 405 18.51 -12.80 -3.80
N GLU C 406 18.47 -13.61 -4.86
CA GLU C 406 17.25 -13.77 -5.66
C GLU C 406 16.11 -14.37 -4.86
N ALA C 407 16.42 -15.34 -4.02
CA ALA C 407 15.43 -15.94 -3.11
C ALA C 407 14.90 -14.91 -2.12
N ALA C 408 15.76 -13.97 -1.74
CA ALA C 408 15.42 -12.93 -0.78
C ALA C 408 14.60 -11.79 -1.37
N ILE C 409 14.25 -11.87 -2.65
CA ILE C 409 13.51 -10.78 -3.27
C ILE C 409 12.03 -10.85 -2.92
N TYR C 410 11.47 -9.67 -2.65
CA TYR C 410 10.09 -9.49 -2.28
C TYR C 410 9.28 -9.33 -3.57
N HIS C 411 8.91 -10.46 -4.14
CA HIS C 411 8.35 -10.51 -5.50
C HIS C 411 6.98 -9.88 -5.63
N LEU C 412 6.16 -10.01 -4.61
CA LEU C 412 4.83 -9.41 -4.64
C LEU C 412 4.93 -7.89 -4.78
N GLN C 413 5.72 -7.22 -3.94
CA GLN C 413 5.87 -5.76 -4.03
C GLN C 413 6.51 -5.32 -5.34
N LEU C 414 7.49 -6.09 -5.84
CA LEU C 414 8.22 -5.72 -7.05
C LEU C 414 7.33 -5.84 -8.28
N PHE C 415 6.81 -7.04 -8.50
CA PHE C 415 5.91 -7.30 -9.63
C PHE C 415 4.73 -6.33 -9.60
N GLU C 416 4.12 -6.21 -8.42
CA GLU C 416 2.99 -5.31 -8.21
C GLU C 416 3.33 -3.88 -8.63
N GLU C 417 4.50 -3.40 -8.23
CA GLU C 417 4.95 -2.06 -8.60
C GLU C 417 5.28 -1.94 -10.09
N LEU C 418 5.75 -3.02 -10.71
CA LEU C 418 6.12 -3.03 -12.13
C LEU C 418 4.89 -3.04 -13.05
N ARG C 419 3.87 -3.84 -12.70
CA ARG C 419 2.59 -3.81 -13.45
C ARG C 419 1.99 -2.42 -13.33
N ARG C 420 1.90 -1.93 -12.10
CA ARG C 420 1.30 -0.64 -11.80
C ARG C 420 1.96 0.51 -12.59
N LEU C 421 3.25 0.38 -12.86
CA LEU C 421 4.01 1.35 -13.67
C LEU C 421 4.04 1.00 -15.17
N ALA C 422 3.47 -0.15 -15.55
CA ALA C 422 3.47 -0.60 -16.95
C ALA C 422 2.37 0.10 -17.75
N PRO C 423 2.76 0.86 -18.79
CA PRO C 423 1.81 1.70 -19.51
C PRO C 423 0.84 0.88 -20.40
N ILE C 424 -0.46 1.02 -20.15
CA ILE C 424 -1.48 0.33 -20.94
C ILE C 424 -1.18 0.44 -22.44
N THR C 425 -1.09 -0.71 -23.11
CA THR C 425 -0.79 -0.75 -24.54
C THR C 425 -1.43 -1.98 -25.19
N SER C 426 -1.79 -1.84 -26.47
CA SER C 426 -2.52 -2.89 -27.17
C SER C 426 -1.60 -3.87 -27.95
N ASP C 427 -0.30 -3.81 -27.68
CA ASP C 427 0.64 -4.83 -28.17
C ASP C 427 0.28 -6.17 -27.51
N PRO C 428 -0.03 -7.20 -28.31
CA PRO C 428 -0.43 -8.48 -27.74
C PRO C 428 0.69 -9.24 -27.03
N THR C 429 1.92 -9.14 -27.54
CA THR C 429 3.08 -9.79 -26.91
C THR C 429 3.23 -9.29 -25.48
N GLU C 430 3.25 -7.97 -25.35
CA GLU C 430 3.32 -7.28 -24.07
C GLU C 430 2.29 -7.82 -23.08
N ALA C 431 1.02 -7.82 -23.49
CA ALA C 431 -0.08 -8.28 -22.65
C ALA C 431 0.02 -9.76 -22.31
N THR C 432 0.42 -10.57 -23.29
CA THR C 432 0.64 -12.01 -23.08
C THR C 432 1.76 -12.26 -22.07
N ALA C 433 2.82 -11.47 -22.14
CA ALA C 433 3.94 -11.58 -21.21
C ALA C 433 3.49 -11.39 -19.76
N VAL C 434 2.78 -10.29 -19.52
CA VAL C 434 2.32 -9.95 -18.17
C VAL C 434 1.39 -11.04 -17.64
N GLY C 435 0.47 -11.49 -18.50
CA GLY C 435 -0.44 -12.58 -18.15
C GLY C 435 0.28 -13.84 -17.72
N ALA C 436 1.34 -14.18 -18.45
CA ALA C 436 2.14 -15.37 -18.16
C ALA C 436 2.82 -15.27 -16.79
N VAL C 437 3.53 -14.17 -16.57
CA VAL C 437 4.19 -13.89 -15.29
C VAL C 437 3.19 -14.02 -14.14
N GLU C 438 2.06 -13.34 -14.31
CA GLU C 438 0.98 -13.38 -13.33
C GLU C 438 0.48 -14.80 -13.11
N ALA C 439 0.29 -15.54 -14.21
CA ALA C 439 -0.11 -16.95 -14.14
C ALA C 439 0.97 -17.81 -13.48
N SER C 440 2.24 -17.46 -13.71
CA SER C 440 3.35 -18.22 -13.14
C SER C 440 3.35 -18.16 -11.60
N PHE C 441 3.15 -16.96 -11.05
CA PHE C 441 3.04 -16.80 -9.58
C PHE C 441 1.86 -17.60 -9.04
N LYS C 442 0.75 -17.52 -9.76
CA LYS C 442 -0.53 -18.07 -9.32
C LYS C 442 -0.49 -19.58 -9.12
N CYS C 443 0.21 -20.28 -9.99
CA CYS C 443 0.33 -21.74 -9.89
C CYS C 443 1.73 -22.18 -9.45
N ALA C 444 2.55 -21.21 -9.06
CA ALA C 444 3.93 -21.47 -8.67
C ALA C 444 4.59 -22.38 -9.69
N SER C 445 4.62 -21.92 -10.93
CA SER C 445 5.16 -22.73 -12.03
C SER C 445 6.64 -23.03 -11.82
N GLY C 446 7.06 -24.17 -12.36
CA GLY C 446 8.47 -24.55 -12.38
C GLY C 446 9.28 -23.69 -13.35
N ALA C 447 8.63 -23.22 -14.42
CA ALA C 447 9.27 -22.33 -15.38
C ALA C 447 8.27 -21.66 -16.32
N ILE C 448 8.73 -20.63 -17.00
CA ILE C 448 8.03 -20.06 -18.15
C ILE C 448 8.83 -20.37 -19.41
N ILE C 449 8.29 -21.24 -20.26
CA ILE C 449 8.93 -21.58 -21.52
C ILE C 449 8.47 -20.61 -22.60
N VAL C 450 9.42 -20.03 -23.33
CA VAL C 450 9.11 -19.05 -24.36
C VAL C 450 9.85 -19.35 -25.66
N LEU C 451 9.10 -19.56 -26.74
CA LEU C 451 9.68 -19.67 -28.08
C LEU C 451 9.88 -18.27 -28.64
N THR C 452 11.11 -17.96 -29.03
CA THR C 452 11.48 -16.64 -29.48
C THR C 452 12.59 -16.72 -30.53
N LYS C 453 12.45 -15.91 -31.58
CA LYS C 453 13.45 -15.84 -32.64
C LYS C 453 14.45 -14.72 -32.39
N SER C 454 13.93 -13.50 -32.20
CA SER C 454 14.76 -12.32 -31.96
C SER C 454 15.18 -12.16 -30.51
N GLY C 455 14.47 -12.83 -29.59
CA GLY C 455 14.70 -12.70 -28.16
C GLY C 455 13.67 -11.85 -27.45
N ARG C 456 12.99 -10.98 -28.20
CA ARG C 456 12.11 -9.96 -27.61
C ARG C 456 10.96 -10.53 -26.77
N SER C 457 10.36 -11.63 -27.20
CA SER C 457 9.27 -12.25 -26.46
C SER C 457 9.72 -12.66 -25.05
N ALA C 458 10.94 -13.16 -24.94
CA ALA C 458 11.49 -13.54 -23.65
C ALA C 458 11.90 -12.31 -22.83
N HIS C 459 12.44 -11.29 -23.50
CA HIS C 459 12.80 -10.04 -22.83
C HIS C 459 11.59 -9.42 -22.16
N GLN C 460 10.45 -9.48 -22.86
CA GLN C 460 9.18 -8.95 -22.35
C GLN C 460 8.65 -9.68 -21.13
N VAL C 461 8.92 -10.97 -21.00
CA VAL C 461 8.56 -11.69 -19.79
C VAL C 461 9.52 -11.31 -18.66
N ALA C 462 10.79 -11.15 -19.00
CA ALA C 462 11.84 -10.86 -18.02
C ALA C 462 11.64 -9.54 -17.29
N ARG C 463 11.18 -8.52 -17.99
CA ARG C 463 11.05 -7.18 -17.41
C ARG C 463 10.06 -7.16 -16.25
N TYR C 464 9.12 -8.10 -16.23
CA TYR C 464 8.14 -8.19 -15.14
C TYR C 464 8.59 -9.11 -14.02
N ARG C 465 9.81 -9.65 -14.14
CA ARG C 465 10.51 -10.28 -13.00
C ARG C 465 9.73 -11.40 -12.31
N PRO C 466 9.54 -12.54 -13.00
CA PRO C 466 8.95 -13.69 -12.34
C PRO C 466 9.91 -14.36 -11.39
N ARG C 467 9.36 -15.11 -10.43
CA ARG C 467 10.13 -16.00 -9.57
C ARG C 467 10.73 -17.09 -10.44
N ALA C 468 9.86 -17.71 -11.25
CA ALA C 468 10.25 -18.86 -12.06
C ALA C 468 11.25 -18.48 -13.15
N PRO C 469 12.10 -19.44 -13.54
CA PRO C 469 13.06 -19.20 -14.61
C PRO C 469 12.40 -19.20 -15.99
N ILE C 470 12.94 -18.36 -16.88
CA ILE C 470 12.43 -18.24 -18.25
C ILE C 470 13.31 -19.05 -19.18
N ILE C 471 12.84 -20.21 -19.64
CA ILE C 471 13.58 -21.00 -20.63
C ILE C 471 13.23 -20.48 -22.03
N ALA C 472 14.17 -19.73 -22.63
CA ALA C 472 13.94 -19.16 -23.96
C ALA C 472 14.49 -20.11 -25.02
N VAL C 473 13.59 -20.74 -25.78
CA VAL C 473 13.97 -21.63 -26.88
C VAL C 473 14.11 -20.82 -28.17
N THR C 474 15.20 -21.06 -28.89
CA THR C 474 15.50 -20.33 -30.12
C THR C 474 16.41 -21.15 -31.03
N ARG C 475 16.28 -20.91 -32.34
CA ARG C 475 17.21 -21.49 -33.32
C ARG C 475 18.30 -20.50 -33.68
N ASN C 476 18.13 -19.24 -33.28
CA ASN C 476 19.10 -18.20 -33.55
C ASN C 476 20.16 -18.18 -32.43
N PRO C 477 21.40 -18.59 -32.73
CA PRO C 477 22.41 -18.70 -31.69
C PRO C 477 22.89 -17.35 -31.15
N GLN C 478 22.63 -16.25 -31.86
CA GLN C 478 22.98 -14.92 -31.35
C GLN C 478 22.00 -14.44 -30.29
N THR C 479 20.71 -14.68 -30.50
CA THR C 479 19.72 -14.26 -29.53
C THR C 479 19.83 -15.13 -28.29
N ALA C 480 20.27 -16.37 -28.47
CA ALA C 480 20.59 -17.26 -27.35
C ALA C 480 21.71 -16.66 -26.49
N ARG C 481 22.77 -16.20 -27.13
CA ARG C 481 23.89 -15.60 -26.41
C ARG C 481 23.52 -14.25 -25.77
N GLN C 482 22.79 -13.41 -26.51
CA GLN C 482 22.39 -12.10 -26.02
C GLN C 482 21.32 -12.16 -24.93
N ALA C 483 20.65 -13.31 -24.81
CA ALA C 483 19.63 -13.52 -23.77
C ALA C 483 20.19 -13.38 -22.37
N HIS C 484 21.48 -13.62 -22.20
CA HIS C 484 22.13 -13.53 -20.89
C HIS C 484 22.09 -12.13 -20.26
N LEU C 485 21.90 -11.09 -21.07
CA LEU C 485 21.77 -9.72 -20.56
C LEU C 485 20.55 -9.48 -19.68
N TYR C 486 19.49 -10.26 -19.88
CA TYR C 486 18.23 -10.07 -19.17
C TYR C 486 18.10 -11.07 -18.03
N ARG C 487 17.66 -10.60 -16.87
CA ARG C 487 17.56 -11.47 -15.69
C ARG C 487 16.52 -12.58 -15.84
N GLY C 488 16.92 -13.81 -15.51
CA GLY C 488 16.00 -14.92 -15.42
C GLY C 488 15.80 -15.69 -16.70
N ILE C 489 16.44 -15.26 -17.79
CA ILE C 489 16.37 -15.98 -19.06
C ILE C 489 17.48 -17.03 -19.13
N PHE C 490 17.08 -18.30 -19.27
CA PHE C 490 18.00 -19.38 -19.56
C PHE C 490 17.91 -19.71 -21.03
N PRO C 491 18.87 -19.22 -21.83
CA PRO C 491 18.79 -19.46 -23.26
C PRO C 491 19.09 -20.91 -23.60
N VAL C 492 18.43 -21.39 -24.64
CA VAL C 492 18.45 -22.80 -25.01
C VAL C 492 18.40 -22.87 -26.54
N LEU C 493 19.49 -23.36 -27.14
CA LEU C 493 19.64 -23.36 -28.60
C LEU C 493 19.15 -24.66 -29.25
N CYS C 494 18.03 -24.57 -29.95
CA CYS C 494 17.51 -25.73 -30.68
C CYS C 494 18.30 -25.90 -31.96
N LYS C 495 18.97 -27.05 -32.06
CA LYS C 495 19.78 -27.40 -33.23
C LYS C 495 19.00 -28.26 -34.24
N ASP C 496 17.87 -28.81 -33.81
CA ASP C 496 17.00 -29.60 -34.70
C ASP C 496 16.51 -28.77 -35.88
N PRO C 497 16.28 -29.42 -37.03
CA PRO C 497 15.83 -28.71 -38.22
C PRO C 497 14.34 -28.37 -38.18
N VAL C 498 13.91 -27.47 -39.05
CA VAL C 498 12.53 -26.97 -39.04
C VAL C 498 11.55 -28.00 -39.62
N GLN C 499 10.58 -28.42 -38.81
CA GLN C 499 9.51 -29.29 -39.30
C GLN C 499 8.59 -28.45 -40.18
N GLU C 500 7.98 -29.08 -41.18
CA GLU C 500 7.13 -28.34 -42.11
C GLU C 500 5.83 -27.94 -41.43
N ALA C 501 5.23 -28.90 -40.71
CA ALA C 501 4.07 -28.63 -39.89
C ALA C 501 4.49 -27.77 -38.69
N TRP C 502 4.42 -26.45 -38.87
CA TRP C 502 4.73 -25.48 -37.81
C TRP C 502 4.09 -25.79 -36.44
N ALA C 503 2.97 -26.53 -36.43
CA ALA C 503 2.34 -26.97 -35.19
C ALA C 503 3.20 -27.98 -34.42
N GLU C 504 3.75 -28.96 -35.14
CA GLU C 504 4.63 -29.96 -34.51
C GLU C 504 6.04 -29.42 -34.31
N ASP C 505 6.41 -28.41 -35.11
CA ASP C 505 7.69 -27.73 -34.93
C ASP C 505 7.72 -26.96 -33.62
N VAL C 506 6.58 -26.37 -33.28
CA VAL C 506 6.40 -25.77 -31.96
C VAL C 506 6.51 -26.87 -30.90
N ASP C 507 5.67 -27.90 -31.02
CA ASP C 507 5.64 -29.00 -30.03
C ASP C 507 7.01 -29.62 -29.79
N LEU C 508 7.77 -29.78 -30.87
CA LEU C 508 9.13 -30.27 -30.79
C LEU C 508 9.96 -29.35 -29.90
N ARG C 509 9.93 -28.05 -30.23
CA ARG C 509 10.70 -27.05 -29.50
C ARG C 509 10.28 -26.90 -28.04
N VAL C 510 8.97 -26.96 -27.79
CA VAL C 510 8.46 -26.94 -26.43
C VAL C 510 8.96 -28.15 -25.65
N ASN C 511 8.89 -29.33 -26.27
CA ASN C 511 9.32 -30.56 -25.61
C ASN C 511 10.82 -30.59 -25.32
N PHE C 512 11.59 -29.95 -26.20
CA PHE C 512 13.04 -29.79 -26.01
C PHE C 512 13.31 -29.03 -24.71
N ALA C 513 12.64 -27.89 -24.55
CA ALA C 513 12.72 -27.09 -23.32
C ALA C 513 12.27 -27.90 -22.10
N MET C 514 11.21 -28.66 -22.30
CA MET C 514 10.67 -29.52 -21.27
C MET C 514 11.75 -30.49 -20.76
N ASN C 515 12.52 -31.06 -21.68
CA ASN C 515 13.63 -31.95 -21.32
C ASN C 515 14.81 -31.22 -20.69
N VAL C 516 15.10 -30.01 -21.15
CA VAL C 516 16.13 -29.18 -20.54
C VAL C 516 15.82 -29.01 -19.05
N GLY C 517 14.62 -28.51 -18.77
CA GLY C 517 14.21 -28.22 -17.40
C GLY C 517 14.30 -29.43 -16.49
N LYS C 518 13.86 -30.57 -16.99
CA LYS C 518 13.95 -31.82 -16.23
C LYS C 518 15.40 -32.18 -15.93
N ALA C 519 16.26 -32.00 -16.93
CA ALA C 519 17.68 -32.33 -16.80
C ALA C 519 18.40 -31.39 -15.84
N ARG C 520 18.22 -30.08 -16.03
CA ARG C 520 18.88 -29.08 -15.18
C ARG C 520 18.23 -28.94 -13.80
N GLY C 521 17.16 -29.69 -13.56
CA GLY C 521 16.55 -29.78 -12.23
C GLY C 521 15.61 -28.63 -11.87
N PHE C 522 15.01 -28.01 -12.88
CA PHE C 522 14.08 -26.89 -12.65
C PHE C 522 12.69 -27.39 -12.31
N PHE C 523 12.34 -28.59 -12.79
CA PHE C 523 11.05 -29.21 -12.48
C PHE C 523 11.05 -30.69 -12.82
N LYS C 524 10.01 -31.38 -12.34
CA LYS C 524 9.84 -32.81 -12.55
C LYS C 524 8.60 -33.06 -13.39
N LYS C 525 8.48 -34.30 -13.86
CA LYS C 525 7.23 -34.75 -14.48
C LYS C 525 6.11 -34.54 -13.49
N GLY C 526 4.98 -34.01 -13.96
CA GLY C 526 3.83 -33.72 -13.10
C GLY C 526 3.73 -32.27 -12.70
N ASP C 527 4.86 -31.57 -12.60
CA ASP C 527 4.87 -30.15 -12.30
C ASP C 527 4.12 -29.34 -13.36
N VAL C 528 3.84 -28.08 -13.04
CA VAL C 528 3.07 -27.21 -13.90
C VAL C 528 3.98 -26.12 -14.48
N VAL C 529 3.72 -25.74 -15.72
CA VAL C 529 4.64 -24.91 -16.50
C VAL C 529 3.87 -24.00 -17.47
N ILE C 530 4.35 -22.77 -17.62
CA ILE C 530 3.75 -21.79 -18.54
C ILE C 530 4.49 -21.83 -19.87
N VAL C 531 3.73 -21.81 -20.98
CA VAL C 531 4.31 -21.89 -22.32
C VAL C 531 3.83 -20.73 -23.20
N LEU C 532 4.76 -19.97 -23.77
CA LEU C 532 4.44 -18.87 -24.68
C LEU C 532 4.82 -19.20 -26.13
N THR C 533 3.82 -19.19 -27.01
CA THR C 533 4.03 -19.46 -28.43
C THR C 533 3.33 -18.39 -29.26
N GLY C 534 3.53 -18.43 -30.56
CA GLY C 534 2.82 -17.56 -31.49
C GLY C 534 1.68 -18.30 -32.17
N TRP C 535 1.03 -17.60 -33.09
CA TRP C 535 0.00 -18.19 -33.95
C TRP C 535 0.58 -18.51 -35.34
N ARG C 536 1.81 -18.09 -35.61
CA ARG C 536 2.49 -18.31 -36.89
C ARG C 536 3.98 -17.92 -36.79
N PRO C 537 4.80 -18.34 -37.78
CA PRO C 537 6.24 -18.05 -37.72
C PRO C 537 6.61 -16.58 -37.96
N GLY C 538 7.76 -16.18 -37.44
CA GLY C 538 8.26 -14.80 -37.55
C GLY C 538 8.24 -14.07 -36.22
N SER C 539 9.12 -13.08 -36.05
CA SER C 539 9.13 -12.23 -34.87
C SER C 539 7.88 -11.34 -34.83
N GLY C 540 7.38 -11.07 -33.62
CA GLY C 540 6.24 -10.17 -33.41
C GLY C 540 4.86 -10.81 -33.32
N PHE C 541 4.77 -12.14 -33.38
CA PHE C 541 3.46 -12.82 -33.39
C PHE C 541 3.22 -13.68 -32.15
N THR C 542 3.96 -13.44 -31.08
CA THR C 542 3.72 -14.15 -29.83
C THR C 542 2.46 -13.60 -29.19
N ASN C 543 1.48 -14.48 -28.96
CA ASN C 543 0.21 -14.08 -28.37
C ASN C 543 -0.55 -15.18 -27.64
N THR C 544 0.12 -16.28 -27.31
CA THR C 544 -0.56 -17.48 -26.84
C THR C 544 0.10 -18.05 -25.59
N MET C 545 -0.64 -18.06 -24.48
CA MET C 545 -0.14 -18.60 -23.23
C MET C 545 -0.91 -19.86 -22.87
N ARG C 546 -0.18 -20.94 -22.58
CA ARG C 546 -0.79 -22.20 -22.15
C ARG C 546 -0.19 -22.65 -20.83
N VAL C 547 -1.05 -23.09 -19.92
CA VAL C 547 -0.62 -23.68 -18.64
C VAL C 547 -0.63 -25.18 -18.81
N VAL C 548 0.55 -25.79 -18.76
CA VAL C 548 0.75 -27.15 -19.23
C VAL C 548 1.50 -27.99 -18.19
N PRO C 549 1.07 -29.25 -17.99
CA PRO C 549 1.79 -30.15 -17.09
C PRO C 549 3.03 -30.71 -17.76
N VAL C 550 4.06 -30.97 -16.98
CA VAL C 550 5.30 -31.54 -17.51
C VAL C 550 5.11 -33.04 -17.74
N PRO C 551 5.40 -33.52 -18.97
CA PRO C 551 5.23 -34.92 -19.34
C PRO C 551 6.32 -35.81 -18.74
N THR D 35 -13.99 8.31 -20.33
CA THR D 35 -14.92 7.14 -20.38
C THR D 35 -14.61 6.13 -19.28
N GLN D 36 -15.65 5.74 -18.54
CA GLN D 36 -15.56 4.68 -17.53
C GLN D 36 -14.73 5.08 -16.31
N GLN D 37 -14.41 6.37 -16.19
CA GLN D 37 -13.59 6.90 -15.11
C GLN D 37 -12.26 6.17 -14.98
N LEU D 38 -11.51 6.17 -16.08
CA LEU D 38 -10.15 5.64 -16.11
C LEU D 38 -9.20 6.59 -15.38
N HIS D 39 -9.58 7.87 -15.28
CA HIS D 39 -8.87 8.84 -14.44
C HIS D 39 -8.98 8.46 -12.96
N ALA D 40 -10.20 8.10 -12.53
CA ALA D 40 -10.47 7.75 -11.14
C ALA D 40 -9.72 6.50 -10.67
N ALA D 41 -9.67 5.47 -11.52
CA ALA D 41 -9.05 4.18 -11.16
C ALA D 41 -7.51 4.14 -11.23
N MET D 42 -6.89 5.26 -11.58
CA MET D 42 -5.43 5.39 -11.63
C MET D 42 -4.80 5.84 -10.30
N ALA D 43 -5.61 6.42 -9.41
CA ALA D 43 -5.11 7.03 -8.16
C ALA D 43 -4.42 6.04 -7.23
N ASP D 44 -3.55 6.56 -6.35
CA ASP D 44 -2.77 5.73 -5.42
C ASP D 44 -3.44 5.52 -4.07
N THR D 45 -4.50 6.27 -3.79
CA THR D 45 -5.29 6.14 -2.56
C THR D 45 -6.78 6.03 -2.87
N PHE D 46 -7.52 5.42 -1.95
CA PHE D 46 -8.99 5.38 -2.04
C PHE D 46 -9.51 6.81 -2.06
N LEU D 47 -9.01 7.63 -1.14
CA LEU D 47 -9.45 9.01 -1.00
C LEU D 47 -9.22 9.85 -2.27
N GLU D 48 -8.06 9.67 -2.91
CA GLU D 48 -7.78 10.36 -4.17
C GLU D 48 -8.65 9.80 -5.29
N HIS D 49 -8.90 8.48 -5.26
CA HIS D 49 -9.83 7.85 -6.20
C HIS D 49 -11.23 8.47 -6.08
N MET D 50 -11.72 8.58 -4.85
CA MET D 50 -12.99 9.26 -4.58
C MET D 50 -13.02 10.67 -5.16
N CYS D 51 -12.01 11.46 -4.82
CA CYS D 51 -11.91 12.86 -5.26
C CYS D 51 -11.91 13.01 -6.78
N ARG D 52 -11.45 11.98 -7.49
CA ARG D 52 -11.36 12.01 -8.94
C ARG D 52 -12.61 11.52 -9.68
N LEU D 53 -13.68 11.22 -8.94
CA LEU D 53 -14.94 10.79 -9.56
C LEU D 53 -15.58 11.93 -10.36
N ASP D 54 -16.11 11.58 -11.52
CA ASP D 54 -16.52 12.56 -12.54
C ASP D 54 -17.88 12.18 -13.15
N ILE D 55 -18.88 13.03 -12.94
CA ILE D 55 -20.23 12.79 -13.48
C ILE D 55 -20.31 12.98 -14.99
N ASP D 56 -19.33 13.66 -15.58
CA ASP D 56 -19.32 13.90 -17.03
C ASP D 56 -18.48 12.87 -17.78
N SER D 57 -17.96 11.88 -17.05
CA SER D 57 -17.29 10.73 -17.64
C SER D 57 -18.30 9.57 -17.78
N PRO D 58 -18.83 9.34 -19.00
CA PRO D 58 -19.85 8.30 -19.16
C PRO D 58 -19.27 6.90 -19.09
N PRO D 59 -20.11 5.89 -18.78
CA PRO D 59 -19.60 4.52 -18.63
C PRO D 59 -19.58 3.76 -19.97
N ILE D 60 -19.13 2.51 -19.93
CA ILE D 60 -19.18 1.63 -21.10
C ILE D 60 -20.57 1.03 -21.26
N THR D 61 -20.88 0.56 -22.48
CA THR D 61 -22.22 0.03 -22.79
C THR D 61 -22.55 -1.25 -22.03
N ALA D 62 -21.51 -1.97 -21.60
CA ALA D 62 -21.70 -3.21 -20.87
C ALA D 62 -22.02 -2.97 -19.41
N ARG D 63 -23.01 -3.72 -18.92
CA ARG D 63 -23.40 -3.69 -17.52
C ARG D 63 -23.26 -5.08 -16.93
N ASN D 64 -22.48 -5.20 -15.87
CA ASN D 64 -22.01 -6.50 -15.36
C ASN D 64 -22.82 -7.12 -14.23
N THR D 65 -23.31 -6.28 -13.33
CA THR D 65 -24.12 -6.76 -12.22
C THR D 65 -25.44 -7.31 -12.76
N GLY D 66 -25.76 -8.55 -12.41
CA GLY D 66 -27.00 -9.18 -12.87
C GLY D 66 -28.22 -8.55 -12.21
N ILE D 67 -29.35 -8.61 -12.87
CA ILE D 67 -30.60 -8.04 -12.35
C ILE D 67 -31.69 -9.12 -12.21
N ILE D 68 -32.15 -9.32 -10.97
CA ILE D 68 -33.14 -10.34 -10.66
C ILE D 68 -34.48 -9.66 -10.39
N CYS D 69 -35.51 -10.02 -11.17
CA CYS D 69 -36.83 -9.39 -11.05
C CYS D 69 -37.86 -10.39 -10.55
N THR D 70 -38.55 -10.03 -9.48
CA THR D 70 -39.66 -10.83 -8.99
C THR D 70 -40.86 -10.61 -9.90
N ILE D 71 -41.52 -11.71 -10.28
CA ILE D 71 -42.67 -11.67 -11.18
C ILE D 71 -43.97 -11.76 -10.37
N GLY D 72 -44.98 -11.05 -10.86
CA GLY D 72 -46.29 -11.02 -10.21
C GLY D 72 -47.28 -10.36 -11.15
N PRO D 73 -48.45 -9.97 -10.63
CA PRO D 73 -49.48 -9.28 -11.40
C PRO D 73 -48.95 -8.26 -12.41
N ALA D 74 -48.06 -7.37 -11.97
CA ALA D 74 -47.62 -6.27 -12.82
C ALA D 74 -46.69 -6.68 -13.95
N SER D 75 -46.11 -7.86 -13.87
CA SER D 75 -45.08 -8.30 -14.83
C SER D 75 -45.28 -9.70 -15.41
N ARG D 76 -46.44 -10.31 -15.17
CA ARG D 76 -46.68 -11.71 -15.55
C ARG D 76 -46.96 -11.88 -17.06
N SER D 77 -47.56 -10.87 -17.68
CA SER D 77 -47.94 -10.93 -19.09
C SER D 77 -46.74 -11.08 -20.00
N VAL D 78 -46.89 -11.92 -21.02
CA VAL D 78 -45.83 -12.16 -22.00
C VAL D 78 -45.37 -10.85 -22.63
N GLU D 79 -46.30 -9.92 -22.82
CA GLU D 79 -46.00 -8.66 -23.47
C GLU D 79 -45.04 -7.77 -22.66
N THR D 80 -45.24 -7.69 -21.34
CA THR D 80 -44.37 -6.90 -20.48
C THR D 80 -43.07 -7.65 -20.14
N LEU D 81 -43.14 -8.99 -20.07
CA LEU D 81 -41.94 -9.81 -19.90
C LEU D 81 -40.94 -9.55 -21.01
N LYS D 82 -41.44 -9.44 -22.25
CA LYS D 82 -40.59 -9.11 -23.39
C LYS D 82 -39.90 -7.77 -23.18
N GLU D 83 -40.68 -6.79 -22.74
CA GLU D 83 -40.15 -5.45 -22.47
C GLU D 83 -39.18 -5.42 -21.31
N MET D 84 -39.41 -6.29 -20.32
CA MET D 84 -38.52 -6.38 -19.16
C MET D 84 -37.19 -7.03 -19.49
N ILE D 85 -37.23 -8.05 -20.35
CA ILE D 85 -36.01 -8.63 -20.87
C ILE D 85 -35.19 -7.54 -21.56
N LYS D 86 -35.86 -6.74 -22.39
CA LYS D 86 -35.20 -5.65 -23.10
C LYS D 86 -34.67 -4.56 -22.19
N SER D 87 -35.39 -4.29 -21.10
CA SER D 87 -34.98 -3.27 -20.12
C SER D 87 -33.78 -3.71 -19.26
N GLY D 88 -33.55 -5.02 -19.18
CA GLY D 88 -32.36 -5.56 -18.49
C GLY D 88 -32.53 -6.80 -17.63
N MET D 89 -33.74 -7.31 -17.48
CA MET D 89 -33.96 -8.48 -16.62
C MET D 89 -33.11 -9.65 -17.08
N ASN D 90 -32.41 -10.26 -16.13
CA ASN D 90 -31.58 -11.42 -16.39
C ASN D 90 -32.11 -12.68 -15.73
N VAL D 91 -32.71 -12.53 -14.55
CA VAL D 91 -33.29 -13.67 -13.82
C VAL D 91 -34.72 -13.31 -13.42
N ALA D 92 -35.60 -14.30 -13.51
CA ALA D 92 -36.98 -14.14 -13.08
C ALA D 92 -37.21 -14.93 -11.79
N ARG D 93 -37.63 -14.23 -10.74
CA ARG D 93 -37.81 -14.84 -9.43
C ARG D 93 -39.27 -15.17 -9.22
N LEU D 94 -39.52 -16.39 -8.78
CA LEU D 94 -40.88 -16.84 -8.50
C LEU D 94 -41.01 -17.02 -6.99
N ASN D 95 -41.91 -16.26 -6.40
CA ASN D 95 -42.08 -16.29 -4.96
C ASN D 95 -43.11 -17.32 -4.53
N PHE D 96 -42.64 -18.45 -4.01
CA PHE D 96 -43.53 -19.54 -3.62
C PHE D 96 -44.15 -19.35 -2.24
N SER D 97 -43.97 -18.18 -1.65
CA SER D 97 -44.71 -17.81 -0.47
C SER D 97 -46.15 -17.46 -0.81
N HIS D 98 -46.41 -17.27 -2.10
CA HIS D 98 -47.74 -16.96 -2.62
C HIS D 98 -47.96 -17.84 -3.85
N GLY D 99 -49.22 -17.99 -4.26
CA GLY D 99 -49.55 -18.66 -5.51
C GLY D 99 -49.50 -20.18 -5.49
N THR D 100 -50.24 -20.78 -6.41
CA THR D 100 -50.30 -22.25 -6.54
C THR D 100 -49.29 -22.76 -7.55
N HIS D 101 -49.13 -24.08 -7.61
CA HIS D 101 -48.23 -24.69 -8.60
C HIS D 101 -48.73 -24.41 -10.01
N GLU D 102 -50.05 -24.33 -10.18
CA GLU D 102 -50.65 -23.99 -11.47
C GLU D 102 -50.28 -22.58 -11.89
N TYR D 103 -50.36 -21.65 -10.94
CA TYR D 103 -50.04 -20.25 -11.18
C TYR D 103 -48.59 -20.12 -11.65
N HIS D 104 -47.67 -20.65 -10.87
CA HIS D 104 -46.23 -20.55 -11.15
C HIS D 104 -45.86 -21.21 -12.46
N ALA D 105 -46.47 -22.38 -12.72
CA ALA D 105 -46.27 -23.08 -14.00
C ALA D 105 -46.54 -22.17 -15.19
N GLU D 106 -47.60 -21.37 -15.10
CA GLU D 106 -47.98 -20.46 -16.18
C GLU D 106 -47.02 -19.27 -16.28
N THR D 107 -46.58 -18.76 -15.14
CA THR D 107 -45.57 -17.70 -15.12
C THR D 107 -44.32 -18.16 -15.89
N ILE D 108 -43.86 -19.37 -15.58
CA ILE D 108 -42.67 -19.94 -16.22
C ILE D 108 -42.87 -20.05 -17.73
N LYS D 109 -44.00 -20.62 -18.11
CA LYS D 109 -44.45 -20.69 -19.50
C LYS D 109 -44.24 -19.35 -20.21
N ASN D 110 -44.74 -18.28 -19.61
CA ASN D 110 -44.67 -16.93 -20.20
C ASN D 110 -43.26 -16.39 -20.28
N VAL D 111 -42.49 -16.57 -19.20
CA VAL D 111 -41.09 -16.19 -19.18
C VAL D 111 -40.38 -16.84 -20.36
N ARG D 112 -40.58 -18.15 -20.52
CA ARG D 112 -39.94 -18.90 -21.60
C ARG D 112 -40.46 -18.51 -22.98
N THR D 113 -41.75 -18.18 -23.08
CA THR D 113 -42.32 -17.67 -24.33
C THR D 113 -41.61 -16.36 -24.72
N ALA D 114 -41.64 -15.40 -23.81
CA ALA D 114 -41.07 -14.07 -24.04
C ALA D 114 -39.58 -14.17 -24.34
N THR D 115 -38.89 -15.04 -23.60
CA THR D 115 -37.45 -15.21 -23.76
C THR D 115 -37.13 -15.78 -25.12
N GLU D 116 -37.82 -16.87 -25.47
CA GLU D 116 -37.60 -17.51 -26.76
C GLU D 116 -38.14 -16.72 -27.94
N SER D 117 -38.95 -15.70 -27.69
CA SER D 117 -39.41 -14.79 -28.74
C SER D 117 -38.24 -14.08 -29.43
N PHE D 118 -37.10 -13.98 -28.75
CA PHE D 118 -35.89 -13.36 -29.33
C PHE D 118 -34.91 -14.39 -29.89
N ALA D 119 -35.29 -15.67 -29.88
CA ALA D 119 -34.36 -16.76 -30.19
C ALA D 119 -33.98 -16.85 -31.66
N SER D 120 -34.81 -16.27 -32.53
CA SER D 120 -34.55 -16.26 -33.98
C SER D 120 -33.19 -15.68 -34.34
N ASP D 121 -32.74 -14.69 -33.58
CA ASP D 121 -31.43 -14.05 -33.79
C ASP D 121 -30.49 -14.39 -32.62
N PRO D 122 -29.67 -15.45 -32.77
CA PRO D 122 -28.88 -15.91 -31.61
C PRO D 122 -27.73 -14.99 -31.23
N ILE D 123 -27.40 -14.03 -32.08
CA ILE D 123 -26.45 -12.98 -31.71
C ILE D 123 -27.07 -12.04 -30.67
N LEU D 124 -28.34 -11.70 -30.82
CA LEU D 124 -29.02 -10.77 -29.91
C LEU D 124 -29.84 -11.45 -28.81
N TYR D 125 -29.90 -12.77 -28.82
CA TYR D 125 -30.66 -13.52 -27.82
C TYR D 125 -29.99 -13.49 -26.45
N ARG D 126 -30.70 -12.97 -25.44
CA ARG D 126 -30.20 -12.95 -24.07
C ARG D 126 -30.87 -14.09 -23.30
N PRO D 127 -30.08 -15.04 -22.78
CA PRO D 127 -30.67 -16.04 -21.87
C PRO D 127 -31.31 -15.37 -20.67
N VAL D 128 -32.27 -16.06 -20.07
CA VAL D 128 -33.01 -15.55 -18.94
C VAL D 128 -33.25 -16.71 -17.98
N ALA D 129 -32.72 -16.60 -16.77
CA ALA D 129 -32.81 -17.71 -15.81
C ALA D 129 -34.14 -17.69 -15.06
N VAL D 130 -34.52 -18.85 -14.56
CA VAL D 130 -35.72 -19.00 -13.73
C VAL D 130 -35.30 -19.44 -12.34
N ALA D 131 -35.82 -18.76 -11.33
CA ALA D 131 -35.40 -18.98 -9.95
C ALA D 131 -36.62 -19.14 -9.05
N LEU D 132 -36.56 -20.19 -8.21
CA LEU D 132 -37.64 -20.54 -7.30
C LEU D 132 -37.25 -20.14 -5.88
N ASP D 133 -37.93 -19.12 -5.35
CA ASP D 133 -37.76 -18.75 -3.95
C ASP D 133 -38.75 -19.54 -3.11
N THR D 134 -38.25 -20.25 -2.09
CA THR D 134 -39.10 -21.08 -1.25
C THR D 134 -39.94 -20.24 -0.30
N LYS D 135 -41.04 -20.80 0.20
CA LYS D 135 -41.83 -20.14 1.23
C LYS D 135 -41.00 -20.05 2.49
N GLY D 136 -40.46 -21.20 2.88
CA GLY D 136 -39.67 -21.31 4.09
C GLY D 136 -40.58 -21.39 5.30
N PRO D 137 -39.98 -21.32 6.49
CA PRO D 137 -40.73 -21.33 7.74
C PRO D 137 -41.29 -19.95 8.12
N GLU D 138 -42.12 -19.36 7.25
CA GLU D 138 -42.64 -18.02 7.52
C GLU D 138 -43.99 -18.07 8.23
N ILE D 139 -44.21 -17.06 9.06
CA ILE D 139 -45.43 -16.90 9.82
C ILE D 139 -46.22 -15.78 9.15
N ARG D 140 -47.52 -16.01 8.93
CA ARG D 140 -48.41 -14.99 8.35
C ARG D 140 -49.71 -14.86 9.13
N THR D 141 -50.34 -13.71 9.01
CA THR D 141 -51.64 -13.45 9.63
C THR D 141 -52.75 -14.00 8.74
N GLY D 142 -53.99 -13.88 9.22
CA GLY D 142 -55.16 -14.27 8.44
C GLY D 142 -55.72 -13.09 7.66
N LEU D 143 -56.97 -13.23 7.23
CA LEU D 143 -57.66 -12.18 6.47
C LEU D 143 -58.54 -11.38 7.42
N ILE D 144 -58.75 -10.11 7.08
CA ILE D 144 -59.53 -9.19 7.91
C ILE D 144 -61.01 -9.42 7.57
N LYS D 145 -61.92 -8.80 8.32
CA LYS D 145 -63.36 -9.01 8.15
C LYS D 145 -63.86 -8.84 6.74
N GLY D 146 -63.37 -7.83 6.02
CA GLY D 146 -64.09 -7.34 4.85
C GLY D 146 -65.31 -6.49 5.26
N SER D 147 -65.29 -5.93 6.48
CA SER D 147 -66.12 -4.76 6.78
C SER D 147 -65.52 -3.65 5.90
N GLY D 148 -66.31 -2.63 5.58
CA GLY D 148 -66.15 -1.77 4.36
C GLY D 148 -64.81 -1.70 3.63
N THR D 149 -63.79 -1.06 4.22
CA THR D 149 -62.39 -1.18 3.72
C THR D 149 -61.52 -2.17 4.43
N ALA D 150 -61.03 -3.16 3.68
CA ALA D 150 -60.33 -4.30 4.29
C ALA D 150 -58.87 -3.96 4.76
N GLU D 151 -58.78 -2.84 5.47
CA GLU D 151 -57.71 -2.63 6.43
C GLU D 151 -58.24 -2.04 7.73
N VAL D 152 -57.52 -2.30 8.82
CA VAL D 152 -57.93 -1.94 10.17
C VAL D 152 -56.86 -1.11 10.84
N GLU D 153 -57.27 0.01 11.43
CA GLU D 153 -56.34 0.88 12.14
C GLU D 153 -56.01 0.31 13.51
N LEU D 154 -54.71 0.12 13.77
CA LEU D 154 -54.22 -0.27 15.09
C LEU D 154 -53.54 0.94 15.73
N LYS D 155 -53.93 1.26 16.98
CA LYS D 155 -53.47 2.48 17.65
C LYS D 155 -52.51 2.20 18.79
N LYS D 156 -51.55 3.11 18.98
CA LYS D 156 -50.56 3.01 20.05
C LYS D 156 -51.26 2.96 21.40
N GLY D 157 -50.96 1.93 22.19
CA GLY D 157 -51.55 1.75 23.52
C GLY D 157 -52.68 0.75 23.56
N ALA D 158 -53.36 0.57 22.42
CA ALA D 158 -54.52 -0.33 22.35
C ALA D 158 -54.14 -1.79 22.60
N THR D 159 -55.14 -2.58 22.96
CA THR D 159 -54.96 -4.01 23.17
C THR D 159 -55.27 -4.78 21.90
N LEU D 160 -54.60 -5.92 21.71
CA LEU D 160 -54.86 -6.79 20.58
C LEU D 160 -54.63 -8.24 20.97
N LYS D 161 -55.70 -9.03 20.91
CA LYS D 161 -55.65 -10.44 21.29
C LYS D 161 -55.27 -11.28 20.08
N ILE D 162 -54.24 -12.10 20.22
CA ILE D 162 -53.82 -13.02 19.16
C ILE D 162 -54.35 -14.41 19.45
N THR D 163 -54.99 -15.02 18.45
CA THR D 163 -55.56 -16.37 18.58
C THR D 163 -54.90 -17.32 17.60
N LEU D 164 -54.99 -18.61 17.91
CA LEU D 164 -54.69 -19.67 16.93
C LEU D 164 -55.97 -20.41 16.54
N ASP D 165 -57.07 -20.05 17.18
CA ASP D 165 -58.40 -20.62 16.91
C ASP D 165 -58.80 -20.35 15.47
N ASN D 166 -58.83 -21.43 14.68
CA ASN D 166 -59.11 -21.36 13.24
C ASN D 166 -60.46 -20.72 12.87
N ALA D 167 -61.33 -20.55 13.86
CA ALA D 167 -62.58 -19.81 13.68
C ALA D 167 -62.35 -18.37 13.24
N TYR D 168 -61.22 -17.78 13.64
CA TYR D 168 -60.93 -16.37 13.37
C TYR D 168 -59.95 -16.12 12.20
N MET D 169 -59.59 -17.16 11.46
CA MET D 169 -58.55 -17.00 10.43
C MET D 169 -58.94 -16.10 9.26
N GLU D 170 -60.23 -15.83 9.09
CA GLU D 170 -60.69 -14.87 8.08
C GLU D 170 -61.59 -13.81 8.71
N LYS D 171 -61.33 -13.53 9.99
CA LYS D 171 -62.15 -12.61 10.78
C LYS D 171 -61.28 -11.71 11.67
N CYS D 172 -60.10 -11.35 11.16
CA CYS D 172 -59.16 -10.52 11.91
C CYS D 172 -59.68 -9.09 11.99
N ASP D 173 -59.34 -8.40 13.07
CA ASP D 173 -59.74 -6.99 13.24
C ASP D 173 -58.83 -6.34 14.30
N GLU D 174 -59.21 -5.16 14.79
CA GLU D 174 -58.40 -4.44 15.78
C GLU D 174 -58.33 -5.13 17.15
N ASN D 175 -59.24 -6.07 17.41
CA ASN D 175 -59.31 -6.78 18.69
C ASN D 175 -58.82 -8.22 18.64
N ILE D 176 -59.07 -8.92 17.54
CA ILE D 176 -58.64 -10.32 17.39
C ILE D 176 -57.81 -10.49 16.11
N LEU D 177 -56.72 -11.25 16.22
CA LEU D 177 -55.81 -11.49 15.09
C LEU D 177 -55.35 -12.95 15.08
N TRP D 178 -55.48 -13.61 13.93
CA TRP D 178 -55.12 -15.02 13.79
C TRP D 178 -53.73 -15.20 13.14
N LEU D 179 -53.09 -16.35 13.40
CA LEU D 179 -51.74 -16.67 12.88
C LEU D 179 -51.54 -18.10 12.38
N ASP D 180 -50.61 -18.27 11.46
CA ASP D 180 -50.16 -19.59 10.98
C ASP D 180 -49.54 -20.44 12.07
N TYR D 181 -48.71 -19.83 12.91
CA TYR D 181 -47.75 -20.56 13.74
C TYR D 181 -48.41 -21.20 14.96
N LYS D 182 -48.40 -22.53 14.98
CA LYS D 182 -49.10 -23.31 16.01
C LYS D 182 -48.48 -23.14 17.39
N ASN D 183 -47.15 -23.23 17.48
CA ASN D 183 -46.46 -23.22 18.77
C ASN D 183 -46.03 -21.84 19.23
N ILE D 184 -46.63 -20.78 18.69
CA ILE D 184 -46.20 -19.42 19.04
C ILE D 184 -46.21 -19.19 20.55
N CYS D 185 -47.22 -19.70 21.25
CA CYS D 185 -47.34 -19.54 22.70
C CYS D 185 -46.20 -20.22 23.47
N LYS D 186 -45.69 -21.32 22.94
CA LYS D 186 -44.59 -22.06 23.57
C LYS D 186 -43.23 -21.38 23.49
N VAL D 187 -43.02 -20.53 22.48
CA VAL D 187 -41.70 -19.95 22.22
C VAL D 187 -41.66 -18.43 22.36
N VAL D 188 -42.61 -17.88 23.11
CA VAL D 188 -42.72 -16.43 23.28
C VAL D 188 -43.05 -16.12 24.73
N GLU D 189 -42.33 -15.16 25.30
CA GLU D 189 -42.50 -14.79 26.71
C GLU D 189 -43.44 -13.62 26.87
N VAL D 190 -43.80 -13.32 28.11
CA VAL D 190 -44.41 -12.04 28.41
C VAL D 190 -43.31 -11.00 28.28
N GLY D 191 -43.62 -9.89 27.63
CA GLY D 191 -42.64 -8.84 27.36
C GLY D 191 -41.95 -8.99 26.01
N SER D 192 -42.14 -10.14 25.35
CA SER D 192 -41.60 -10.36 24.00
C SER D 192 -42.24 -9.39 23.02
N LYS D 193 -41.49 -9.07 21.96
CA LYS D 193 -42.00 -8.21 20.89
C LYS D 193 -42.39 -9.04 19.67
N ILE D 194 -43.52 -8.68 19.07
CA ILE D 194 -44.02 -9.31 17.85
C ILE D 194 -44.20 -8.25 16.77
N TYR D 195 -43.77 -8.55 15.54
CA TYR D 195 -43.83 -7.59 14.45
C TYR D 195 -44.70 -8.13 13.32
N VAL D 196 -45.71 -7.37 12.91
CA VAL D 196 -46.79 -7.98 12.06
C VAL D 196 -46.61 -7.86 10.58
N ASP D 197 -46.14 -6.72 10.11
CA ASP D 197 -45.95 -6.52 8.66
C ASP D 197 -44.73 -5.69 8.31
N ASP D 198 -43.73 -6.32 7.70
CA ASP D 198 -42.59 -5.60 7.15
C ASP D 198 -41.96 -4.76 8.25
N GLY D 199 -42.00 -5.25 9.48
CA GLY D 199 -41.44 -4.54 10.61
C GLY D 199 -42.01 -3.14 10.77
N LEU D 200 -43.31 -2.96 10.55
CA LEU D 200 -43.91 -1.64 10.72
C LEU D 200 -44.87 -1.58 11.92
N ILE D 201 -45.58 -2.67 12.18
CA ILE D 201 -46.42 -2.79 13.36
C ILE D 201 -45.63 -3.56 14.42
N SER D 202 -45.67 -3.09 15.66
CA SER D 202 -44.99 -3.77 16.77
C SER D 202 -45.94 -3.99 17.95
N LEU D 203 -45.87 -5.18 18.54
CA LEU D 203 -46.72 -5.57 19.63
C LEU D 203 -45.87 -6.08 20.79
N GLN D 204 -46.25 -5.75 22.02
CA GLN D 204 -45.62 -6.35 23.20
C GLN D 204 -46.56 -7.33 23.87
N VAL D 205 -46.07 -8.54 24.13
CA VAL D 205 -46.88 -9.58 24.77
C VAL D 205 -47.03 -9.29 26.25
N LYS D 206 -48.26 -9.10 26.70
CA LYS D 206 -48.56 -8.83 28.10
C LYS D 206 -48.99 -10.09 28.85
N GLN D 207 -49.77 -10.95 28.19
CA GLN D 207 -50.28 -12.15 28.84
C GLN D 207 -50.25 -13.36 27.93
N LYS D 208 -49.42 -14.33 28.29
CA LYS D 208 -49.37 -15.60 27.57
C LYS D 208 -50.57 -16.48 27.97
N GLY D 209 -51.12 -17.18 26.99
CA GLY D 209 -52.21 -18.14 27.21
C GLY D 209 -51.82 -19.51 26.71
N ALA D 210 -52.81 -20.38 26.54
CA ALA D 210 -52.59 -21.73 26.03
C ALA D 210 -52.53 -21.73 24.50
N ASP D 211 -53.57 -21.16 23.89
CA ASP D 211 -53.61 -20.98 22.43
C ASP D 211 -53.96 -19.54 22.04
N PHE D 212 -53.73 -18.60 22.96
CA PHE D 212 -53.93 -17.18 22.69
C PHE D 212 -52.81 -16.34 23.31
N LEU D 213 -52.81 -15.05 23.00
CA LEU D 213 -51.91 -14.07 23.62
C LEU D 213 -52.65 -12.75 23.73
N VAL D 214 -52.30 -11.95 24.74
CA VAL D 214 -52.80 -10.59 24.83
C VAL D 214 -51.62 -9.65 24.70
N THR D 215 -51.74 -8.68 23.81
CA THR D 215 -50.64 -7.78 23.49
C THR D 215 -51.10 -6.34 23.56
N GLU D 216 -50.13 -5.46 23.79
CA GLU D 216 -50.33 -4.03 23.66
C GLU D 216 -49.66 -3.57 22.37
N VAL D 217 -50.39 -2.79 21.57
CA VAL D 217 -49.82 -2.20 20.37
C VAL D 217 -48.81 -1.16 20.81
N GLU D 218 -47.56 -1.31 20.37
CA GLU D 218 -46.53 -0.32 20.67
C GLU D 218 -46.56 0.80 19.64
N ASN D 219 -46.05 0.56 18.43
CA ASN D 219 -46.36 1.48 17.33
C ASN D 219 -47.26 0.81 16.31
N GLY D 220 -48.31 1.52 15.93
CA GLY D 220 -49.40 0.96 15.14
C GLY D 220 -49.33 1.35 13.68
N GLY D 221 -50.51 1.52 13.09
CA GLY D 221 -50.65 1.71 11.64
C GLY D 221 -51.82 0.87 11.16
N SER D 222 -52.03 0.79 9.86
CA SER D 222 -53.13 -0.01 9.30
C SER D 222 -52.65 -1.43 8.98
N LEU D 223 -53.51 -2.40 9.27
CA LEU D 223 -53.17 -3.81 9.17
C LEU D 223 -53.94 -4.44 8.04
N GLY D 224 -53.24 -5.06 7.10
CA GLY D 224 -53.88 -5.75 5.97
C GLY D 224 -53.98 -7.24 6.22
N SER D 225 -54.13 -8.01 5.14
CA SER D 225 -54.33 -9.44 5.22
C SER D 225 -53.09 -10.24 4.82
N LYS D 226 -52.99 -11.46 5.35
CA LYS D 226 -51.89 -12.39 5.05
C LYS D 226 -50.54 -11.71 5.16
N LYS D 227 -50.35 -11.00 6.26
CA LYS D 227 -49.15 -10.20 6.48
C LYS D 227 -48.10 -10.99 7.25
N GLY D 228 -46.85 -10.92 6.79
CA GLY D 228 -45.76 -11.66 7.41
C GLY D 228 -45.48 -11.20 8.84
N VAL D 229 -45.20 -12.15 9.72
CA VAL D 229 -44.94 -11.88 11.14
C VAL D 229 -43.52 -12.29 11.50
N ASN D 230 -42.83 -11.45 12.27
CA ASN D 230 -41.49 -11.75 12.76
C ASN D 230 -41.44 -11.79 14.28
N LEU D 231 -40.64 -12.71 14.80
CA LEU D 231 -40.43 -12.87 16.24
C LEU D 231 -38.91 -12.90 16.51
N PRO D 232 -38.28 -11.72 16.58
CA PRO D 232 -36.86 -11.69 16.87
C PRO D 232 -36.60 -12.13 18.30
N GLY D 233 -35.41 -12.70 18.55
CA GLY D 233 -35.08 -13.22 19.88
C GLY D 233 -36.10 -14.22 20.38
N ALA D 234 -36.43 -15.19 19.54
CA ALA D 234 -37.34 -16.28 19.89
C ALA D 234 -36.92 -17.53 19.13
N ALA D 235 -36.82 -18.65 19.83
CA ALA D 235 -36.42 -19.89 19.20
C ALA D 235 -37.62 -20.55 18.52
N VAL D 236 -37.92 -20.11 17.29
CA VAL D 236 -39.03 -20.68 16.52
C VAL D 236 -38.61 -22.05 16.01
N ASP D 237 -39.53 -23.02 16.14
CA ASP D 237 -39.20 -24.43 15.90
C ASP D 237 -39.69 -24.94 14.54
N LEU D 238 -40.12 -24.02 13.67
CA LEU D 238 -40.53 -24.40 12.33
C LEU D 238 -39.31 -24.89 11.55
N PRO D 239 -39.48 -25.93 10.75
CA PRO D 239 -38.37 -26.50 10.01
C PRO D 239 -37.98 -25.64 8.83
N ALA D 240 -36.69 -25.60 8.49
CA ALA D 240 -36.23 -24.83 7.33
C ALA D 240 -36.84 -25.37 6.05
N VAL D 241 -37.18 -26.66 6.05
CA VAL D 241 -37.81 -27.30 4.90
C VAL D 241 -39.09 -28.03 5.31
N SER D 242 -40.23 -27.37 5.11
CA SER D 242 -41.53 -27.96 5.40
C SER D 242 -41.99 -28.95 4.35
N GLU D 243 -43.13 -29.58 4.60
CA GLU D 243 -43.75 -30.49 3.65
C GLU D 243 -44.13 -29.76 2.36
N LYS D 244 -44.68 -28.56 2.50
CA LYS D 244 -44.98 -27.70 1.36
C LYS D 244 -43.70 -27.35 0.60
N ASP D 245 -42.65 -26.98 1.33
CA ASP D 245 -41.38 -26.61 0.71
C ASP D 245 -40.83 -27.75 -0.13
N ILE D 246 -40.98 -28.99 0.35
CA ILE D 246 -40.53 -30.17 -0.40
C ILE D 246 -41.29 -30.31 -1.70
N GLN D 247 -42.62 -30.27 -1.63
CA GLN D 247 -43.45 -30.31 -2.82
C GLN D 247 -43.03 -29.28 -3.86
N ASP D 248 -42.76 -28.06 -3.39
CA ASP D 248 -42.38 -26.95 -4.27
C ASP D 248 -41.02 -27.21 -4.93
N LEU D 249 -40.07 -27.68 -4.14
CA LEU D 249 -38.74 -28.00 -4.66
C LEU D 249 -38.82 -29.10 -5.71
N LYS D 250 -39.58 -30.16 -5.41
CA LYS D 250 -39.82 -31.25 -6.37
C LYS D 250 -40.46 -30.68 -7.64
N PHE D 251 -41.40 -29.76 -7.46
CA PHE D 251 -42.04 -29.05 -8.58
C PHE D 251 -41.04 -28.24 -9.39
N GLY D 252 -40.12 -27.57 -8.68
CA GLY D 252 -39.04 -26.84 -9.32
C GLY D 252 -38.19 -27.72 -10.21
N VAL D 253 -37.90 -28.95 -9.75
CA VAL D 253 -37.10 -29.90 -10.53
C VAL D 253 -37.86 -30.27 -11.80
N GLU D 254 -39.12 -30.64 -11.63
CA GLU D 254 -40.02 -30.90 -12.75
C GLU D 254 -39.99 -29.79 -13.77
N GLN D 255 -40.18 -28.56 -13.30
CA GLN D 255 -40.27 -27.39 -14.19
C GLN D 255 -38.93 -26.92 -14.76
N ASP D 256 -37.84 -27.56 -14.35
CA ASP D 256 -36.52 -27.29 -14.93
C ASP D 256 -35.98 -25.90 -14.57
N VAL D 257 -36.22 -25.49 -13.32
CA VAL D 257 -35.72 -24.20 -12.85
C VAL D 257 -34.19 -24.24 -12.80
N ASP D 258 -33.58 -23.06 -12.85
CA ASP D 258 -32.12 -22.94 -12.88
C ASP D 258 -31.50 -22.86 -11.49
N MET D 259 -32.21 -22.23 -10.55
CA MET D 259 -31.69 -22.05 -9.20
C MET D 259 -32.79 -22.02 -8.16
N VAL D 260 -32.38 -22.17 -6.90
CA VAL D 260 -33.31 -22.13 -5.78
C VAL D 260 -32.83 -21.10 -4.75
N PHE D 261 -33.70 -20.15 -4.41
CA PHE D 261 -33.44 -19.22 -3.30
C PHE D 261 -34.09 -19.78 -2.03
N ALA D 262 -33.29 -20.37 -1.16
CA ALA D 262 -33.81 -21.07 0.03
C ALA D 262 -34.00 -20.12 1.20
N SER D 263 -35.24 -19.99 1.66
CA SER D 263 -35.56 -19.03 2.72
C SER D 263 -35.17 -19.49 4.12
N PHE D 264 -34.75 -18.51 4.94
CA PHE D 264 -34.48 -18.70 6.37
C PHE D 264 -33.49 -19.82 6.68
N ILE D 265 -32.42 -19.91 5.90
CA ILE D 265 -31.35 -20.89 6.15
C ILE D 265 -30.61 -20.51 7.42
N ARG D 266 -30.71 -21.36 8.45
CA ARG D 266 -30.06 -21.11 9.73
C ARG D 266 -28.69 -21.80 9.82
N LYS D 267 -28.49 -22.89 9.08
CA LYS D 267 -27.27 -23.69 9.19
C LYS D 267 -27.03 -24.63 8.03
N ALA D 268 -25.78 -25.10 7.89
CA ALA D 268 -25.39 -26.00 6.80
C ALA D 268 -26.27 -27.25 6.69
N SER D 269 -26.71 -27.77 7.82
CA SER D 269 -27.62 -28.92 7.83
C SER D 269 -28.86 -28.62 7.00
N ASP D 270 -29.37 -27.39 7.12
CA ASP D 270 -30.55 -26.95 6.35
C ASP D 270 -30.27 -26.96 4.84
N VAL D 271 -29.09 -26.50 4.45
CA VAL D 271 -28.69 -26.48 3.04
C VAL D 271 -28.64 -27.92 2.53
N HIS D 272 -28.16 -28.84 3.37
CA HIS D 272 -28.05 -30.25 3.02
C HIS D 272 -29.42 -30.91 2.80
N GLU D 273 -30.43 -30.53 3.59
CA GLU D 273 -31.79 -31.01 3.37
C GLU D 273 -32.29 -30.64 1.98
N VAL D 274 -32.07 -29.38 1.59
CA VAL D 274 -32.48 -28.89 0.28
C VAL D 274 -31.77 -29.66 -0.84
N ARG D 275 -30.47 -29.88 -0.69
CA ARG D 275 -29.69 -30.70 -1.64
C ARG D 275 -30.33 -32.04 -1.88
N LYS D 276 -30.66 -32.73 -0.78
CA LYS D 276 -31.25 -34.05 -0.85
C LYS D 276 -32.58 -34.06 -1.56
N VAL D 277 -33.43 -33.09 -1.25
CA VAL D 277 -34.77 -33.01 -1.85
C VAL D 277 -34.68 -32.79 -3.35
N LEU D 278 -33.79 -31.91 -3.79
CA LEU D 278 -33.52 -31.75 -5.22
C LEU D 278 -33.03 -33.07 -5.80
N GLY D 279 -32.13 -33.74 -5.07
CA GLY D 279 -31.67 -35.08 -5.43
C GLY D 279 -30.82 -35.11 -6.67
N GLU D 280 -30.70 -36.30 -7.25
CA GLU D 280 -29.89 -36.51 -8.46
C GLU D 280 -30.50 -35.87 -9.71
N LYS D 281 -31.82 -35.82 -9.78
CA LYS D 281 -32.48 -35.17 -10.91
C LYS D 281 -32.22 -33.66 -10.91
N GLY D 282 -32.25 -33.05 -9.73
CA GLY D 282 -32.01 -31.62 -9.57
C GLY D 282 -30.64 -31.27 -9.00
N LYS D 283 -29.63 -32.07 -9.36
CA LYS D 283 -28.30 -31.88 -8.80
C LYS D 283 -27.57 -30.69 -9.42
N ASN D 284 -27.92 -30.32 -10.65
CA ASN D 284 -27.30 -29.14 -11.30
C ASN D 284 -27.97 -27.81 -10.95
N ILE D 285 -29.11 -27.88 -10.26
CA ILE D 285 -29.80 -26.68 -9.82
C ILE D 285 -28.99 -26.02 -8.71
N LYS D 286 -28.63 -24.75 -8.90
CA LYS D 286 -27.83 -23.99 -7.92
C LYS D 286 -28.67 -23.65 -6.69
N ILE D 287 -28.11 -23.85 -5.50
CA ILE D 287 -28.75 -23.45 -4.27
C ILE D 287 -28.16 -22.15 -3.75
N ILE D 288 -29.00 -21.12 -3.69
CA ILE D 288 -28.64 -19.85 -3.08
C ILE D 288 -29.33 -19.79 -1.72
N SER D 289 -28.54 -19.78 -0.65
CA SER D 289 -29.09 -19.67 0.69
C SER D 289 -29.38 -18.20 1.01
N LYS D 290 -30.62 -17.94 1.43
CA LYS D 290 -31.03 -16.62 1.87
C LYS D 290 -30.72 -16.44 3.34
N ILE D 291 -29.96 -15.41 3.67
CA ILE D 291 -29.68 -15.06 5.06
C ILE D 291 -30.70 -14.02 5.52
N GLU D 292 -31.62 -14.46 6.37
CA GLU D 292 -32.76 -13.64 6.78
C GLU D 292 -32.87 -13.47 8.30
N ASN D 293 -31.91 -14.01 9.05
CA ASN D 293 -32.06 -14.09 10.51
C ASN D 293 -30.72 -14.15 11.26
N HIS D 294 -30.77 -14.04 12.58
CA HIS D 294 -29.56 -13.88 13.39
C HIS D 294 -28.66 -15.12 13.33
N GLU D 295 -29.26 -16.29 13.54
CA GLU D 295 -28.51 -17.54 13.50
C GLU D 295 -27.79 -17.71 12.16
N GLY D 296 -28.50 -17.43 11.07
CA GLY D 296 -27.92 -17.49 9.73
C GLY D 296 -26.64 -16.67 9.57
N VAL D 297 -26.61 -15.48 10.18
CA VAL D 297 -25.44 -14.60 10.11
C VAL D 297 -24.33 -15.16 10.97
N ARG D 298 -24.67 -15.61 12.18
CA ARG D 298 -23.71 -16.22 13.11
C ARG D 298 -23.01 -17.41 12.47
N ARG D 299 -23.78 -18.27 11.81
CA ARG D 299 -23.27 -19.49 11.20
C ARG D 299 -23.02 -19.35 9.69
N PHE D 300 -22.67 -18.15 9.25
CA PHE D 300 -22.61 -17.84 7.84
C PHE D 300 -21.58 -18.67 7.05
N ASP D 301 -20.40 -18.89 7.64
CA ASP D 301 -19.31 -19.57 6.93
C ASP D 301 -19.70 -21.01 6.60
N GLU D 302 -20.10 -21.73 7.64
CA GLU D 302 -20.77 -23.02 7.57
C GLU D 302 -21.70 -23.11 6.34
N ILE D 303 -22.57 -22.12 6.22
CA ILE D 303 -23.62 -22.08 5.20
C ILE D 303 -23.08 -21.76 3.82
N LEU D 304 -22.18 -20.78 3.73
CA LEU D 304 -21.56 -20.43 2.45
C LEU D 304 -20.89 -21.64 1.83
N GLU D 305 -20.21 -22.44 2.65
CA GLU D 305 -19.53 -23.63 2.17
C GLU D 305 -20.50 -24.64 1.57
N ALA D 306 -21.60 -24.89 2.28
CA ALA D 306 -22.62 -25.83 1.82
C ALA D 306 -23.36 -25.33 0.58
N SER D 307 -23.50 -24.01 0.45
CA SER D 307 -24.30 -23.42 -0.61
C SER D 307 -23.47 -23.10 -1.86
N ASP D 308 -24.16 -22.98 -3.00
CA ASP D 308 -23.55 -22.50 -4.24
C ASP D 308 -23.46 -20.98 -4.29
N GLY D 309 -24.32 -20.32 -3.52
CA GLY D 309 -24.36 -18.87 -3.46
C GLY D 309 -25.15 -18.37 -2.28
N ILE D 310 -25.21 -17.05 -2.13
CA ILE D 310 -25.86 -16.42 -0.98
C ILE D 310 -26.74 -15.25 -1.43
N MET D 311 -27.86 -15.07 -0.73
CA MET D 311 -28.66 -13.86 -0.85
C MET D 311 -28.69 -13.14 0.48
N VAL D 312 -28.37 -11.84 0.44
CA VAL D 312 -28.55 -10.98 1.59
C VAL D 312 -30.00 -10.50 1.58
N ALA D 313 -30.87 -11.24 2.26
CA ALA D 313 -32.30 -10.96 2.25
C ALA D 313 -32.68 -9.96 3.34
N ARG D 314 -32.53 -8.67 3.01
CA ARG D 314 -32.66 -7.58 3.98
C ARG D 314 -34.05 -7.40 4.58
N GLY D 315 -35.09 -7.84 3.89
CA GLY D 315 -36.46 -7.66 4.37
C GLY D 315 -36.65 -8.23 5.76
N ASP D 316 -36.55 -9.55 5.86
CA ASP D 316 -36.64 -10.24 7.14
C ASP D 316 -35.44 -9.97 8.02
N LEU D 317 -34.26 -9.88 7.43
CA LEU D 317 -33.03 -9.66 8.20
C LEU D 317 -33.10 -8.38 9.01
N GLY D 318 -33.51 -7.30 8.37
CA GLY D 318 -33.64 -6.00 9.03
C GLY D 318 -34.68 -5.93 10.12
N ILE D 319 -35.55 -6.93 10.21
CA ILE D 319 -36.49 -7.06 11.33
C ILE D 319 -35.93 -8.00 12.39
N GLU D 320 -35.32 -9.09 11.92
CA GLU D 320 -34.84 -10.16 12.80
C GLU D 320 -33.62 -9.70 13.61
N ILE D 321 -32.83 -8.78 13.04
CA ILE D 321 -31.77 -8.07 13.76
C ILE D 321 -32.05 -6.56 13.73
N PRO D 322 -31.33 -5.77 14.55
CA PRO D 322 -31.56 -4.34 14.51
C PRO D 322 -31.28 -3.76 13.13
N ALA D 323 -32.14 -2.86 12.66
CA ALA D 323 -32.04 -2.28 11.32
C ALA D 323 -30.70 -1.61 11.06
N GLU D 324 -30.09 -1.05 12.11
CA GLU D 324 -28.83 -0.31 11.99
C GLU D 324 -27.66 -1.23 11.69
N LYS D 325 -27.81 -2.52 11.98
CA LYS D 325 -26.73 -3.48 11.82
C LYS D 325 -26.75 -4.21 10.48
N VAL D 326 -27.83 -4.04 9.71
CA VAL D 326 -27.95 -4.70 8.42
C VAL D 326 -26.75 -4.41 7.52
N PHE D 327 -26.40 -3.14 7.34
CA PHE D 327 -25.32 -2.77 6.42
C PHE D 327 -24.03 -3.54 6.72
N LEU D 328 -23.75 -3.78 8.01
CA LEU D 328 -22.60 -4.58 8.44
C LEU D 328 -22.70 -6.00 7.93
N ALA D 329 -23.85 -6.61 8.19
CA ALA D 329 -24.12 -7.97 7.73
C ALA D 329 -24.01 -8.05 6.22
N GLN D 330 -24.58 -7.08 5.52
CA GLN D 330 -24.52 -7.03 4.06
C GLN D 330 -23.09 -7.05 3.55
N LYS D 331 -22.27 -6.12 4.06
CA LYS D 331 -20.90 -5.94 3.57
C LYS D 331 -19.99 -7.09 3.95
N MET D 332 -20.21 -7.64 5.14
CA MET D 332 -19.47 -8.83 5.59
C MET D 332 -19.70 -9.97 4.61
N MET D 333 -20.97 -10.28 4.38
CA MET D 333 -21.37 -11.40 3.53
C MET D 333 -20.88 -11.23 2.09
N ILE D 334 -21.06 -10.03 1.53
CA ILE D 334 -20.61 -9.77 0.16
C ILE D 334 -19.10 -9.99 0.06
N GLY D 335 -18.37 -9.45 1.03
CA GLY D 335 -16.92 -9.61 1.07
C GLY D 335 -16.48 -11.06 1.12
N ARG D 336 -17.04 -11.82 2.05
CA ARG D 336 -16.68 -13.25 2.21
C ARG D 336 -17.06 -14.09 0.99
N CYS D 337 -18.18 -13.75 0.36
CA CYS D 337 -18.58 -14.39 -0.89
C CYS D 337 -17.60 -14.09 -2.03
N ASN D 338 -17.11 -12.85 -2.10
CA ASN D 338 -16.15 -12.46 -3.13
C ASN D 338 -14.79 -13.14 -2.93
N ARG D 339 -14.42 -13.33 -1.66
CA ARG D 339 -13.25 -14.12 -1.32
C ARG D 339 -13.41 -15.55 -1.80
N ALA D 340 -14.54 -16.15 -1.45
CA ALA D 340 -14.82 -17.55 -1.79
C ALA D 340 -15.07 -17.77 -3.28
N GLY D 341 -15.40 -16.72 -4.01
CA GLY D 341 -15.67 -16.82 -5.45
C GLY D 341 -17.06 -17.36 -5.75
N LYS D 342 -17.96 -17.27 -4.77
CA LYS D 342 -19.36 -17.69 -4.93
C LYS D 342 -20.28 -16.48 -5.08
N PRO D 343 -21.37 -16.61 -5.86
CA PRO D 343 -22.24 -15.47 -6.10
C PRO D 343 -22.99 -14.94 -4.89
N VAL D 344 -23.15 -13.62 -4.83
CA VAL D 344 -23.91 -12.98 -3.76
C VAL D 344 -24.94 -12.02 -4.36
N ILE D 345 -26.13 -12.01 -3.78
CA ILE D 345 -27.24 -11.21 -4.26
C ILE D 345 -27.65 -10.24 -3.15
N CYS D 346 -27.76 -8.96 -3.49
CA CYS D 346 -28.35 -7.96 -2.59
C CYS D 346 -29.81 -7.79 -2.98
N ALA D 347 -30.70 -7.93 -2.00
CA ALA D 347 -32.09 -8.29 -2.29
C ALA D 347 -33.15 -7.18 -2.15
N THR D 348 -33.52 -6.84 -0.92
CA THR D 348 -34.86 -6.29 -0.70
C THR D 348 -34.94 -4.75 -0.48
N GLN D 349 -36.00 -4.16 -1.02
CA GLN D 349 -36.32 -2.73 -0.86
C GLN D 349 -35.30 -1.78 -1.47
N MET D 350 -34.61 -2.23 -2.50
CA MET D 350 -33.59 -1.40 -3.13
C MET D 350 -34.20 -0.17 -3.80
N LEU D 351 -35.43 -0.27 -4.30
CA LEU D 351 -36.13 0.86 -4.93
C LEU D 351 -37.62 0.94 -4.54
N GLU D 352 -37.95 0.70 -3.27
CA GLU D 352 -39.34 0.66 -2.80
C GLU D 352 -40.20 1.77 -3.33
N SER D 353 -39.70 3.00 -3.15
CA SER D 353 -40.35 4.21 -3.65
C SER D 353 -41.03 3.99 -4.98
N MET D 354 -40.34 3.30 -5.89
CA MET D 354 -40.81 3.13 -7.27
C MET D 354 -41.99 2.18 -7.48
N ILE D 355 -42.48 1.56 -6.40
CA ILE D 355 -43.73 0.81 -6.46
C ILE D 355 -44.86 1.75 -6.83
N LYS D 356 -44.83 2.95 -6.26
CA LYS D 356 -45.87 3.96 -6.49
C LYS D 356 -45.42 5.15 -7.35
N LYS D 357 -44.11 5.38 -7.46
CA LYS D 357 -43.59 6.57 -8.16
C LYS D 357 -42.67 6.17 -9.32
N PRO D 358 -42.55 7.03 -10.35
CA PRO D 358 -41.75 6.71 -11.53
C PRO D 358 -40.25 6.93 -11.34
N ARG D 359 -39.86 7.51 -10.20
CA ARG D 359 -38.46 7.85 -9.91
C ARG D 359 -38.14 7.51 -8.46
N PRO D 360 -36.92 7.01 -8.20
CA PRO D 360 -36.62 6.58 -6.86
C PRO D 360 -36.12 7.72 -5.99
N THR D 361 -36.03 7.47 -4.70
CA THR D 361 -35.48 8.43 -3.77
C THR D 361 -33.96 8.49 -3.97
N ARG D 362 -33.34 9.49 -3.35
CA ARG D 362 -31.89 9.63 -3.37
C ARG D 362 -31.21 8.52 -2.55
N ALA D 363 -31.86 8.10 -1.46
CA ALA D 363 -31.36 6.99 -0.64
C ALA D 363 -31.36 5.67 -1.42
N GLU D 364 -32.33 5.51 -2.32
CA GLU D 364 -32.48 4.28 -3.08
C GLU D 364 -31.47 4.19 -4.20
N GLY D 365 -31.21 5.29 -4.90
CA GLY D 365 -30.13 5.33 -5.88
C GLY D 365 -28.80 5.02 -5.22
N SER D 366 -28.60 5.59 -4.04
CA SER D 366 -27.40 5.36 -3.22
C SER D 366 -27.23 3.89 -2.86
N ASP D 367 -28.34 3.28 -2.44
CA ASP D 367 -28.34 1.88 -2.04
C ASP D 367 -27.86 0.94 -3.14
N VAL D 368 -28.43 1.10 -4.34
CA VAL D 368 -28.05 0.27 -5.47
C VAL D 368 -26.59 0.43 -5.80
N ALA D 369 -26.15 1.68 -5.96
CA ALA D 369 -24.76 1.98 -6.30
C ALA D 369 -23.80 1.36 -5.29
N ASN D 370 -24.11 1.52 -4.01
CA ASN D 370 -23.26 0.98 -2.97
C ASN D 370 -23.23 -0.54 -2.95
N ALA D 371 -24.36 -1.18 -3.21
CA ALA D 371 -24.39 -2.65 -3.32
C ALA D 371 -23.44 -3.17 -4.39
N VAL D 372 -23.41 -2.50 -5.54
CA VAL D 372 -22.46 -2.84 -6.60
C VAL D 372 -21.02 -2.59 -6.13
N LEU D 373 -20.77 -1.44 -5.51
CA LEU D 373 -19.44 -1.12 -4.99
C LEU D 373 -19.03 -2.09 -3.88
N ASP D 374 -19.95 -2.45 -3.00
CA ASP D 374 -19.69 -3.50 -1.99
C ASP D 374 -19.16 -4.76 -2.68
N GLY D 375 -19.71 -5.04 -3.86
CA GLY D 375 -19.25 -6.12 -4.73
C GLY D 375 -20.28 -7.19 -5.03
N ALA D 376 -21.56 -6.81 -5.07
CA ALA D 376 -22.63 -7.78 -5.28
C ALA D 376 -22.64 -8.27 -6.73
N ASP D 377 -22.86 -9.57 -6.92
CA ASP D 377 -22.94 -10.14 -8.25
C ASP D 377 -24.27 -9.77 -8.90
N CYS D 378 -25.32 -9.79 -8.10
CA CYS D 378 -26.66 -9.42 -8.58
C CYS D 378 -27.37 -8.49 -7.63
N ILE D 379 -28.32 -7.74 -8.19
CA ILE D 379 -29.22 -6.88 -7.44
C ILE D 379 -30.65 -7.32 -7.76
N MET D 380 -31.57 -7.11 -6.83
CA MET D 380 -32.90 -7.69 -6.96
C MET D 380 -34.01 -6.68 -6.80
N LEU D 381 -35.13 -6.94 -7.48
CA LEU D 381 -36.36 -6.19 -7.29
C LEU D 381 -37.51 -7.16 -7.00
N SER D 382 -38.29 -6.88 -5.96
CA SER D 382 -39.40 -7.76 -5.61
C SER D 382 -40.76 -7.12 -5.89
N GLY D 383 -41.21 -6.28 -4.96
CA GLY D 383 -42.46 -5.56 -5.12
C GLY D 383 -42.40 -4.61 -6.30
N GLU D 384 -41.25 -3.96 -6.44
CA GLU D 384 -41.02 -3.00 -7.51
C GLU D 384 -41.43 -3.53 -8.89
N THR D 385 -41.26 -4.84 -9.10
CA THR D 385 -41.66 -5.47 -10.37
C THR D 385 -42.80 -6.50 -10.28
N ALA D 386 -43.02 -7.07 -9.09
CA ALA D 386 -44.09 -8.04 -8.90
C ALA D 386 -45.48 -7.41 -8.91
N LYS D 387 -45.61 -6.22 -8.31
CA LYS D 387 -46.92 -5.59 -8.14
C LYS D 387 -46.99 -4.08 -8.34
N GLY D 388 -45.85 -3.41 -8.53
CA GLY D 388 -45.84 -1.95 -8.57
C GLY D 388 -46.37 -1.38 -9.86
N ASP D 389 -46.49 -0.05 -9.91
CA ASP D 389 -46.99 0.65 -11.09
C ASP D 389 -45.92 0.91 -12.14
N TYR D 390 -44.66 0.70 -11.79
CA TYR D 390 -43.55 1.08 -12.68
C TYR D 390 -42.46 0.02 -12.76
N PRO D 391 -42.83 -1.21 -13.15
CA PRO D 391 -41.85 -2.29 -13.21
C PRO D 391 -40.68 -2.00 -14.17
N LEU D 392 -40.99 -1.48 -15.36
CA LEU D 392 -39.96 -1.24 -16.37
C LEU D 392 -38.99 -0.12 -15.98
N GLU D 393 -39.52 0.95 -15.39
CA GLU D 393 -38.69 2.06 -14.96
C GLU D 393 -37.71 1.59 -13.89
N ALA D 394 -38.21 0.76 -12.97
CA ALA D 394 -37.39 0.20 -11.89
C ALA D 394 -36.25 -0.67 -12.42
N VAL D 395 -36.54 -1.55 -13.37
CA VAL D 395 -35.51 -2.39 -13.99
C VAL D 395 -34.47 -1.51 -14.68
N ARG D 396 -34.95 -0.56 -15.48
CA ARG D 396 -34.07 0.35 -16.23
C ARG D 396 -33.20 1.17 -15.29
N MET D 397 -33.76 1.57 -14.16
CA MET D 397 -33.01 2.36 -13.20
C MET D 397 -31.89 1.54 -12.58
N GLN D 398 -32.17 0.30 -12.20
CA GLN D 398 -31.14 -0.60 -11.69
C GLN D 398 -30.06 -0.81 -12.71
N HIS D 399 -30.46 -1.00 -13.97
CA HIS D 399 -29.51 -1.09 -15.07
C HIS D 399 -28.59 0.11 -15.07
N LEU D 400 -29.16 1.30 -15.08
CA LEU D 400 -28.41 2.55 -15.23
C LEU D 400 -27.42 2.80 -14.10
N ILE D 401 -27.87 2.60 -12.87
CA ILE D 401 -27.03 2.85 -11.69
C ILE D 401 -25.89 1.83 -11.62
N ALA D 402 -26.23 0.57 -11.82
CA ALA D 402 -25.26 -0.51 -11.74
C ALA D 402 -24.09 -0.23 -12.68
N ARG D 403 -24.43 0.20 -13.89
CA ARG D 403 -23.45 0.51 -14.91
C ARG D 403 -22.54 1.66 -14.48
N GLU D 404 -23.12 2.70 -13.90
CA GLU D 404 -22.36 3.83 -13.36
C GLU D 404 -21.45 3.40 -12.23
N ALA D 405 -22.02 2.62 -11.31
CA ALA D 405 -21.29 2.15 -10.13
C ALA D 405 -20.12 1.29 -10.52
N GLU D 406 -20.30 0.48 -11.56
CA GLU D 406 -19.24 -0.39 -12.05
C GLU D 406 -18.06 0.41 -12.60
N ALA D 407 -18.36 1.51 -13.30
CA ALA D 407 -17.34 2.42 -13.80
C ALA D 407 -16.56 3.05 -12.64
N ALA D 408 -17.27 3.28 -11.54
CA ALA D 408 -16.68 3.91 -10.35
C ALA D 408 -15.84 2.96 -9.49
N ILE D 409 -15.68 1.72 -9.91
CA ILE D 409 -14.93 0.76 -9.11
C ILE D 409 -13.44 0.97 -9.29
N TYR D 410 -12.74 0.86 -8.16
CA TYR D 410 -11.29 1.03 -8.08
C TYR D 410 -10.66 -0.33 -8.33
N HIS D 411 -10.48 -0.65 -9.61
CA HIS D 411 -10.15 -2.00 -10.04
C HIS D 411 -8.76 -2.45 -9.65
N LEU D 412 -7.80 -1.52 -9.63
CA LEU D 412 -6.45 -1.84 -9.25
C LEU D 412 -6.41 -2.35 -7.82
N GLN D 413 -7.00 -1.62 -6.88
CA GLN D 413 -7.01 -2.06 -5.48
C GLN D 413 -7.78 -3.38 -5.28
N LEU D 414 -8.89 -3.55 -5.99
CA LEU D 414 -9.76 -4.73 -5.82
C LEU D 414 -9.07 -5.99 -6.35
N PHE D 415 -8.70 -5.96 -7.62
CA PHE D 415 -8.01 -7.07 -8.26
C PHE D 415 -6.74 -7.41 -7.48
N GLU D 416 -5.96 -6.38 -7.17
CA GLU D 416 -4.72 -6.53 -6.40
C GLU D 416 -4.97 -7.26 -5.08
N GLU D 417 -6.02 -6.87 -4.36
CA GLU D 417 -6.39 -7.51 -3.09
C GLU D 417 -6.90 -8.95 -3.29
N LEU D 418 -7.57 -9.21 -4.42
CA LEU D 418 -8.12 -10.54 -4.71
C LEU D 418 -7.04 -11.55 -5.12
N ARG D 419 -6.06 -11.13 -5.94
CA ARG D 419 -4.91 -11.99 -6.25
C ARG D 419 -4.16 -12.30 -4.97
N ARG D 420 -3.86 -11.24 -4.22
CA ARG D 420 -3.08 -11.36 -2.99
C ARG D 420 -3.72 -12.34 -2.00
N LEU D 421 -5.05 -12.42 -2.01
CA LEU D 421 -5.81 -13.37 -1.17
C LEU D 421 -6.06 -14.72 -1.87
N ALA D 422 -5.67 -14.85 -3.13
CA ALA D 422 -5.90 -16.08 -3.92
C ALA D 422 -4.85 -17.15 -3.62
N PRO D 423 -5.28 -18.33 -3.13
CA PRO D 423 -4.32 -19.34 -2.65
C PRO D 423 -3.60 -20.06 -3.79
N ILE D 424 -2.27 -19.98 -3.80
CA ILE D 424 -1.45 -20.65 -4.81
C ILE D 424 -1.92 -22.09 -5.01
N THR D 425 -2.23 -22.45 -6.25
CA THR D 425 -2.72 -23.79 -6.59
C THR D 425 -2.33 -24.17 -8.00
N SER D 426 -2.13 -25.47 -8.23
CA SER D 426 -1.61 -25.96 -9.51
C SER D 426 -2.72 -26.35 -10.51
N ASP D 427 -3.97 -25.95 -10.21
CA ASP D 427 -5.07 -26.07 -11.18
C ASP D 427 -4.77 -25.12 -12.35
N PRO D 428 -4.69 -25.65 -13.59
CA PRO D 428 -4.36 -24.81 -14.73
C PRO D 428 -5.46 -23.81 -15.13
N THR D 429 -6.73 -24.19 -14.98
CA THR D 429 -7.85 -23.30 -15.27
C THR D 429 -7.76 -22.04 -14.41
N GLU D 430 -7.62 -22.26 -13.11
CA GLU D 430 -7.45 -21.21 -12.11
C GLU D 430 -6.35 -20.24 -12.53
N ALA D 431 -5.15 -20.76 -12.82
CA ALA D 431 -4.01 -19.93 -13.21
C ALA D 431 -4.23 -19.20 -14.53
N THR D 432 -4.84 -19.89 -15.50
CA THR D 432 -5.18 -19.30 -16.79
C THR D 432 -6.16 -18.14 -16.63
N ALA D 433 -7.12 -18.30 -15.73
CA ALA D 433 -8.13 -17.26 -15.45
C ALA D 433 -7.48 -15.97 -14.97
N VAL D 434 -6.63 -16.09 -13.96
CA VAL D 434 -5.94 -14.94 -13.38
C VAL D 434 -5.07 -14.26 -14.42
N GLY D 435 -4.33 -15.05 -15.20
CA GLY D 435 -3.49 -14.53 -16.27
C GLY D 435 -4.28 -13.71 -17.28
N ALA D 436 -5.46 -14.21 -17.63
CA ALA D 436 -6.34 -13.53 -18.58
C ALA D 436 -6.81 -12.17 -18.06
N VAL D 437 -7.36 -12.19 -16.85
CA VAL D 437 -7.82 -10.96 -16.18
C VAL D 437 -6.70 -9.93 -16.15
N GLU D 438 -5.53 -10.38 -15.70
CA GLU D 438 -4.34 -9.54 -15.67
C GLU D 438 -3.99 -9.00 -17.04
N ALA D 439 -4.04 -9.88 -18.05
CA ALA D 439 -3.76 -9.49 -19.42
C ALA D 439 -4.83 -8.52 -19.94
N SER D 440 -6.07 -8.71 -19.50
CA SER D 440 -7.17 -7.84 -19.91
C SER D 440 -6.95 -6.38 -19.46
N PHE D 441 -6.55 -6.18 -18.22
CA PHE D 441 -6.21 -4.84 -17.70
C PHE D 441 -5.06 -4.21 -18.48
N LYS D 442 -4.04 -5.04 -18.73
CA LYS D 442 -2.81 -4.59 -19.33
C LYS D 442 -2.99 -4.00 -20.73
N CYS D 443 -3.88 -4.58 -21.54
CA CYS D 443 -4.15 -4.09 -22.89
C CYS D 443 -5.51 -3.42 -23.01
N ALA D 444 -6.16 -3.21 -21.86
CA ALA D 444 -7.50 -2.63 -21.81
C ALA D 444 -8.40 -3.29 -22.85
N SER D 445 -8.55 -4.62 -22.71
CA SER D 445 -9.30 -5.39 -23.69
C SER D 445 -10.77 -4.99 -23.72
N GLY D 446 -11.39 -5.16 -24.88
CA GLY D 446 -12.81 -4.92 -25.07
C GLY D 446 -13.64 -6.00 -24.41
N ALA D 447 -13.09 -7.20 -24.30
CA ALA D 447 -13.76 -8.30 -23.59
C ALA D 447 -12.81 -9.47 -23.31
N ILE D 448 -13.25 -10.36 -22.42
CA ILE D 448 -12.64 -11.69 -22.26
C ILE D 448 -13.64 -12.73 -22.75
N ILE D 449 -13.33 -13.37 -23.87
CA ILE D 449 -14.17 -14.41 -24.42
C ILE D 449 -13.75 -15.75 -23.82
N VAL D 450 -14.73 -16.52 -23.32
CA VAL D 450 -14.46 -17.80 -22.67
C VAL D 450 -15.40 -18.88 -23.17
N LEU D 451 -14.82 -19.94 -23.73
CA LEU D 451 -15.58 -21.14 -24.10
C LEU D 451 -15.71 -22.04 -22.88
N THR D 452 -16.93 -22.36 -22.51
CA THR D 452 -17.22 -23.10 -21.29
C THR D 452 -18.46 -23.97 -21.43
N LYS D 453 -18.38 -25.21 -20.95
CA LYS D 453 -19.50 -26.13 -21.01
C LYS D 453 -20.32 -26.08 -19.72
N SER D 454 -19.65 -26.26 -18.59
CA SER D 454 -20.31 -26.27 -17.28
C SER D 454 -20.51 -24.87 -16.72
N GLY D 455 -19.76 -23.90 -17.24
CA GLY D 455 -19.79 -22.54 -16.73
C GLY D 455 -18.57 -22.18 -15.90
N ARG D 456 -17.91 -23.20 -15.34
CA ARG D 456 -16.85 -22.98 -14.33
C ARG D 456 -15.67 -22.16 -14.83
N SER D 457 -15.27 -22.34 -16.08
CA SER D 457 -14.15 -21.58 -16.65
C SER D 457 -14.44 -20.09 -16.64
N ALA D 458 -15.69 -19.72 -16.92
CA ALA D 458 -16.12 -18.32 -16.89
C ALA D 458 -16.26 -17.82 -15.45
N HIS D 459 -16.78 -18.67 -14.56
CA HIS D 459 -16.91 -18.33 -13.13
C HIS D 459 -15.56 -17.96 -12.54
N GLN D 460 -14.54 -18.73 -12.92
CA GLN D 460 -13.17 -18.52 -12.46
C GLN D 460 -12.55 -17.21 -12.95
N VAL D 461 -12.94 -16.72 -14.11
CA VAL D 461 -12.50 -15.40 -14.57
C VAL D 461 -13.24 -14.32 -13.79
N ALA D 462 -14.53 -14.56 -13.55
CA ALA D 462 -15.40 -13.58 -12.88
C ALA D 462 -14.96 -13.24 -11.47
N ARG D 463 -14.48 -14.23 -10.72
CA ARG D 463 -14.14 -14.03 -9.31
C ARG D 463 -12.99 -13.04 -9.13
N TYR D 464 -12.16 -12.88 -10.17
CA TYR D 464 -11.05 -11.91 -10.12
C TYR D 464 -11.44 -10.53 -10.68
N ARG D 465 -12.71 -10.37 -11.05
CA ARG D 465 -13.32 -9.05 -11.29
C ARG D 465 -12.60 -8.18 -12.30
N PRO D 466 -12.64 -8.56 -13.59
CA PRO D 466 -12.07 -7.70 -14.62
C PRO D 466 -12.96 -6.51 -14.90
N ARG D 467 -12.35 -5.47 -15.48
CA ARG D 467 -13.09 -4.33 -16.01
C ARG D 467 -13.92 -4.81 -17.19
N ALA D 468 -13.26 -5.53 -18.08
CA ALA D 468 -13.88 -5.96 -19.32
C ALA D 468 -14.98 -7.00 -19.09
N PRO D 469 -15.95 -7.05 -19.99
CA PRO D 469 -17.02 -8.03 -19.89
C PRO D 469 -16.56 -9.43 -20.32
N ILE D 470 -17.12 -10.44 -19.67
CA ILE D 470 -16.80 -11.83 -19.94
C ILE D 470 -17.89 -12.42 -20.81
N ILE D 471 -17.60 -12.59 -22.10
CA ILE D 471 -18.56 -13.25 -23.00
C ILE D 471 -18.36 -14.76 -22.89
N ALA D 472 -19.26 -15.44 -22.19
CA ALA D 472 -19.17 -16.89 -22.01
C ALA D 472 -19.96 -17.61 -23.10
N VAL D 473 -19.23 -18.26 -24.01
CA VAL D 473 -19.85 -19.04 -25.08
C VAL D 473 -20.08 -20.48 -24.60
N THR D 474 -21.28 -21.00 -24.85
CA THR D 474 -21.65 -22.34 -24.42
C THR D 474 -22.76 -22.91 -25.29
N ARG D 475 -22.79 -24.24 -25.41
CA ARG D 475 -23.89 -24.93 -26.07
C ARG D 475 -24.90 -25.43 -25.06
N ASN D 476 -24.55 -25.39 -23.77
CA ASN D 476 -25.45 -25.82 -22.70
C ASN D 476 -26.32 -24.67 -22.25
N PRO D 477 -27.63 -24.73 -22.54
CA PRO D 477 -28.49 -23.60 -22.25
C PRO D 477 -28.76 -23.37 -20.76
N GLN D 478 -28.49 -24.37 -19.92
CA GLN D 478 -28.64 -24.20 -18.47
C GLN D 478 -27.47 -23.41 -17.88
N THR D 479 -26.25 -23.66 -18.35
CA THR D 479 -25.09 -22.95 -17.83
C THR D 479 -25.13 -21.52 -18.36
N ALA D 480 -25.70 -21.33 -19.55
CA ALA D 480 -25.96 -20.00 -20.07
C ALA D 480 -26.89 -19.21 -19.13
N ARG D 481 -27.98 -19.83 -18.70
CA ARG D 481 -28.93 -19.17 -17.79
C ARG D 481 -28.33 -18.94 -16.40
N GLN D 482 -27.63 -19.95 -15.88
CA GLN D 482 -27.03 -19.86 -14.54
C GLN D 482 -25.83 -18.90 -14.49
N ALA D 483 -25.27 -18.57 -15.65
CA ALA D 483 -24.14 -17.64 -15.74
C ALA D 483 -24.49 -16.26 -15.18
N HIS D 484 -25.76 -15.91 -15.20
CA HIS D 484 -26.21 -14.60 -14.74
C HIS D 484 -25.94 -14.33 -13.24
N LEU D 485 -25.75 -15.40 -12.47
CA LEU D 485 -25.41 -15.27 -11.05
C LEU D 485 -24.06 -14.60 -10.78
N TYR D 486 -23.12 -14.72 -11.72
CA TYR D 486 -21.76 -14.22 -11.53
C TYR D 486 -21.59 -12.88 -12.23
N ARG D 487 -20.92 -11.94 -11.57
CA ARG D 487 -20.76 -10.60 -12.13
C ARG D 487 -19.88 -10.57 -13.38
N GLY D 488 -20.36 -9.89 -14.42
CA GLY D 488 -19.56 -9.62 -15.60
C GLY D 488 -19.62 -10.67 -16.68
N ILE D 489 -20.36 -11.75 -16.43
CA ILE D 489 -20.55 -12.80 -17.43
C ILE D 489 -21.76 -12.48 -18.29
N PHE D 490 -21.53 -12.32 -19.59
CA PHE D 490 -22.60 -12.21 -20.57
C PHE D 490 -22.73 -13.56 -21.25
N PRO D 491 -23.73 -14.37 -20.83
CA PRO D 491 -23.86 -15.68 -21.44
C PRO D 491 -24.38 -15.59 -22.87
N VAL D 492 -23.93 -16.53 -23.69
CA VAL D 492 -24.15 -16.49 -25.13
C VAL D 492 -24.32 -17.94 -25.58
N LEU D 493 -25.52 -18.29 -26.03
CA LEU D 493 -25.86 -19.67 -26.36
C LEU D 493 -25.61 -20.00 -27.83
N CYS D 494 -24.57 -20.79 -28.10
CA CYS D 494 -24.29 -21.24 -29.45
C CYS D 494 -25.28 -22.35 -29.83
N LYS D 495 -26.07 -22.07 -30.85
CA LYS D 495 -27.06 -23.03 -31.35
C LYS D 495 -26.53 -23.84 -32.55
N ASP D 496 -25.42 -23.39 -33.14
CA ASP D 496 -24.78 -24.09 -34.23
C ASP D 496 -24.38 -25.49 -33.79
N PRO D 497 -24.40 -26.46 -34.73
CA PRO D 497 -24.04 -27.82 -34.39
C PRO D 497 -22.54 -28.00 -34.26
N VAL D 498 -22.11 -29.12 -33.67
CA VAL D 498 -20.70 -29.39 -33.45
C VAL D 498 -20.23 -29.68 -34.88
N GLN D 499 -19.92 -28.62 -35.61
CA GLN D 499 -19.96 -28.69 -37.08
C GLN D 499 -18.83 -29.44 -37.73
N GLU D 500 -17.59 -29.08 -37.37
CA GLU D 500 -16.38 -29.58 -37.96
C GLU D 500 -15.47 -30.22 -36.92
N ALA D 501 -14.18 -30.14 -37.24
CA ALA D 501 -13.13 -30.63 -36.37
C ALA D 501 -12.99 -29.67 -35.23
N TRP D 502 -12.68 -30.18 -34.05
CA TRP D 502 -12.67 -29.39 -32.81
C TRP D 502 -11.88 -28.06 -32.87
N ALA D 503 -10.85 -27.97 -33.73
CA ALA D 503 -10.11 -26.73 -33.91
C ALA D 503 -10.97 -25.63 -34.56
N GLU D 504 -11.71 -25.99 -35.60
CA GLU D 504 -12.61 -25.04 -36.28
C GLU D 504 -13.90 -24.84 -35.53
N ASP D 505 -14.27 -25.84 -34.73
CA ASP D 505 -15.43 -25.73 -33.86
C ASP D 505 -15.19 -24.67 -32.79
N VAL D 506 -13.96 -24.61 -32.30
CA VAL D 506 -13.54 -23.53 -31.41
C VAL D 506 -13.62 -22.22 -32.17
N ASP D 507 -12.93 -22.13 -33.30
CA ASP D 507 -12.87 -20.91 -34.12
C ASP D 507 -14.26 -20.38 -34.45
N LEU D 508 -15.17 -21.30 -34.75
CA LEU D 508 -16.57 -20.94 -35.03
C LEU D 508 -17.15 -20.26 -33.81
N ARG D 509 -17.03 -20.93 -32.66
CA ARG D 509 -17.59 -20.42 -31.41
C ARG D 509 -16.95 -19.10 -30.96
N VAL D 510 -15.64 -18.98 -31.15
CA VAL D 510 -14.95 -17.73 -30.84
C VAL D 510 -15.47 -16.61 -31.73
N ASN D 511 -15.62 -16.90 -33.03
CA ASN D 511 -16.07 -15.89 -33.96
C ASN D 511 -17.51 -15.45 -33.70
N PHE D 512 -18.32 -16.39 -33.21
CA PHE D 512 -19.70 -16.11 -32.83
C PHE D 512 -19.73 -15.06 -31.74
N ALA D 513 -18.91 -15.27 -30.70
CA ALA D 513 -18.75 -14.29 -29.62
C ALA D 513 -18.23 -12.96 -30.16
N MET D 514 -17.30 -13.05 -31.08
CA MET D 514 -16.72 -11.88 -31.72
C MET D 514 -17.82 -11.03 -32.37
N ASN D 515 -18.76 -11.69 -33.04
CA ASN D 515 -19.90 -11.00 -33.66
C ASN D 515 -20.89 -10.47 -32.64
N VAL D 516 -21.11 -11.21 -31.57
CA VAL D 516 -21.96 -10.74 -30.48
C VAL D 516 -21.44 -9.39 -29.98
N GLY D 517 -20.17 -9.38 -29.58
CA GLY D 517 -19.56 -8.18 -29.04
C GLY D 517 -19.65 -6.97 -29.96
N LYS D 518 -19.41 -7.20 -31.24
CA LYS D 518 -19.54 -6.12 -32.23
C LYS D 518 -20.96 -5.60 -32.31
N ALA D 519 -21.92 -6.51 -32.27
CA ALA D 519 -23.34 -6.17 -32.36
C ALA D 519 -23.82 -5.42 -31.13
N ARG D 520 -23.53 -5.95 -29.95
CA ARG D 520 -23.96 -5.34 -28.70
C ARG D 520 -23.13 -4.12 -28.31
N GLY D 521 -22.12 -3.79 -29.11
CA GLY D 521 -21.35 -2.56 -28.94
C GLY D 521 -20.25 -2.62 -27.88
N PHE D 522 -19.71 -3.81 -27.61
CA PHE D 522 -18.65 -3.97 -26.61
C PHE D 522 -17.28 -3.64 -27.20
N PHE D 523 -17.15 -3.82 -28.50
CA PHE D 523 -15.90 -3.49 -29.20
C PHE D 523 -16.10 -3.43 -30.71
N LYS D 524 -15.09 -2.91 -31.39
CA LYS D 524 -15.09 -2.75 -32.84
C LYS D 524 -14.00 -3.58 -33.46
N LYS D 525 -14.08 -3.73 -34.77
CA LYS D 525 -12.99 -4.33 -35.53
C LYS D 525 -11.73 -3.52 -35.22
N GLY D 526 -10.62 -4.23 -35.00
CA GLY D 526 -9.35 -3.59 -34.66
C GLY D 526 -9.03 -3.60 -33.18
N ASP D 527 -10.06 -3.59 -32.34
CA ASP D 527 -9.88 -3.69 -30.89
C ASP D 527 -9.19 -4.99 -30.50
N VAL D 528 -8.73 -5.05 -29.26
CA VAL D 528 -7.99 -6.20 -28.74
C VAL D 528 -8.85 -6.94 -27.72
N VAL D 529 -8.71 -8.27 -27.70
CA VAL D 529 -9.62 -9.14 -26.97
C VAL D 529 -8.90 -10.39 -26.45
N ILE D 530 -9.25 -10.82 -25.23
CA ILE D 530 -8.68 -12.02 -24.62
C ILE D 530 -9.59 -13.22 -24.86
N VAL D 531 -8.99 -14.36 -25.23
CA VAL D 531 -9.76 -15.57 -25.56
C VAL D 531 -9.26 -16.76 -24.73
N LEU D 532 -10.18 -17.42 -24.02
CA LEU D 532 -9.87 -18.62 -23.25
C LEU D 532 -10.48 -19.87 -23.86
N THR D 533 -9.63 -20.82 -24.21
CA THR D 533 -10.05 -22.08 -24.79
C THR D 533 -9.38 -23.24 -24.06
N GLY D 534 -9.78 -24.45 -24.40
CA GLY D 534 -9.11 -25.65 -23.90
C GLY D 534 -8.17 -26.24 -24.93
N TRP D 535 -7.59 -27.38 -24.58
CA TRP D 535 -6.75 -28.15 -25.50
C TRP D 535 -7.54 -29.34 -26.10
N ARG D 536 -8.75 -29.56 -25.58
CA ARG D 536 -9.63 -30.66 -26.03
C ARG D 536 -11.03 -30.50 -25.43
N PRO D 537 -12.03 -31.24 -25.96
CA PRO D 537 -13.42 -31.10 -25.47
C PRO D 537 -13.65 -31.70 -24.07
N GLY D 538 -14.68 -31.17 -23.38
CA GLY D 538 -15.04 -31.60 -22.03
C GLY D 538 -14.75 -30.53 -20.99
N SER D 539 -15.46 -30.58 -19.87
CA SER D 539 -15.20 -29.67 -18.74
C SER D 539 -13.86 -29.98 -18.07
N GLY D 540 -13.18 -28.95 -17.59
CA GLY D 540 -11.94 -29.09 -16.83
C GLY D 540 -10.65 -29.00 -17.61
N PHE D 541 -10.72 -28.70 -18.92
CA PHE D 541 -9.52 -28.67 -19.75
C PHE D 541 -9.18 -27.29 -20.30
N THR D 542 -9.73 -26.23 -19.70
CA THR D 542 -9.38 -24.88 -20.10
C THR D 542 -7.99 -24.54 -19.59
N ASN D 543 -7.10 -24.19 -20.51
CA ASN D 543 -5.72 -23.86 -20.15
C ASN D 543 -5.00 -22.95 -21.14
N THR D 544 -5.72 -22.27 -22.01
CA THR D 544 -5.10 -21.58 -23.15
C THR D 544 -5.64 -20.16 -23.29
N MET D 545 -4.76 -19.18 -23.12
CA MET D 545 -5.14 -17.77 -23.27
C MET D 545 -4.47 -17.16 -24.49
N ARG D 546 -5.27 -16.52 -25.33
CA ARG D 546 -4.75 -15.84 -26.52
C ARG D 546 -5.21 -14.40 -26.55
N VAL D 547 -4.29 -13.49 -26.86
CA VAL D 547 -4.60 -12.07 -27.05
C VAL D 547 -4.78 -11.82 -28.54
N VAL D 548 -6.00 -11.49 -28.94
CA VAL D 548 -6.40 -11.54 -30.33
C VAL D 548 -7.10 -10.26 -30.77
N PRO D 549 -6.77 -9.76 -31.98
CA PRO D 549 -7.46 -8.59 -32.52
C PRO D 549 -8.83 -8.95 -33.05
N VAL D 550 -9.78 -8.02 -32.97
CA VAL D 550 -11.13 -8.27 -33.46
C VAL D 550 -11.14 -8.10 -34.97
N PRO D 551 -11.66 -9.10 -35.70
CA PRO D 551 -11.73 -9.07 -37.16
C PRO D 551 -12.95 -8.27 -37.66
#